data_5ZNY
#
_entry.id   5ZNY
#
_cell.length_a   90.320
_cell.length_b   145.150
_cell.length_c   178.520
_cell.angle_alpha   90.000
_cell.angle_beta   90.000
_cell.angle_gamma   90.000
#
_symmetry.space_group_name_H-M   'P 21 21 21'
#
loop_
_entity.id
_entity.type
_entity.pdbx_description
1 polymer 'Maltose-binding periplasmic protein,Tumor necrosis factor receptor superfamily, member 25'
2 non-polymer 'SULFATE ION'
3 water water
#
_entity_poly.entity_id   1
_entity_poly.type   'polypeptide(L)'
_entity_poly.pdbx_seq_one_letter_code
;MKIEEGKLVIWINGDKGYNGLAEVGKKFEKDTGIKVTVEHPDKLEEKFPQVAATGDGPDIIFWAHDRFGGYAQSGLLAEI
TPAAAFQDKLYPFTWDAVRYNGKLIAYPIAVEALSLIYNKDLLPNPPKTWEEIPALDKELKAKGKSALMFNLQEPYFTWP
LIAADGGYAFKYAAGKYDIKDVGVDNAGAKAGLTFLVDLIKNKHMNADTDYSIAEAAFNKGETAMTINGPWAWSNIDTSA
VNYGVTVLPTFKGQPSKPFVGVLSAGINAASPNKELAKEFLENYLLTDEGLEAVNKDKPLGAVALKSYEEELAKDPRIAA
TMENAQKGEIMPNIPQMSAFWYAVRTAVINAASGRQTVDAALAAAQTNAARAAAQLYDVMDAVPARRWKEFVRTLGLREA
EIEAVEVEIGRFRDQQYEMLKRWRQQQPAGLGAIYAALERMGLEGCAEDLRSRLQRLEHHHHHH
;
_entity_poly.pdbx_strand_id   A,B,C,D
#
loop_
_chem_comp.id
_chem_comp.type
_chem_comp.name
_chem_comp.formula
SO4 non-polymer 'SULFATE ION' 'O4 S -2'
#
# COMPACT_ATOMS: atom_id res chain seq x y z
N ILE A 3 -20.88 8.34 41.21
CA ILE A 3 -20.63 9.62 41.86
C ILE A 3 -21.34 9.67 43.22
N GLU A 4 -20.68 10.28 44.22
CA GLU A 4 -21.25 10.34 45.55
C GLU A 4 -22.19 11.54 45.67
N GLU A 5 -23.26 11.35 46.42
CA GLU A 5 -24.30 12.37 46.54
C GLU A 5 -24.15 13.14 47.85
N GLY A 6 -24.45 14.44 47.80
CA GLY A 6 -24.25 15.31 48.95
C GLY A 6 -22.83 15.77 49.08
N LYS A 7 -22.12 15.87 47.96
CA LYS A 7 -20.70 16.18 47.86
C LYS A 7 -20.42 16.75 46.48
N LEU A 8 -19.42 17.63 46.40
CA LEU A 8 -18.99 18.21 45.15
C LEU A 8 -17.59 17.72 44.82
N VAL A 9 -17.39 17.30 43.57
CA VAL A 9 -16.07 16.95 43.06
C VAL A 9 -15.82 17.78 41.81
N ILE A 10 -14.76 18.60 41.84
CA ILE A 10 -14.40 19.48 40.73
C ILE A 10 -13.09 19.00 40.11
N TRP A 11 -13.03 19.01 38.77
CA TRP A 11 -11.82 18.70 38.03
C TRP A 11 -11.33 19.94 37.30
N ILE A 12 -10.11 20.38 37.62
CA ILE A 12 -9.54 21.56 37.00
C ILE A 12 -8.10 21.24 36.60
N ASN A 13 -7.62 21.91 35.55
CA ASN A 13 -6.28 21.62 35.06
C ASN A 13 -5.20 22.14 36.01
N GLY A 14 -4.06 21.44 36.03
CA GLY A 14 -3.00 21.77 36.97
C GLY A 14 -2.37 23.12 36.67
N ASP A 15 -2.54 23.58 35.43
CA ASP A 15 -2.20 24.94 35.04
C ASP A 15 -2.95 26.04 35.81
N LYS A 16 -4.16 25.77 36.31
CA LYS A 16 -4.98 26.81 36.91
C LYS A 16 -4.73 26.87 38.42
N GLY A 17 -5.23 27.93 39.05
CA GLY A 17 -4.98 28.11 40.47
C GLY A 17 -5.89 27.25 41.32
N TYR A 18 -5.64 25.93 41.34
CA TYR A 18 -6.59 25.02 41.96
C TYR A 18 -6.63 25.16 43.48
N ASN A 19 -5.51 25.52 44.11
CA ASN A 19 -5.51 25.72 45.56
C ASN A 19 -6.42 26.88 45.95
N GLY A 20 -6.37 27.98 45.19
CA GLY A 20 -7.26 29.10 45.46
C GLY A 20 -8.72 28.73 45.24
N LEU A 21 -8.99 27.90 44.22
CA LEU A 21 -10.34 27.42 44.01
C LEU A 21 -10.83 26.61 45.20
N ALA A 22 -9.97 25.73 45.73
CA ALA A 22 -10.35 24.96 46.90
C ALA A 22 -10.70 25.85 48.09
N GLU A 23 -10.07 27.02 48.23
CA GLU A 23 -10.48 27.92 49.30
C GLU A 23 -11.88 28.46 49.10
N VAL A 24 -12.23 28.79 47.86
CA VAL A 24 -13.62 29.11 47.59
C VAL A 24 -14.49 27.91 47.93
N GLY A 25 -13.96 26.71 47.71
CA GLY A 25 -14.68 25.50 48.02
C GLY A 25 -14.85 25.20 49.49
N LYS A 26 -13.97 25.71 50.37
CA LYS A 26 -14.22 25.53 51.80
C LYS A 26 -15.03 26.66 52.43
N LYS A 27 -15.01 27.87 51.87
CA LYS A 27 -15.99 28.83 52.37
C LYS A 27 -17.39 28.37 52.02
N PHE A 28 -17.51 27.56 50.95
CA PHE A 28 -18.77 26.91 50.61
C PHE A 28 -19.12 25.81 51.60
N GLU A 29 -18.12 25.10 52.14
CA GLU A 29 -18.42 24.01 53.07
C GLU A 29 -18.77 24.51 54.47
N LYS A 30 -18.32 25.69 54.86
CA LYS A 30 -18.73 26.18 56.17
C LYS A 30 -20.10 26.83 56.18
N ASP A 31 -20.65 27.17 55.02
CA ASP A 31 -21.99 27.75 54.98
C ASP A 31 -23.08 26.74 54.66
N THR A 32 -22.73 25.62 54.03
CA THR A 32 -23.69 24.61 53.64
C THR A 32 -23.48 23.27 54.33
N GLY A 33 -22.24 22.87 54.59
CA GLY A 33 -21.94 21.52 55.01
C GLY A 33 -21.64 20.54 53.90
N ILE A 34 -21.40 21.03 52.70
CA ILE A 34 -21.09 20.20 51.54
C ILE A 34 -19.59 20.25 51.29
N LYS A 35 -18.94 19.09 51.37
CA LYS A 35 -17.50 19.03 51.17
C LYS A 35 -17.20 19.09 49.69
N VAL A 36 -16.21 19.90 49.32
CA VAL A 36 -15.77 20.04 47.94
C VAL A 36 -14.33 19.56 47.82
N THR A 37 -14.09 18.63 46.92
CA THR A 37 -12.75 18.20 46.54
C THR A 37 -12.47 18.71 45.14
N VAL A 38 -11.43 19.53 44.99
CA VAL A 38 -10.95 19.94 43.68
C VAL A 38 -9.69 19.13 43.38
N GLU A 39 -9.62 18.60 42.17
CA GLU A 39 -8.57 17.67 41.78
C GLU A 39 -8.09 18.04 40.38
N HIS A 40 -6.80 17.82 40.14
CA HIS A 40 -6.18 18.10 38.84
C HIS A 40 -5.61 16.82 38.22
N PRO A 41 -6.47 15.91 37.77
CA PRO A 41 -6.00 14.69 37.08
C PRO A 41 -5.23 15.07 35.82
N ASP A 42 -4.54 14.08 35.23
CA ASP A 42 -3.78 14.37 34.02
C ASP A 42 -4.67 14.16 32.80
N LYS A 43 -4.49 15.01 31.79
CA LYS A 43 -5.27 14.96 30.55
C LYS A 43 -6.75 14.70 30.83
N LEU A 44 -7.25 15.32 31.92
CA LEU A 44 -8.62 15.29 32.38
C LEU A 44 -9.58 15.53 31.23
N GLU A 45 -9.18 16.44 30.33
CA GLU A 45 -9.85 16.72 29.06
C GLU A 45 -10.27 15.46 28.30
N GLU A 46 -9.48 14.38 28.41
CA GLU A 46 -9.77 13.14 27.70
C GLU A 46 -10.37 12.07 28.61
N LYS A 47 -10.09 12.10 29.91
CA LYS A 47 -10.69 11.13 30.81
C LYS A 47 -12.16 11.46 31.11
N PHE A 48 -12.52 12.75 31.15
CA PHE A 48 -13.89 13.10 31.50
C PHE A 48 -14.92 12.51 30.56
N PRO A 49 -14.85 12.69 29.24
CA PRO A 49 -15.89 12.09 28.38
C PRO A 49 -15.93 10.57 28.45
N GLN A 50 -14.82 9.92 28.79
CA GLN A 50 -14.83 8.46 28.94
C GLN A 50 -15.49 8.06 30.26
N VAL A 51 -15.10 8.70 31.37
CA VAL A 51 -15.73 8.39 32.65
C VAL A 51 -17.14 8.94 32.75
N ALA A 52 -17.48 9.99 32.00
CA ALA A 52 -18.83 10.51 32.11
C ALA A 52 -19.83 9.64 31.36
N ALA A 53 -19.39 8.94 30.31
CA ALA A 53 -20.31 8.10 29.56
C ALA A 53 -20.75 6.86 30.34
N THR A 54 -19.91 6.35 31.27
CA THR A 54 -20.36 5.30 32.18
C THR A 54 -21.36 5.80 33.22
N GLY A 55 -21.42 7.11 33.45
CA GLY A 55 -22.16 7.68 34.56
C GLY A 55 -21.34 8.07 35.77
N ASP A 56 -20.04 8.29 35.60
CA ASP A 56 -19.14 8.62 36.70
C ASP A 56 -18.36 9.86 36.32
N GLY A 57 -17.27 10.16 37.03
CA GLY A 57 -16.51 11.35 36.80
C GLY A 57 -16.81 12.39 37.85
N PRO A 58 -16.34 13.62 37.64
CA PRO A 58 -16.55 14.68 38.62
C PRO A 58 -17.93 15.31 38.45
N ASP A 59 -18.29 16.16 39.42
CA ASP A 59 -19.54 16.92 39.35
C ASP A 59 -19.39 18.15 38.46
N ILE A 60 -18.24 18.82 38.55
CA ILE A 60 -17.98 20.02 37.75
C ILE A 60 -16.68 19.83 36.98
N ILE A 61 -16.69 20.22 35.71
CA ILE A 61 -15.54 20.10 34.82
C ILE A 61 -15.13 21.50 34.35
N PHE A 62 -13.87 21.86 34.59
CA PHE A 62 -13.32 23.15 34.16
C PHE A 62 -12.42 22.91 32.96
N TRP A 63 -12.74 23.54 31.83
CA TRP A 63 -11.94 23.37 30.63
C TRP A 63 -12.28 24.45 29.63
N ALA A 64 -11.48 24.51 28.57
CA ALA A 64 -11.72 25.45 27.50
C ALA A 64 -13.02 25.10 26.78
N HIS A 65 -13.75 26.14 26.39
CA HIS A 65 -15.11 25.95 25.88
C HIS A 65 -15.11 25.11 24.61
N ASP A 66 -13.98 25.03 23.91
CA ASP A 66 -13.95 24.37 22.61
C ASP A 66 -14.33 22.89 22.72
N ARG A 67 -13.82 22.21 23.76
CA ARG A 67 -14.06 20.78 23.91
C ARG A 67 -15.47 20.47 24.40
N PHE A 68 -16.21 21.47 24.92
CA PHE A 68 -17.54 21.23 25.44
C PHE A 68 -18.59 20.99 24.37
N GLY A 69 -18.34 21.41 23.13
CA GLY A 69 -19.29 21.11 22.08
C GLY A 69 -19.33 19.63 21.75
N GLY A 70 -18.16 18.97 21.77
CA GLY A 70 -18.14 17.53 21.63
C GLY A 70 -18.84 16.83 22.79
N TYR A 71 -18.57 17.28 24.02
CA TYR A 71 -19.28 16.74 25.18
C TYR A 71 -20.80 16.91 25.02
N ALA A 72 -21.26 18.12 24.68
CA ALA A 72 -22.69 18.35 24.55
C ALA A 72 -23.29 17.58 23.39
N GLN A 73 -22.47 17.18 22.41
CA GLN A 73 -23.04 16.46 21.29
C GLN A 73 -23.43 15.04 21.70
N SER A 74 -22.71 14.46 22.67
CA SER A 74 -23.08 13.17 23.26
C SER A 74 -23.82 13.33 24.59
N GLY A 75 -24.33 14.52 24.89
CA GLY A 75 -25.17 14.72 26.06
C GLY A 75 -24.52 14.48 27.42
N LEU A 76 -23.22 14.74 27.56
CA LEU A 76 -22.53 14.51 28.83
C LEU A 76 -22.57 15.70 29.78
N LEU A 77 -23.11 16.85 29.37
CA LEU A 77 -23.16 18.03 30.23
C LEU A 77 -24.59 18.47 30.44
N ALA A 78 -24.88 18.90 31.66
CA ALA A 78 -26.22 19.33 32.02
C ALA A 78 -26.52 20.70 31.43
N GLU A 79 -27.75 20.88 30.96
CA GLU A 79 -28.19 22.19 30.49
C GLU A 79 -28.41 23.12 31.67
N ILE A 80 -27.87 24.33 31.58
CA ILE A 80 -28.06 25.34 32.60
C ILE A 80 -29.08 26.39 32.14
N THR A 81 -29.79 26.98 33.10
CA THR A 81 -30.84 27.97 32.83
C THR A 81 -30.74 29.12 33.83
N PRO A 82 -29.61 29.80 33.90
CA PRO A 82 -29.48 30.89 34.88
C PRO A 82 -30.45 32.02 34.58
N ALA A 83 -30.96 32.62 35.64
CA ALA A 83 -31.86 33.75 35.48
C ALA A 83 -31.18 34.87 34.70
N ALA A 84 -31.98 35.61 33.93
CA ALA A 84 -31.46 36.73 33.16
C ALA A 84 -30.73 37.72 34.05
N ALA A 85 -31.14 37.85 35.31
CA ALA A 85 -30.46 38.74 36.25
C ALA A 85 -29.01 38.32 36.40
N PHE A 86 -28.75 37.02 36.46
CA PHE A 86 -27.38 36.54 36.60
C PHE A 86 -26.59 36.70 35.30
N GLN A 87 -27.20 36.40 34.16
CA GLN A 87 -26.50 36.47 32.88
C GLN A 87 -26.02 37.88 32.55
N ASP A 88 -26.68 38.90 33.10
CA ASP A 88 -26.29 40.27 32.83
C ASP A 88 -25.03 40.68 33.58
N LYS A 89 -24.56 39.86 34.53
CA LYS A 89 -23.32 40.20 35.22
C LYS A 89 -22.08 39.79 34.45
N LEU A 90 -22.23 38.99 33.39
CA LEU A 90 -21.09 38.57 32.59
C LEU A 90 -21.22 39.15 31.19
N TYR A 91 -20.07 39.29 30.52
CA TYR A 91 -20.07 39.89 29.20
C TYR A 91 -20.86 38.99 28.24
N PRO A 92 -21.72 39.58 27.40
CA PRO A 92 -22.65 38.74 26.61
C PRO A 92 -21.99 37.78 25.63
N PHE A 93 -20.87 38.16 24.99
CA PHE A 93 -20.25 37.26 24.02
C PHE A 93 -19.69 36.00 24.66
N THR A 94 -19.37 36.04 25.96
CA THR A 94 -18.93 34.83 26.66
C THR A 94 -20.04 33.79 26.73
N TRP A 95 -21.30 34.22 26.78
CA TRP A 95 -22.40 33.24 26.79
C TRP A 95 -22.53 32.50 25.47
N ASP A 96 -22.20 33.14 24.34
CA ASP A 96 -22.25 32.45 23.05
C ASP A 96 -21.28 31.27 23.01
N ALA A 97 -20.19 31.34 23.79
CA ALA A 97 -19.19 30.29 23.78
C ALA A 97 -19.63 29.03 24.52
N VAL A 98 -20.61 29.12 25.41
CA VAL A 98 -21.04 27.97 26.20
C VAL A 98 -22.43 27.55 25.73
N ARG A 99 -22.73 27.83 24.46
CA ARG A 99 -24.02 27.55 23.84
C ARG A 99 -23.85 26.50 22.76
N TYR A 100 -24.81 25.56 22.71
CA TYR A 100 -24.77 24.43 21.79
C TYR A 100 -26.19 24.01 21.47
N ASN A 101 -26.58 24.08 20.20
CA ASN A 101 -27.97 23.86 19.78
C ASN A 101 -28.94 24.69 20.63
N GLY A 102 -28.61 25.97 20.80
CA GLY A 102 -29.50 26.87 21.49
C GLY A 102 -29.56 26.72 22.99
N LYS A 103 -28.83 25.76 23.57
CA LYS A 103 -28.88 25.49 24.99
C LYS A 103 -27.55 25.84 25.65
N LEU A 104 -27.60 26.43 26.84
CA LEU A 104 -26.39 26.73 27.60
C LEU A 104 -25.90 25.48 28.31
N ILE A 105 -24.58 25.25 28.26
CA ILE A 105 -24.00 24.00 28.73
C ILE A 105 -22.85 24.18 29.72
N ALA A 106 -22.50 25.41 30.09
CA ALA A 106 -21.41 25.66 31.03
C ALA A 106 -21.46 27.12 31.45
N TYR A 107 -20.67 27.46 32.48
CA TYR A 107 -20.55 28.84 32.94
C TYR A 107 -19.25 29.46 32.45
N PRO A 108 -19.27 30.65 31.84
CA PRO A 108 -18.01 31.27 31.41
C PRO A 108 -17.25 31.83 32.60
N ILE A 109 -15.92 31.65 32.59
CA ILE A 109 -15.10 32.06 33.73
C ILE A 109 -14.09 33.11 33.28
N ALA A 110 -13.19 32.74 32.39
CA ALA A 110 -12.13 33.63 31.94
C ALA A 110 -12.08 33.67 30.43
N VAL A 111 -11.46 34.74 29.91
CA VAL A 111 -11.42 35.05 28.49
C VAL A 111 -9.98 35.24 28.06
N GLU A 112 -9.68 34.79 26.83
CA GLU A 112 -8.29 34.74 26.40
C GLU A 112 -8.20 34.99 24.90
N ALA A 113 -7.29 35.88 24.49
CA ALA A 113 -7.12 36.16 23.07
C ALA A 113 -5.74 36.72 22.80
N LEU A 114 -5.32 36.65 21.54
CA LEU A 114 -4.04 37.20 21.12
C LEU A 114 -4.02 38.72 21.23
N SER A 115 -2.82 39.27 21.43
CA SER A 115 -2.66 40.71 21.49
C SER A 115 -1.34 41.10 20.85
N LEU A 116 -1.16 42.40 20.61
CA LEU A 116 0.07 42.92 20.03
C LEU A 116 1.03 43.30 21.14
N ILE A 117 2.18 42.64 21.18
CA ILE A 117 3.20 42.86 22.19
C ILE A 117 4.37 43.61 21.57
N TYR A 118 4.73 44.75 22.15
CA TYR A 118 5.73 45.64 21.55
C TYR A 118 6.75 46.07 22.61
N ASN A 119 7.99 46.23 22.15
CA ASN A 119 9.10 46.69 22.98
C ASN A 119 8.99 48.20 23.12
N LYS A 120 8.64 48.70 24.31
CA LYS A 120 8.44 50.14 24.48
C LYS A 120 9.75 50.91 24.28
N ASP A 121 10.90 50.25 24.41
CA ASP A 121 12.19 50.89 24.21
C ASP A 121 12.53 51.03 22.72
N LEU A 122 12.37 49.98 21.93
CA LEU A 122 12.65 50.07 20.50
C LEU A 122 11.56 50.78 19.70
N LEU A 123 10.40 51.03 20.31
CA LEU A 123 9.22 51.52 19.62
C LEU A 123 8.25 52.09 20.64
N PRO A 124 8.30 53.39 20.91
CA PRO A 124 7.47 53.93 21.99
C PRO A 124 5.97 53.87 21.71
N ASN A 125 5.55 54.16 20.49
CA ASN A 125 4.12 54.09 20.15
C ASN A 125 3.94 53.13 19.00
N PRO A 126 3.42 51.93 19.25
CA PRO A 126 3.31 50.92 18.20
C PRO A 126 2.32 51.34 17.13
N PRO A 127 2.45 50.80 15.92
CA PRO A 127 1.53 51.18 14.85
C PRO A 127 0.14 50.64 15.15
N LYS A 128 -0.87 51.41 14.72
CA LYS A 128 -2.23 50.94 14.82
C LYS A 128 -2.67 50.24 13.55
N THR A 129 -1.77 50.12 12.57
CA THR A 129 -2.12 49.63 11.25
C THR A 129 -1.11 48.60 10.76
N TRP A 130 -1.63 47.52 10.13
CA TRP A 130 -0.74 46.55 9.50
C TRP A 130 0.03 47.17 8.35
N GLU A 131 -0.59 48.12 7.65
CA GLU A 131 0.01 48.72 6.47
C GLU A 131 1.24 49.55 6.82
N GLU A 132 1.33 50.06 8.06
CA GLU A 132 2.51 50.80 8.50
C GLU A 132 3.75 49.93 8.64
N ILE A 133 3.58 48.61 8.82
CA ILE A 133 4.66 47.74 9.28
C ILE A 133 5.77 47.56 8.24
N PRO A 134 5.49 47.43 6.94
CA PRO A 134 6.63 47.36 5.99
C PRO A 134 7.53 48.60 6.06
N ALA A 135 6.97 49.80 6.11
CA ALA A 135 7.79 51.01 6.19
C ALA A 135 8.57 51.06 7.49
N LEU A 136 7.97 50.58 8.57
CA LEU A 136 8.63 50.64 9.87
C LEU A 136 9.71 49.57 10.01
N ASP A 137 9.59 48.47 9.26
CA ASP A 137 10.60 47.43 9.30
C ASP A 137 11.90 47.91 8.66
N LYS A 138 11.82 48.67 7.57
CA LYS A 138 13.04 49.16 6.95
C LYS A 138 13.82 50.08 7.90
N GLU A 139 13.12 50.90 8.67
CA GLU A 139 13.79 51.83 9.57
C GLU A 139 14.47 51.10 10.73
N LEU A 140 13.96 49.92 11.11
CA LEU A 140 14.56 49.19 12.23
C LEU A 140 15.65 48.25 11.76
N LYS A 141 15.64 47.84 10.49
CA LYS A 141 16.67 46.99 9.95
C LYS A 141 17.95 47.75 9.65
N ALA A 142 17.92 49.08 9.77
CA ALA A 142 19.14 49.87 9.80
C ALA A 142 19.88 49.77 11.14
N LYS A 143 19.24 49.21 12.17
CA LYS A 143 19.90 48.99 13.44
C LYS A 143 19.90 47.52 13.84
N GLY A 144 19.88 46.61 12.86
CA GLY A 144 19.95 45.18 13.15
C GLY A 144 18.74 44.61 13.82
N LYS A 145 17.63 45.34 13.79
CA LYS A 145 16.40 44.88 14.41
C LYS A 145 15.32 44.67 13.35
N SER A 146 14.26 43.99 13.72
CA SER A 146 13.12 43.78 12.85
C SER A 146 11.84 44.26 13.52
N ALA A 147 10.85 44.59 12.70
CA ALA A 147 9.63 45.18 13.25
C ALA A 147 8.76 44.14 13.93
N LEU A 148 8.61 42.95 13.34
CA LEU A 148 7.63 41.99 13.82
C LEU A 148 8.02 40.57 13.47
N MET A 149 7.99 39.68 14.46
CA MET A 149 8.18 38.25 14.26
C MET A 149 7.12 37.53 15.09
N PHE A 150 6.39 36.61 14.46
CA PHE A 150 5.43 35.81 15.19
C PHE A 150 5.32 34.46 14.51
N ASN A 151 4.68 33.53 15.23
CA ASN A 151 4.56 32.14 14.77
C ASN A 151 3.74 32.07 13.50
N LEU A 152 4.35 31.72 12.38
CA LEU A 152 3.65 31.58 11.12
C LEU A 152 3.42 30.14 10.72
N GLN A 153 3.60 29.19 11.64
CA GLN A 153 3.37 27.78 11.31
C GLN A 153 1.98 27.31 11.73
N GLU A 154 1.45 27.87 12.81
CA GLU A 154 0.10 27.56 13.29
C GLU A 154 -0.85 28.68 12.91
N PRO A 155 -1.94 28.34 12.22
CA PRO A 155 -2.85 29.37 11.70
C PRO A 155 -3.59 30.13 12.78
N TYR A 156 -3.57 29.64 14.02
CA TYR A 156 -4.12 30.39 15.14
C TYR A 156 -3.53 31.80 15.22
N PHE A 157 -2.24 31.95 14.89
CA PHE A 157 -1.58 33.25 14.97
C PHE A 157 -1.74 34.09 13.72
N THR A 158 -1.90 33.48 12.54
CA THR A 158 -2.08 34.27 11.34
C THR A 158 -3.55 34.58 11.07
N TRP A 159 -4.44 33.84 11.71
CA TRP A 159 -5.87 34.04 11.46
C TRP A 159 -6.37 35.44 11.76
N PRO A 160 -5.93 36.16 12.80
CA PRO A 160 -6.53 37.49 13.06
C PRO A 160 -6.49 38.42 11.85
N LEU A 161 -5.46 38.33 11.02
CA LEU A 161 -5.36 39.21 9.85
C LEU A 161 -6.12 38.67 8.65
N ILE A 162 -6.15 37.36 8.45
CA ILE A 162 -6.90 36.79 7.34
C ILE A 162 -8.39 37.04 7.54
N ALA A 163 -8.83 37.16 8.78
CA ALA A 163 -10.23 37.35 9.07
C ALA A 163 -10.65 38.82 9.14
N ALA A 164 -9.68 39.74 9.22
CA ALA A 164 -10.01 41.15 9.45
C ALA A 164 -10.95 41.68 8.39
N ASP A 165 -10.64 41.43 7.13
CA ASP A 165 -11.39 41.95 5.99
C ASP A 165 -12.47 40.98 5.51
N GLY A 166 -12.77 39.93 6.27
CA GLY A 166 -13.91 39.12 5.88
C GLY A 166 -13.69 37.62 5.88
N GLY A 167 -12.60 37.15 6.46
CA GLY A 167 -12.46 35.72 6.67
C GLY A 167 -13.30 35.25 7.84
N TYR A 168 -13.74 34.00 7.75
CA TYR A 168 -14.42 33.35 8.87
C TYR A 168 -14.35 31.85 8.63
N ALA A 169 -14.49 31.10 9.72
CA ALA A 169 -14.43 29.64 9.64
C ALA A 169 -15.75 29.07 9.13
N PHE A 170 -16.78 29.10 9.98
CA PHE A 170 -18.15 28.66 9.66
C PHE A 170 -19.15 29.73 10.05
N LYS A 171 -20.17 29.95 9.21
CA LYS A 171 -21.12 31.01 9.52
C LYS A 171 -21.99 30.61 10.71
N TYR A 172 -22.19 31.59 11.55
CA TYR A 172 -22.96 31.53 12.78
C TYR A 172 -24.28 32.21 12.46
N ALA A 173 -25.35 31.43 12.35
CA ALA A 173 -26.69 31.93 12.10
C ALA A 173 -27.36 32.41 13.38
N ALA A 174 -27.91 31.49 14.17
CA ALA A 174 -28.52 31.88 15.44
C ALA A 174 -27.99 31.05 16.60
N GLY A 175 -27.63 29.79 16.35
CA GLY A 175 -27.08 29.00 17.42
C GLY A 175 -26.37 27.75 16.91
N LYS A 176 -26.30 27.62 15.59
CA LYS A 176 -25.58 26.53 14.94
C LYS A 176 -24.69 27.09 13.84
N TYR A 177 -23.56 26.42 13.62
CA TYR A 177 -22.62 26.80 12.58
C TYR A 177 -22.98 26.05 11.29
N ASP A 178 -23.19 26.81 10.21
CA ASP A 178 -23.51 26.24 8.90
C ASP A 178 -22.25 25.59 8.29
N ILE A 179 -22.27 24.27 8.13
CA ILE A 179 -21.07 23.56 7.69
C ILE A 179 -20.91 23.58 6.17
N LYS A 180 -21.97 23.89 5.43
CA LYS A 180 -21.89 24.07 3.99
C LYS A 180 -21.63 25.53 3.65
N ASP A 181 -20.96 26.23 4.56
CA ASP A 181 -20.60 27.63 4.34
C ASP A 181 -19.30 27.93 5.10
N VAL A 182 -18.17 27.75 4.43
CA VAL A 182 -16.87 28.08 4.98
C VAL A 182 -16.39 29.33 4.26
N GLY A 183 -15.73 30.22 5.01
CA GLY A 183 -15.39 31.53 4.48
C GLY A 183 -13.92 31.86 4.46
N VAL A 184 -13.06 30.96 3.94
CA VAL A 184 -11.63 31.25 3.76
C VAL A 184 -11.24 31.46 2.32
N ASP A 185 -12.19 31.43 1.39
CA ASP A 185 -11.98 31.68 -0.03
C ASP A 185 -12.48 33.05 -0.49
N ASN A 186 -13.08 33.83 0.40
CA ASN A 186 -13.69 35.10 -0.01
C ASN A 186 -12.61 36.15 -0.26
N ALA A 187 -13.06 37.30 -0.79
CA ALA A 187 -12.12 38.36 -1.15
C ALA A 187 -11.34 38.85 0.07
N GLY A 188 -11.98 38.89 1.24
CA GLY A 188 -11.29 39.40 2.42
C GLY A 188 -10.20 38.47 2.92
N ALA A 189 -10.46 37.15 2.89
CA ALA A 189 -9.45 36.19 3.30
C ALA A 189 -8.24 36.26 2.37
N LYS A 190 -8.48 36.30 1.06
CA LYS A 190 -7.36 36.48 0.13
C LYS A 190 -6.62 37.77 0.39
N ALA A 191 -7.34 38.84 0.76
CA ALA A 191 -6.68 40.12 1.04
C ALA A 191 -5.75 40.01 2.24
N GLY A 192 -6.22 39.38 3.31
CA GLY A 192 -5.38 39.25 4.49
C GLY A 192 -4.20 38.32 4.27
N LEU A 193 -4.44 37.18 3.59
CA LEU A 193 -3.34 36.25 3.39
C LEU A 193 -2.33 36.80 2.39
N THR A 194 -2.80 37.53 1.37
CA THR A 194 -1.88 38.14 0.42
C THR A 194 -1.03 39.19 1.11
N PHE A 195 -1.60 39.95 2.04
CA PHE A 195 -0.78 40.92 2.75
C PHE A 195 0.32 40.23 3.53
N LEU A 196 0.00 39.06 4.11
CA LEU A 196 1.01 38.36 4.91
C LEU A 196 2.09 37.74 4.04
N VAL A 197 1.70 37.19 2.88
CA VAL A 197 2.69 36.68 1.92
C VAL A 197 3.56 37.82 1.40
N ASP A 198 2.97 39.00 1.20
CA ASP A 198 3.76 40.12 0.70
C ASP A 198 4.82 40.53 1.71
N LEU A 199 4.46 40.58 2.99
CA LEU A 199 5.47 40.83 4.02
C LEU A 199 6.64 39.87 3.91
N ILE A 200 6.37 38.62 3.49
CA ILE A 200 7.42 37.61 3.39
C ILE A 200 8.25 37.80 2.12
N LYS A 201 7.61 38.10 0.98
CA LYS A 201 8.37 38.29 -0.26
C LYS A 201 9.19 39.56 -0.24
N ASN A 202 8.86 40.51 0.63
CA ASN A 202 9.64 41.74 0.78
C ASN A 202 10.59 41.67 1.98
N LYS A 203 10.93 40.45 2.43
CA LYS A 203 11.88 40.20 3.52
C LYS A 203 11.58 40.99 4.79
N HIS A 204 10.31 41.24 5.06
CA HIS A 204 9.93 41.78 6.37
C HIS A 204 9.67 40.67 7.39
N MET A 205 9.45 39.43 6.94
CA MET A 205 9.34 38.25 7.79
C MET A 205 9.82 37.04 6.99
N ASN A 206 10.20 35.98 7.71
CA ASN A 206 10.67 34.74 7.09
C ASN A 206 9.67 33.63 7.32
N ALA A 207 9.45 32.81 6.27
CA ALA A 207 8.37 31.83 6.30
C ALA A 207 8.61 30.72 7.31
N ASP A 208 9.84 30.61 7.83
CA ASP A 208 10.22 29.52 8.73
C ASP A 208 10.12 29.90 10.20
N THR A 209 9.68 31.11 10.50
CA THR A 209 9.56 31.52 11.90
C THR A 209 8.50 30.67 12.60
N ASP A 210 8.87 30.10 13.74
CA ASP A 210 7.97 29.35 14.59
C ASP A 210 7.90 30.01 15.96
N TYR A 211 7.22 29.35 16.90
CA TYR A 211 6.95 29.98 18.19
C TYR A 211 8.24 30.26 18.95
N SER A 212 9.17 29.29 18.98
CA SER A 212 10.43 29.47 19.71
C SER A 212 11.26 30.60 19.13
N ILE A 213 11.48 30.58 17.81
CA ILE A 213 12.25 31.64 17.14
C ILE A 213 11.67 33.00 17.46
N ALA A 214 10.34 33.13 17.41
CA ALA A 214 9.71 34.42 17.61
C ALA A 214 9.80 34.82 19.08
N GLU A 215 9.59 33.86 19.99
CA GLU A 215 9.70 34.15 21.41
C GLU A 215 11.15 34.49 21.78
N ALA A 216 12.11 33.77 21.20
CA ALA A 216 13.52 34.10 21.43
C ALA A 216 13.84 35.51 20.95
N ALA A 217 13.50 35.81 19.68
CA ALA A 217 13.80 37.11 19.11
C ALA A 217 13.22 38.25 19.95
N PHE A 218 11.96 38.11 20.36
CA PHE A 218 11.38 39.22 21.12
C PHE A 218 12.03 39.31 22.51
N ASN A 219 12.27 38.16 23.14
CA ASN A 219 12.84 38.17 24.48
C ASN A 219 14.32 38.54 24.50
N LYS A 220 15.02 38.44 23.37
CA LYS A 220 16.41 38.86 23.27
C LYS A 220 16.55 40.28 22.73
N GLY A 221 15.44 41.00 22.55
CA GLY A 221 15.44 42.37 22.10
C GLY A 221 15.71 42.57 20.63
N GLU A 222 15.75 41.51 19.82
CA GLU A 222 16.08 41.62 18.40
C GLU A 222 14.92 42.07 17.52
N THR A 223 13.69 42.12 18.05
CA THR A 223 12.53 42.52 17.26
C THR A 223 11.64 43.42 18.10
N ALA A 224 10.92 44.32 17.44
CA ALA A 224 10.16 45.34 18.14
C ALA A 224 8.78 44.86 18.57
N MET A 225 8.20 43.92 17.84
CA MET A 225 6.85 43.48 18.13
C MET A 225 6.72 41.99 17.90
N THR A 226 5.84 41.37 18.68
CA THR A 226 5.43 40.00 18.42
C THR A 226 3.93 39.92 18.67
N ILE A 227 3.34 38.78 18.29
CA ILE A 227 1.92 38.51 18.52
C ILE A 227 1.84 37.25 19.38
N ASN A 228 1.27 37.38 20.58
CA ASN A 228 1.16 36.24 21.47
C ASN A 228 0.11 36.50 22.55
N GLY A 229 -0.26 35.44 23.27
CA GLY A 229 -1.30 35.52 24.27
C GLY A 229 -0.74 35.75 25.67
N PRO A 230 -1.62 35.80 26.68
CA PRO A 230 -1.14 36.06 28.04
C PRO A 230 -0.31 34.94 28.66
N TRP A 231 -0.30 33.74 28.09
CA TRP A 231 0.56 32.68 28.60
C TRP A 231 2.04 33.04 28.45
N ALA A 232 2.38 33.91 27.51
CA ALA A 232 3.76 34.26 27.24
C ALA A 232 4.27 35.44 28.04
N TRP A 233 3.42 36.12 28.81
CA TRP A 233 3.89 37.29 29.55
C TRP A 233 4.93 36.91 30.59
N SER A 234 4.85 35.70 31.14
CA SER A 234 5.77 35.32 32.22
C SER A 234 7.20 35.17 31.69
N ASN A 235 7.38 34.52 30.54
CA ASN A 235 8.73 34.39 29.98
C ASN A 235 9.28 35.72 29.50
N ILE A 236 8.41 36.65 29.11
CA ILE A 236 8.87 37.99 28.75
C ILE A 236 9.18 38.81 29.99
N ASP A 237 8.53 38.52 31.11
CA ASP A 237 8.87 39.16 32.38
C ASP A 237 10.28 38.79 32.81
N THR A 238 10.60 37.48 32.76
CA THR A 238 11.92 36.98 33.14
C THR A 238 13.04 37.67 32.38
N SER A 239 12.87 37.90 31.08
CA SER A 239 13.86 38.58 30.27
C SER A 239 13.94 40.06 30.66
N ALA A 240 15.00 40.71 30.20
CA ALA A 240 15.24 42.11 30.54
C ALA A 240 14.40 43.07 29.71
N VAL A 241 13.55 42.56 28.81
CA VAL A 241 12.82 43.43 27.89
C VAL A 241 11.70 44.11 28.63
N ASN A 242 11.58 45.42 28.45
CA ASN A 242 10.48 46.20 28.99
C ASN A 242 9.41 46.32 27.90
N TYR A 243 8.22 45.75 28.16
CA TYR A 243 7.23 45.53 27.11
C TYR A 243 5.88 46.13 27.47
N GLY A 244 5.07 46.32 26.42
CA GLY A 244 3.68 46.69 26.59
C GLY A 244 2.78 45.81 25.73
N VAL A 245 1.50 45.80 26.08
CA VAL A 245 0.50 45.00 25.39
C VAL A 245 -0.61 45.93 24.91
N THR A 246 -1.06 45.73 23.67
CA THR A 246 -2.05 46.63 23.10
C THR A 246 -2.88 45.92 22.05
N VAL A 247 -3.87 46.66 21.52
CA VAL A 247 -4.75 46.13 20.49
C VAL A 247 -3.93 45.71 19.27
N LEU A 248 -4.40 44.67 18.60
CA LEU A 248 -3.77 44.25 17.36
C LEU A 248 -3.96 45.32 16.28
N PRO A 249 -3.05 45.40 15.32
CA PRO A 249 -3.21 46.39 14.26
C PRO A 249 -4.42 46.10 13.40
N THR A 250 -5.07 47.18 12.96
CA THR A 250 -6.14 47.05 11.98
C THR A 250 -5.57 46.68 10.62
N PHE A 251 -6.43 46.19 9.74
CA PHE A 251 -6.06 45.93 8.37
C PHE A 251 -7.20 46.39 7.47
N LYS A 252 -6.88 47.22 6.47
CA LYS A 252 -7.89 47.87 5.65
C LYS A 252 -8.93 48.56 6.52
N GLY A 253 -8.46 49.16 7.63
CA GLY A 253 -9.32 49.93 8.48
C GLY A 253 -10.20 49.14 9.42
N GLN A 254 -10.17 47.81 9.33
CA GLN A 254 -11.02 47.03 10.19
C GLN A 254 -10.19 46.28 11.22
N PRO A 255 -10.77 45.93 12.36
CA PRO A 255 -9.98 45.32 13.43
C PRO A 255 -9.52 43.92 13.06
N SER A 256 -8.33 43.57 13.54
CA SER A 256 -7.91 42.18 13.51
C SER A 256 -8.82 41.39 14.42
N LYS A 257 -9.24 40.21 13.96
CA LYS A 257 -10.18 39.38 14.71
C LYS A 257 -9.51 38.10 15.15
N PRO A 258 -8.86 38.10 16.32
CA PRO A 258 -8.31 36.86 16.86
C PRO A 258 -9.41 35.91 17.34
N PHE A 259 -9.06 34.63 17.41
CA PHE A 259 -9.97 33.67 18.03
C PHE A 259 -9.86 33.79 19.53
N VAL A 260 -11.01 33.84 20.20
CA VAL A 260 -11.09 33.96 21.66
C VAL A 260 -11.54 32.62 22.23
N GLY A 261 -10.86 32.19 23.30
CA GLY A 261 -11.18 30.97 24.02
C GLY A 261 -11.66 31.33 25.42
N VAL A 262 -12.68 30.61 25.88
CA VAL A 262 -13.32 30.93 27.16
C VAL A 262 -13.16 29.72 28.08
N LEU A 263 -12.53 29.93 29.23
CA LEU A 263 -12.44 28.89 30.24
C LEU A 263 -13.80 28.79 30.93
N SER A 264 -14.38 27.60 30.93
CA SER A 264 -15.77 27.42 31.35
C SER A 264 -15.90 26.26 32.32
N ALA A 265 -16.99 26.30 33.09
CA ALA A 265 -17.30 25.28 34.09
C ALA A 265 -18.61 24.62 33.68
N GLY A 266 -18.52 23.36 33.25
CA GLY A 266 -19.67 22.56 32.91
C GLY A 266 -20.05 21.60 34.03
N ILE A 267 -21.30 21.12 34.00
CA ILE A 267 -21.79 20.22 35.03
C ILE A 267 -22.09 18.86 34.42
N ASN A 268 -21.67 17.81 35.11
CA ASN A 268 -21.79 16.45 34.61
C ASN A 268 -23.27 16.07 34.51
N ALA A 269 -23.69 15.59 33.34
CA ALA A 269 -25.08 15.19 33.14
C ALA A 269 -25.51 14.09 34.11
N ALA A 270 -24.56 13.32 34.63
CA ALA A 270 -24.82 12.25 35.59
C ALA A 270 -24.60 12.68 37.03
N SER A 271 -24.42 13.95 37.29
CA SER A 271 -24.27 14.38 38.68
C SER A 271 -25.64 14.33 39.35
N PRO A 272 -25.74 13.78 40.56
CA PRO A 272 -26.97 13.93 41.33
C PRO A 272 -27.02 15.27 42.06
N ASN A 273 -25.94 16.03 41.96
CA ASN A 273 -25.73 17.28 42.70
C ASN A 273 -25.76 18.50 41.79
N LYS A 274 -26.54 18.46 40.72
CA LYS A 274 -26.55 19.59 39.77
C LYS A 274 -27.07 20.85 40.43
N GLU A 275 -28.05 20.71 41.31
CA GLU A 275 -28.55 21.89 42.00
C GLU A 275 -27.51 22.44 42.97
N LEU A 276 -26.68 21.58 43.55
CA LEU A 276 -25.63 22.07 44.41
C LEU A 276 -24.46 22.60 43.60
N ALA A 277 -24.22 22.05 42.41
CA ALA A 277 -23.16 22.58 41.55
C ALA A 277 -23.48 23.99 41.09
N LYS A 278 -24.75 24.27 40.75
CA LYS A 278 -25.03 25.60 40.24
C LYS A 278 -25.06 26.61 41.37
N GLU A 279 -25.38 26.15 42.60
CA GLU A 279 -25.33 27.05 43.73
C GLU A 279 -23.90 27.41 44.09
N PHE A 280 -22.97 26.50 43.91
CA PHE A 280 -21.57 26.83 44.16
C PHE A 280 -21.06 27.83 43.12
N LEU A 281 -21.32 27.55 41.83
CA LEU A 281 -20.81 28.40 40.76
C LEU A 281 -21.49 29.76 40.75
N GLU A 282 -22.82 29.79 40.86
CA GLU A 282 -23.54 31.06 40.73
C GLU A 282 -23.31 31.98 41.92
N ASN A 283 -23.26 31.42 43.13
CA ASN A 283 -23.22 32.22 44.35
C ASN A 283 -21.87 32.25 45.04
N TYR A 284 -20.94 31.38 44.69
CA TYR A 284 -19.66 31.41 45.39
C TYR A 284 -18.47 31.65 44.49
N LEU A 285 -18.43 31.05 43.30
CA LEU A 285 -17.25 31.24 42.48
C LEU A 285 -17.36 32.46 41.58
N LEU A 286 -18.47 32.59 40.84
CA LEU A 286 -18.62 33.69 39.89
C LEU A 286 -19.06 34.96 40.62
N THR A 287 -18.21 35.34 41.58
CA THR A 287 -18.34 36.57 42.35
C THR A 287 -16.98 37.24 42.41
N ASP A 288 -16.96 38.53 42.78
CA ASP A 288 -15.70 39.23 42.94
C ASP A 288 -14.86 38.60 44.02
N GLU A 289 -15.50 38.17 45.11
CA GLU A 289 -14.80 37.57 46.24
C GLU A 289 -14.12 36.28 45.81
N GLY A 290 -14.90 35.37 45.23
CA GLY A 290 -14.38 34.08 44.89
C GLY A 290 -13.49 34.11 43.67
N LEU A 291 -13.71 35.03 42.73
CA LEU A 291 -12.81 34.96 41.58
C LEU A 291 -11.41 35.46 41.90
N GLU A 292 -11.26 36.34 42.88
CA GLU A 292 -9.91 36.78 43.20
C GLU A 292 -9.17 35.76 44.07
N ALA A 293 -9.92 34.90 44.76
CA ALA A 293 -9.29 33.84 45.54
C ALA A 293 -8.53 32.87 44.63
N VAL A 294 -9.07 32.61 43.44
CA VAL A 294 -8.33 31.78 42.49
C VAL A 294 -7.27 32.64 41.78
N ASN A 295 -7.51 33.94 41.64
CA ASN A 295 -6.56 34.81 40.92
C ASN A 295 -5.27 35.04 41.72
N LYS A 296 -5.37 35.05 43.06
CA LYS A 296 -4.22 35.15 43.95
C LYS A 296 -3.30 33.96 43.80
N ASP A 297 -3.87 32.80 43.46
CA ASP A 297 -3.08 31.59 43.31
C ASP A 297 -2.34 31.60 41.99
N LYS A 298 -3.08 31.67 40.89
CA LYS A 298 -2.52 31.94 39.59
C LYS A 298 -3.47 32.82 38.78
N PRO A 299 -2.94 33.85 38.12
CA PRO A 299 -3.81 34.83 37.45
C PRO A 299 -4.65 34.19 36.36
N LEU A 300 -5.93 34.56 36.31
CA LEU A 300 -6.84 34.08 35.29
C LEU A 300 -6.71 34.82 33.97
N GLY A 301 -6.05 35.96 33.95
CA GLY A 301 -6.11 36.82 32.79
C GLY A 301 -7.34 37.71 32.89
N ALA A 302 -8.10 37.79 31.80
CA ALA A 302 -9.34 38.55 31.78
C ALA A 302 -10.51 37.61 32.08
N VAL A 303 -11.49 38.12 32.82
CA VAL A 303 -12.58 37.27 33.29
C VAL A 303 -13.87 37.75 32.67
N ALA A 304 -14.88 36.87 32.72
CA ALA A 304 -16.16 37.14 32.10
C ALA A 304 -17.07 38.01 32.97
N LEU A 305 -16.83 38.03 34.28
CA LEU A 305 -17.65 38.78 35.22
C LEU A 305 -17.30 40.26 35.16
N LYS A 306 -18.27 41.11 34.80
CA LYS A 306 -17.92 42.52 34.53
C LYS A 306 -17.37 43.21 35.78
N SER A 307 -17.96 42.94 36.95
CA SER A 307 -17.55 43.63 38.16
C SER A 307 -16.07 43.39 38.46
N TYR A 308 -15.60 42.16 38.32
CA TYR A 308 -14.21 41.87 38.64
C TYR A 308 -13.27 42.17 37.48
N GLU A 309 -13.74 42.09 36.24
CA GLU A 309 -12.90 42.43 35.10
C GLU A 309 -12.58 43.92 35.07
N GLU A 310 -13.53 44.77 35.48
CA GLU A 310 -13.24 46.19 35.49
C GLU A 310 -12.26 46.57 36.58
N GLU A 311 -12.01 45.68 37.55
CA GLU A 311 -10.94 45.91 38.50
C GLU A 311 -9.60 45.35 38.03
N LEU A 312 -9.61 44.21 37.33
CA LEU A 312 -8.37 43.72 36.74
C LEU A 312 -7.92 44.55 35.55
N ALA A 313 -8.86 45.16 34.81
CA ALA A 313 -8.49 45.92 33.61
C ALA A 313 -7.78 47.24 33.97
N LYS A 314 -7.50 47.45 35.27
CA LYS A 314 -6.54 48.44 35.72
C LYS A 314 -5.13 48.10 35.29
N ASP A 315 -4.92 46.85 34.85
CA ASP A 315 -3.71 46.41 34.17
C ASP A 315 -3.88 46.65 32.68
N PRO A 316 -3.16 47.59 32.07
CA PRO A 316 -3.33 47.80 30.63
C PRO A 316 -3.12 46.54 29.81
N ARG A 317 -2.28 45.61 30.29
CA ARG A 317 -2.10 44.33 29.59
C ARG A 317 -3.42 43.57 29.51
N ILE A 318 -4.18 43.56 30.60
CA ILE A 318 -5.41 42.79 30.66
C ILE A 318 -6.54 43.46 29.88
N ALA A 319 -6.65 44.80 29.99
CA ALA A 319 -7.65 45.52 29.21
C ALA A 319 -7.46 45.30 27.71
N ALA A 320 -6.21 45.23 27.26
CA ALA A 320 -5.94 44.99 25.84
C ALA A 320 -6.38 43.58 25.45
N THR A 321 -6.14 42.60 26.33
CA THR A 321 -6.55 41.23 26.04
C THR A 321 -8.05 41.17 25.78
N MET A 322 -8.83 41.85 26.63
CA MET A 322 -10.29 41.86 26.51
C MET A 322 -10.73 42.65 25.29
N GLU A 323 -10.15 43.83 25.07
CA GLU A 323 -10.47 44.61 23.88
C GLU A 323 -10.25 43.79 22.60
N ASN A 324 -9.16 43.03 22.55
CA ASN A 324 -8.91 42.19 21.39
C ASN A 324 -9.93 41.07 21.30
N ALA A 325 -10.38 40.55 22.44
CA ALA A 325 -11.40 39.49 22.43
C ALA A 325 -12.77 40.05 22.02
N GLN A 326 -13.13 41.24 22.48
CA GLN A 326 -14.41 41.80 22.04
C GLN A 326 -14.40 42.17 20.56
N LYS A 327 -13.22 42.46 19.98
CA LYS A 327 -13.12 42.72 18.56
C LYS A 327 -12.98 41.45 17.71
N GLY A 328 -12.69 40.30 18.34
CA GLY A 328 -12.47 39.03 17.65
C GLY A 328 -13.72 38.17 17.64
N GLU A 329 -13.55 36.86 17.31
CA GLU A 329 -14.75 36.02 17.24
C GLU A 329 -14.54 34.79 18.12
N ILE A 330 -15.63 34.31 18.73
CA ILE A 330 -15.56 33.10 19.55
C ILE A 330 -15.14 31.90 18.71
N MET A 331 -14.20 31.12 19.23
CA MET A 331 -13.78 29.91 18.56
C MET A 331 -14.93 28.91 18.51
N PRO A 332 -15.26 28.36 17.33
CA PRO A 332 -16.38 27.41 17.26
C PRO A 332 -16.09 26.13 18.05
N ASN A 333 -17.09 25.68 18.80
CA ASN A 333 -16.98 24.53 19.68
C ASN A 333 -17.42 23.24 19.01
N ILE A 334 -17.53 23.25 17.68
CA ILE A 334 -18.00 22.10 16.95
C ILE A 334 -16.80 21.22 16.59
N PRO A 335 -16.98 19.92 16.36
CA PRO A 335 -15.82 19.07 16.05
C PRO A 335 -15.23 19.28 14.66
N GLN A 336 -15.98 19.84 13.71
CA GLN A 336 -15.47 20.09 12.36
C GLN A 336 -14.31 21.08 12.35
N MET A 337 -14.00 21.71 13.48
CA MET A 337 -12.92 22.67 13.54
C MET A 337 -11.56 22.02 13.30
N SER A 338 -11.43 20.72 13.56
CA SER A 338 -10.18 20.03 13.26
C SER A 338 -9.93 19.98 11.76
N ALA A 339 -10.96 19.68 10.97
CA ALA A 339 -10.79 19.70 9.53
C ALA A 339 -10.47 21.10 9.03
N PHE A 340 -11.07 22.12 9.66
CA PHE A 340 -10.80 23.49 9.26
C PHE A 340 -9.33 23.86 9.46
N TRP A 341 -8.83 23.70 10.69
CA TRP A 341 -7.44 24.06 10.97
C TRP A 341 -6.48 23.29 10.10
N TYR A 342 -6.76 22.01 9.88
CA TYR A 342 -5.88 21.20 9.02
C TYR A 342 -5.72 21.84 7.65
N ALA A 343 -6.85 22.25 7.05
CA ALA A 343 -6.80 22.84 5.72
C ALA A 343 -6.13 24.20 5.73
N VAL A 344 -6.45 25.02 6.73
CA VAL A 344 -5.93 26.37 6.73
C VAL A 344 -4.45 26.36 7.05
N ARG A 345 -3.99 25.46 7.93
CA ARG A 345 -2.57 25.40 8.24
C ARG A 345 -1.76 25.02 7.00
N THR A 346 -2.24 24.06 6.23
CA THR A 346 -1.59 23.76 4.95
C THR A 346 -1.60 24.97 4.02
N ALA A 347 -2.71 25.73 4.01
CA ALA A 347 -2.86 26.83 3.07
C ALA A 347 -1.89 27.97 3.36
N VAL A 348 -1.77 28.35 4.64
CA VAL A 348 -0.85 29.43 4.98
C VAL A 348 0.59 29.01 4.73
N ILE A 349 0.96 27.80 5.16
CA ILE A 349 2.30 27.28 4.93
C ILE A 349 2.67 27.32 3.46
N ASN A 350 1.80 26.79 2.59
CA ASN A 350 2.12 26.69 1.17
C ASN A 350 2.16 28.06 0.48
N ALA A 351 1.32 29.01 0.93
CA ALA A 351 1.38 30.35 0.35
C ALA A 351 2.65 31.07 0.79
N ALA A 352 3.04 30.89 2.06
CA ALA A 352 4.21 31.55 2.60
C ALA A 352 5.50 31.02 1.97
N SER A 353 5.49 29.78 1.49
CA SER A 353 6.67 29.15 0.93
C SER A 353 6.74 29.29 -0.59
N GLY A 354 5.64 29.67 -1.21
CA GLY A 354 5.54 29.78 -2.65
C GLY A 354 5.02 28.54 -3.35
N ARG A 355 4.84 27.42 -2.63
CA ARG A 355 4.30 26.22 -3.25
C ARG A 355 2.95 26.47 -3.90
N GLN A 356 2.11 27.33 -3.32
CA GLN A 356 0.85 27.69 -3.95
C GLN A 356 0.70 29.20 -3.99
N THR A 357 -0.06 29.68 -4.97
CA THR A 357 -0.52 31.05 -4.94
C THR A 357 -1.50 31.25 -3.80
N VAL A 358 -1.72 32.51 -3.43
CA VAL A 358 -2.69 32.78 -2.38
C VAL A 358 -4.05 32.24 -2.78
N ASP A 359 -4.46 32.47 -4.03
CA ASP A 359 -5.80 32.07 -4.44
C ASP A 359 -5.94 30.56 -4.48
N ALA A 360 -4.90 29.86 -4.92
CA ALA A 360 -4.99 28.41 -5.00
C ALA A 360 -4.92 27.77 -3.62
N ALA A 361 -4.03 28.27 -2.75
CA ALA A 361 -3.96 27.77 -1.38
C ALA A 361 -5.29 27.92 -0.67
N LEU A 362 -5.94 29.08 -0.84
CA LEU A 362 -7.21 29.30 -0.16
C LEU A 362 -8.35 28.53 -0.81
N ALA A 363 -8.29 28.35 -2.14
CA ALA A 363 -9.30 27.52 -2.80
C ALA A 363 -9.18 26.06 -2.39
N ALA A 364 -7.96 25.58 -2.17
CA ALA A 364 -7.78 24.22 -1.70
C ALA A 364 -8.31 24.04 -0.28
N ALA A 365 -7.97 24.96 0.62
CA ALA A 365 -8.47 24.87 1.98
C ALA A 365 -9.99 24.95 2.05
N GLN A 366 -10.60 25.71 1.13
CA GLN A 366 -12.06 25.79 1.07
C GLN A 366 -12.68 24.40 0.89
N THR A 367 -12.20 23.63 -0.10
CA THR A 367 -12.69 22.27 -0.29
C THR A 367 -12.33 21.37 0.88
N ASN A 368 -11.07 21.40 1.29
CA ASN A 368 -10.59 20.44 2.25
C ASN A 368 -11.07 20.71 3.67
N ALA A 369 -11.73 21.85 3.90
CA ALA A 369 -12.18 22.16 5.25
C ALA A 369 -13.35 21.28 5.66
N ALA A 370 -14.09 20.74 4.69
CA ALA A 370 -15.24 19.89 4.95
C ALA A 370 -14.94 18.41 4.78
N ARG A 371 -13.72 18.05 4.36
CA ARG A 371 -13.29 16.68 4.19
C ARG A 371 -12.52 16.20 5.42
N ALA A 372 -12.91 15.05 5.97
CA ALA A 372 -12.25 14.46 7.12
C ALA A 372 -11.28 13.34 6.74
N ALA A 373 -11.17 13.03 5.44
CA ALA A 373 -10.34 11.89 5.02
C ALA A 373 -8.92 11.98 5.56
N ALA A 374 -8.30 13.16 5.47
CA ALA A 374 -6.89 13.28 5.83
C ALA A 374 -6.63 12.85 7.26
N GLN A 375 -7.53 13.17 8.18
CA GLN A 375 -7.35 12.81 9.58
C GLN A 375 -7.49 11.32 9.80
N LEU A 376 -8.34 10.64 9.02
CA LEU A 376 -8.44 9.20 9.18
C LEU A 376 -7.16 8.51 8.73
N TYR A 377 -6.63 8.91 7.57
CA TYR A 377 -5.38 8.34 7.10
C TYR A 377 -4.25 8.56 8.10
N ASP A 378 -4.25 9.71 8.76
CA ASP A 378 -3.22 9.96 9.76
C ASP A 378 -3.38 9.01 10.95
N VAL A 379 -4.62 8.72 11.36
CA VAL A 379 -4.85 7.77 12.45
C VAL A 379 -4.26 6.41 12.10
N MET A 380 -4.49 5.94 10.87
CA MET A 380 -3.99 4.62 10.47
C MET A 380 -2.48 4.55 10.59
N ASP A 381 -1.79 5.62 10.21
CA ASP A 381 -0.34 5.56 10.24
C ASP A 381 0.23 5.82 11.62
N ALA A 382 -0.63 6.11 12.60
CA ALA A 382 -0.22 6.22 14.00
C ALA A 382 -0.37 4.91 14.77
N VAL A 383 -1.04 3.92 14.18
CA VAL A 383 -1.31 2.64 14.82
C VAL A 383 -0.58 1.58 14.02
N PRO A 384 0.15 0.66 14.65
CA PRO A 384 0.84 -0.39 13.89
C PRO A 384 -0.17 -1.28 13.18
N ALA A 385 0.10 -1.57 11.89
CA ALA A 385 -0.89 -2.22 11.06
C ALA A 385 -1.26 -3.61 11.58
N ARG A 386 -0.34 -4.28 12.29
CA ARG A 386 -0.70 -5.57 12.86
C ARG A 386 -1.81 -5.44 13.90
N ARG A 387 -2.01 -4.24 14.45
CA ARG A 387 -3.00 -4.02 15.49
C ARG A 387 -4.15 -3.15 15.01
N TRP A 388 -4.33 -3.07 13.69
CA TRP A 388 -5.41 -2.27 13.12
C TRP A 388 -6.77 -2.85 13.53
N LYS A 389 -6.97 -4.16 13.33
CA LYS A 389 -8.27 -4.76 13.59
C LYS A 389 -8.60 -4.79 15.08
N GLU A 390 -7.63 -5.10 15.93
CA GLU A 390 -7.86 -4.99 17.37
C GLU A 390 -8.20 -3.55 17.76
N PHE A 391 -7.54 -2.58 17.11
CA PHE A 391 -7.79 -1.17 17.41
C PHE A 391 -9.22 -0.80 17.08
N VAL A 392 -9.75 -1.33 15.96
CA VAL A 392 -11.09 -0.97 15.57
C VAL A 392 -12.13 -1.72 16.41
N ARG A 393 -11.79 -2.91 16.91
CA ARG A 393 -12.67 -3.53 17.91
C ARG A 393 -12.69 -2.71 19.19
N THR A 394 -11.52 -2.34 19.70
CA THR A 394 -11.45 -1.61 20.96
C THR A 394 -12.16 -0.27 20.88
N LEU A 395 -12.21 0.33 19.69
CA LEU A 395 -12.93 1.58 19.54
C LEU A 395 -14.42 1.39 19.75
N GLY A 396 -14.96 0.22 19.40
CA GLY A 396 -16.38 0.01 19.57
C GLY A 396 -17.15 -0.23 18.28
N LEU A 397 -16.45 -0.44 17.17
CA LEU A 397 -17.15 -0.77 15.94
C LEU A 397 -17.60 -2.21 16.02
N ARG A 398 -18.89 -2.46 15.76
CA ARG A 398 -19.41 -3.79 16.04
C ARG A 398 -19.03 -4.77 14.93
N GLU A 399 -18.99 -6.05 15.29
CA GLU A 399 -18.47 -7.11 14.41
C GLU A 399 -19.25 -7.23 13.12
N ALA A 400 -20.55 -6.91 13.13
CA ALA A 400 -21.32 -6.94 11.89
C ALA A 400 -20.79 -5.93 10.87
N GLU A 401 -20.46 -4.72 11.33
CA GLU A 401 -19.93 -3.70 10.43
C GLU A 401 -18.52 -4.06 9.96
N ILE A 402 -17.70 -4.64 10.84
CA ILE A 402 -16.38 -5.11 10.43
C ILE A 402 -16.50 -6.16 9.34
N GLU A 403 -17.39 -7.15 9.53
CA GLU A 403 -17.50 -8.20 8.52
C GLU A 403 -18.07 -7.67 7.22
N ALA A 404 -18.97 -6.69 7.29
CA ALA A 404 -19.49 -6.07 6.08
C ALA A 404 -18.36 -5.46 5.24
N VAL A 405 -17.33 -4.92 5.90
CA VAL A 405 -16.18 -4.45 5.14
C VAL A 405 -15.39 -5.62 4.56
N GLU A 406 -15.10 -6.63 5.39
CA GLU A 406 -14.19 -7.70 4.96
C GLU A 406 -14.79 -8.54 3.83
N VAL A 407 -16.11 -8.62 3.72
CA VAL A 407 -16.70 -9.43 2.66
C VAL A 407 -16.51 -8.77 1.29
N GLU A 408 -16.56 -7.44 1.21
CA GLU A 408 -16.50 -6.78 -0.09
C GLU A 408 -15.17 -6.12 -0.46
N ILE A 409 -14.43 -5.55 0.51
CA ILE A 409 -13.21 -4.79 0.21
C ILE A 409 -12.00 -5.71 0.30
N GLY A 410 -11.19 -5.73 -0.76
CA GLY A 410 -10.10 -6.68 -0.88
C GLY A 410 -8.83 -6.35 -0.12
N ARG A 411 -8.24 -5.17 -0.34
CA ARG A 411 -6.93 -4.88 0.21
C ARG A 411 -7.01 -4.42 1.67
N PHE A 412 -5.95 -4.71 2.43
CA PHE A 412 -5.96 -4.55 3.88
C PHE A 412 -6.05 -3.06 4.25
N ARG A 413 -5.19 -2.23 3.65
CA ARG A 413 -5.22 -0.80 3.94
C ARG A 413 -6.60 -0.22 3.61
N ASP A 414 -7.18 -0.64 2.50
CA ASP A 414 -8.53 -0.18 2.15
C ASP A 414 -9.55 -0.59 3.20
N GLN A 415 -9.45 -1.81 3.72
CA GLN A 415 -10.44 -2.26 4.70
C GLN A 415 -10.41 -1.40 5.96
N GLN A 416 -9.21 -1.14 6.51
CA GLN A 416 -9.15 -0.36 7.73
C GLN A 416 -9.68 1.05 7.51
N TYR A 417 -9.39 1.64 6.35
CA TYR A 417 -9.95 2.96 6.07
C TYR A 417 -11.47 2.89 6.06
N GLU A 418 -12.03 1.89 5.36
CA GLU A 418 -13.48 1.77 5.32
C GLU A 418 -14.06 1.52 6.70
N MET A 419 -13.36 0.73 7.51
CA MET A 419 -13.84 0.46 8.86
C MET A 419 -13.86 1.75 9.68
N LEU A 420 -12.76 2.51 9.64
CA LEU A 420 -12.64 3.74 10.40
C LEU A 420 -13.63 4.80 9.92
N LYS A 421 -13.79 4.96 8.60
CA LYS A 421 -14.75 5.92 8.09
C LYS A 421 -16.16 5.59 8.57
N ARG A 422 -16.56 4.33 8.41
CA ARG A 422 -17.87 3.92 8.89
C ARG A 422 -17.97 4.07 10.40
N TRP A 423 -16.88 3.81 11.12
CA TRP A 423 -16.93 3.98 12.57
C TRP A 423 -17.13 5.43 12.94
N ARG A 424 -16.45 6.37 12.25
CA ARG A 424 -16.61 7.78 12.56
C ARG A 424 -18.01 8.28 12.21
N GLN A 425 -18.67 7.62 11.26
CA GLN A 425 -20.02 8.03 10.88
C GLN A 425 -21.08 7.60 11.90
N GLN A 426 -20.81 6.57 12.69
CA GLN A 426 -21.69 6.25 13.81
C GLN A 426 -21.24 6.80 15.17
N GLN A 427 -20.03 7.35 15.32
CA GLN A 427 -19.63 7.89 16.61
C GLN A 427 -18.95 9.25 16.39
N PRO A 428 -19.50 10.33 16.91
CA PRO A 428 -18.88 11.64 16.70
C PRO A 428 -17.65 11.84 17.57
N ALA A 429 -16.80 12.76 17.14
CA ALA A 429 -15.68 13.25 17.92
C ALA A 429 -16.16 14.40 18.80
N GLY A 430 -15.43 14.68 19.87
CA GLY A 430 -14.27 13.94 20.33
C GLY A 430 -14.42 13.60 21.80
N LEU A 431 -14.68 12.33 22.06
CA LEU A 431 -14.88 11.81 23.40
C LEU A 431 -13.61 11.18 23.96
N GLY A 432 -12.45 11.47 23.36
CA GLY A 432 -11.23 10.82 23.76
C GLY A 432 -11.24 9.32 23.53
N ALA A 433 -12.03 8.86 22.56
CA ALA A 433 -12.15 7.42 22.33
C ALA A 433 -10.84 6.83 21.77
N ILE A 434 -10.27 7.48 20.76
CA ILE A 434 -9.01 7.02 20.17
C ILE A 434 -7.91 6.99 21.23
N TYR A 435 -7.90 7.97 22.13
CA TYR A 435 -6.91 7.97 23.20
C TYR A 435 -7.15 6.81 24.15
N ALA A 436 -8.40 6.61 24.56
CA ALA A 436 -8.71 5.51 25.48
C ALA A 436 -8.40 4.17 24.86
N ALA A 437 -8.62 4.03 23.55
CA ALA A 437 -8.39 2.73 22.92
C ALA A 437 -6.91 2.39 22.89
N LEU A 438 -6.06 3.38 22.58
CA LEU A 438 -4.64 3.09 22.42
C LEU A 438 -3.99 2.66 23.73
N GLU A 439 -4.42 3.22 24.86
CA GLU A 439 -3.85 2.80 26.13
C GLU A 439 -4.32 1.44 26.56
N ARG A 440 -5.57 1.10 26.25
CA ARG A 440 -6.06 -0.19 26.69
C ARG A 440 -5.41 -1.32 25.90
N MET A 441 -4.76 -0.98 24.79
CA MET A 441 -3.93 -1.89 24.01
C MET A 441 -2.46 -1.90 24.40
N GLY A 442 -2.05 -1.06 25.34
CA GLY A 442 -0.64 -0.96 25.63
C GLY A 442 0.14 -0.18 24.60
N LEU A 443 -0.48 0.80 23.95
CA LEU A 443 0.20 1.67 23.00
C LEU A 443 0.24 3.13 23.42
N GLU A 444 0.89 3.41 24.56
CA GLU A 444 1.03 4.78 25.05
C GLU A 444 1.92 5.63 24.13
N GLY A 445 2.99 5.06 23.58
CA GLY A 445 3.73 5.78 22.55
C GLY A 445 2.82 6.25 21.44
N CYS A 446 1.93 5.37 20.99
CA CYS A 446 0.97 5.74 19.95
C CYS A 446 0.01 6.83 20.44
N ALA A 447 -0.38 6.80 21.71
CA ALA A 447 -1.31 7.81 22.23
C ALA A 447 -0.67 9.19 22.23
N GLU A 448 0.43 9.36 22.94
CA GLU A 448 1.06 10.67 23.07
C GLU A 448 1.39 11.28 21.70
N ASP A 449 2.07 10.50 20.85
CA ASP A 449 2.50 11.04 19.55
C ASP A 449 1.31 11.52 18.73
N LEU A 450 0.13 10.96 18.97
CA LEU A 450 -1.09 11.40 18.32
C LEU A 450 -1.75 12.53 19.12
N ILE B 3 16.33 -23.80 -36.93
CA ILE B 3 16.95 -22.97 -37.94
C ILE B 3 17.32 -23.89 -39.08
N GLU B 4 17.20 -23.42 -40.30
CA GLU B 4 17.43 -24.32 -41.41
C GLU B 4 18.93 -24.28 -41.71
N GLU B 5 19.50 -25.44 -42.07
CA GLU B 5 20.94 -25.55 -42.28
C GLU B 5 21.24 -25.45 -43.78
N GLY B 6 22.33 -24.77 -44.09
CA GLY B 6 22.71 -24.48 -45.46
C GLY B 6 22.11 -23.20 -46.02
N LYS B 7 21.80 -22.23 -45.18
CA LYS B 7 21.32 -20.92 -45.60
C LYS B 7 21.48 -20.01 -44.40
N LEU B 8 21.65 -18.70 -44.65
CA LEU B 8 21.88 -17.71 -43.60
C LEU B 8 20.72 -16.74 -43.47
N VAL B 9 20.31 -16.46 -42.21
CA VAL B 9 19.27 -15.49 -41.90
C VAL B 9 19.89 -14.42 -41.00
N ILE B 10 19.84 -13.16 -41.42
CA ILE B 10 20.36 -12.05 -40.62
C ILE B 10 19.22 -11.16 -40.17
N TRP B 11 19.28 -10.72 -38.91
CA TRP B 11 18.36 -9.75 -38.34
C TRP B 11 19.14 -8.48 -38.01
N ILE B 12 18.72 -7.38 -38.63
CA ILE B 12 19.31 -6.06 -38.45
C ILE B 12 18.17 -5.08 -38.25
N ASN B 13 18.42 -4.01 -37.50
CA ASN B 13 17.35 -3.04 -37.23
C ASN B 13 16.99 -2.23 -38.47
N GLY B 14 15.73 -1.76 -38.49
CA GLY B 14 15.18 -1.10 -39.67
C GLY B 14 15.74 0.28 -39.95
N ASP B 15 16.22 0.98 -38.91
CA ASP B 15 16.99 2.21 -39.13
C ASP B 15 18.32 1.97 -39.84
N LYS B 16 18.81 0.73 -39.93
CA LYS B 16 20.07 0.42 -40.59
C LYS B 16 19.84 0.06 -42.07
N GLY B 17 20.94 0.04 -42.83
CA GLY B 17 20.87 -0.19 -44.27
C GLY B 17 20.75 -1.62 -44.74
N TYR B 18 19.57 -2.21 -44.52
CA TYR B 18 19.42 -3.64 -44.76
C TYR B 18 19.45 -3.99 -46.24
N ASN B 19 18.98 -3.10 -47.12
CA ASN B 19 19.02 -3.40 -48.55
C ASN B 19 20.44 -3.54 -49.04
N GLY B 20 21.34 -2.64 -48.61
CA GLY B 20 22.74 -2.77 -48.98
C GLY B 20 23.37 -4.02 -48.41
N LEU B 21 23.00 -4.39 -47.17
CA LEU B 21 23.50 -5.63 -46.60
C LEU B 21 23.02 -6.84 -47.40
N ALA B 22 21.74 -6.81 -47.81
CA ALA B 22 21.20 -7.87 -48.67
C ALA B 22 21.95 -7.98 -49.98
N GLU B 23 22.46 -6.86 -50.50
CA GLU B 23 23.25 -6.92 -51.73
C GLU B 23 24.58 -7.60 -51.48
N VAL B 24 25.20 -7.31 -50.32
CA VAL B 24 26.39 -8.05 -49.91
C VAL B 24 26.06 -9.52 -49.76
N GLY B 25 24.85 -9.81 -49.27
CA GLY B 25 24.39 -11.18 -49.16
C GLY B 25 24.03 -11.82 -50.48
N LYS B 26 23.79 -11.02 -51.53
CA LYS B 26 23.53 -11.61 -52.83
C LYS B 26 24.80 -11.90 -53.62
N LYS B 27 25.87 -11.12 -53.47
CA LYS B 27 27.11 -11.61 -54.06
C LYS B 27 27.67 -12.77 -53.28
N PHE B 28 27.35 -12.84 -52.00
CA PHE B 28 27.81 -13.99 -51.22
C PHE B 28 27.24 -15.27 -51.78
N GLU B 29 26.00 -15.24 -52.27
CA GLU B 29 25.49 -16.46 -52.85
C GLU B 29 26.00 -16.67 -54.27
N LYS B 30 26.53 -15.63 -54.95
CA LYS B 30 27.05 -15.87 -56.29
C LYS B 30 28.39 -16.59 -56.25
N ASP B 31 29.07 -16.52 -55.11
CA ASP B 31 30.30 -17.26 -54.90
C ASP B 31 30.12 -18.55 -54.11
N THR B 32 29.03 -18.69 -53.37
CA THR B 32 28.85 -19.81 -52.47
C THR B 32 27.74 -20.77 -52.86
N GLY B 33 26.61 -20.26 -53.33
CA GLY B 33 25.41 -21.05 -53.44
C GLY B 33 24.58 -21.07 -52.18
N ILE B 34 24.93 -20.23 -51.20
CA ILE B 34 24.22 -20.13 -49.94
C ILE B 34 23.39 -18.86 -50.03
N LYS B 35 22.07 -18.99 -50.03
CA LYS B 35 21.21 -17.83 -50.18
C LYS B 35 21.11 -17.15 -48.82
N VAL B 36 21.25 -15.82 -48.81
CA VAL B 36 21.22 -15.02 -47.59
C VAL B 36 19.97 -14.13 -47.61
N THR B 37 19.15 -14.25 -46.59
CA THR B 37 17.97 -13.42 -46.38
C THR B 37 18.19 -12.40 -45.26
N VAL B 38 17.96 -11.12 -45.57
CA VAL B 38 18.00 -10.04 -44.59
C VAL B 38 16.58 -9.67 -44.19
N GLU B 39 16.34 -9.59 -42.89
CA GLU B 39 15.03 -9.27 -42.36
C GLU B 39 15.24 -8.32 -41.20
N HIS B 40 14.35 -7.34 -41.08
CA HIS B 40 14.44 -6.31 -40.05
C HIS B 40 13.21 -6.32 -39.16
N PRO B 41 13.02 -7.35 -38.34
CA PRO B 41 11.88 -7.32 -37.40
C PRO B 41 12.04 -6.15 -36.44
N ASP B 42 10.93 -5.79 -35.80
CA ASP B 42 10.99 -4.74 -34.80
C ASP B 42 11.03 -5.36 -33.42
N LYS B 43 11.53 -4.60 -32.43
CA LYS B 43 11.65 -5.13 -31.09
C LYS B 43 12.56 -6.36 -31.11
N LEU B 44 13.44 -6.43 -32.13
CA LEU B 44 14.36 -7.57 -32.31
C LEU B 44 15.26 -7.84 -31.10
N GLU B 45 15.83 -6.79 -30.50
CA GLU B 45 16.59 -6.96 -29.26
C GLU B 45 15.82 -7.80 -28.26
N GLU B 46 14.49 -7.73 -28.32
CA GLU B 46 13.61 -8.43 -27.39
C GLU B 46 13.06 -9.73 -27.97
N LYS B 47 12.92 -9.81 -29.29
CA LYS B 47 12.50 -11.09 -29.88
C LYS B 47 13.64 -12.08 -29.95
N PHE B 48 14.87 -11.63 -30.18
CA PHE B 48 15.98 -12.57 -30.37
C PHE B 48 16.20 -13.48 -29.17
N PRO B 49 16.39 -12.96 -27.94
CA PRO B 49 16.64 -13.87 -26.81
C PRO B 49 15.47 -14.80 -26.50
N GLN B 50 14.24 -14.42 -26.89
CA GLN B 50 13.12 -15.31 -26.68
C GLN B 50 13.12 -16.45 -27.69
N VAL B 51 13.27 -16.13 -28.98
CA VAL B 51 13.30 -17.19 -29.99
C VAL B 51 14.60 -17.97 -29.93
N ALA B 52 15.69 -17.36 -29.44
CA ALA B 52 16.96 -18.09 -29.39
C ALA B 52 17.03 -19.06 -28.23
N ALA B 53 16.31 -18.78 -27.13
CA ALA B 53 16.26 -19.75 -26.04
C ALA B 53 15.53 -21.01 -26.48
N THR B 54 14.62 -20.85 -27.44
CA THR B 54 13.95 -21.96 -28.10
C THR B 54 14.89 -22.81 -28.94
N GLY B 55 16.01 -22.26 -29.38
CA GLY B 55 16.85 -22.92 -30.36
C GLY B 55 16.57 -22.44 -31.75
N ASP B 56 15.96 -21.27 -31.88
CA ASP B 56 15.44 -20.78 -33.15
C ASP B 56 15.95 -19.36 -33.37
N GLY B 57 15.38 -18.64 -34.34
CA GLY B 57 15.81 -17.29 -34.64
C GLY B 57 16.75 -17.23 -35.82
N PRO B 58 17.38 -16.08 -36.03
CA PRO B 58 18.28 -15.92 -37.17
C PRO B 58 19.66 -16.50 -36.86
N ASP B 59 20.48 -16.59 -37.91
CA ASP B 59 21.84 -17.07 -37.78
C ASP B 59 22.77 -15.98 -37.27
N ILE B 60 22.55 -14.74 -37.72
CA ILE B 60 23.35 -13.58 -37.32
C ILE B 60 22.41 -12.50 -36.77
N ILE B 61 22.83 -11.85 -35.70
CA ILE B 61 22.09 -10.76 -35.05
C ILE B 61 22.96 -9.51 -35.05
N PHE B 62 22.46 -8.43 -35.64
CA PHE B 62 23.15 -7.15 -35.68
C PHE B 62 22.53 -6.21 -34.64
N TRP B 63 23.33 -5.77 -33.68
CA TRP B 63 22.79 -4.88 -32.65
C TRP B 63 23.94 -4.23 -31.90
N ALA B 64 23.57 -3.23 -31.09
CA ALA B 64 24.54 -2.53 -30.25
C ALA B 64 25.17 -3.48 -29.24
N HIS B 65 26.47 -3.29 -29.01
CA HIS B 65 27.24 -4.27 -28.26
C HIS B 65 26.77 -4.43 -26.81
N ASP B 66 26.14 -3.40 -26.23
CA ASP B 66 25.83 -3.46 -24.81
C ASP B 66 24.84 -4.59 -24.51
N ARG B 67 23.87 -4.80 -25.41
CA ARG B 67 22.87 -5.83 -25.20
C ARG B 67 23.44 -7.22 -25.38
N PHE B 68 24.61 -7.35 -26.01
CA PHE B 68 25.18 -8.68 -26.24
C PHE B 68 25.75 -9.27 -24.96
N GLY B 69 25.97 -8.45 -23.94
CA GLY B 69 26.44 -8.99 -22.68
C GLY B 69 25.38 -9.83 -21.99
N GLY B 70 24.12 -9.39 -22.04
CA GLY B 70 23.03 -10.21 -21.53
C GLY B 70 22.87 -11.51 -22.31
N TYR B 71 22.92 -11.42 -23.65
CA TYR B 71 22.89 -12.62 -24.48
C TYR B 71 24.02 -13.56 -24.11
N ALA B 72 25.24 -13.02 -24.00
CA ALA B 72 26.40 -13.85 -23.70
C ALA B 72 26.32 -14.42 -22.29
N GLN B 73 25.53 -13.79 -21.42
CA GLN B 73 25.43 -14.28 -20.05
C GLN B 73 24.63 -15.58 -20.01
N SER B 74 23.68 -15.74 -20.92
CA SER B 74 22.92 -16.97 -21.11
C SER B 74 23.50 -17.85 -22.22
N GLY B 75 24.72 -17.59 -22.66
CA GLY B 75 25.35 -18.46 -23.65
C GLY B 75 24.60 -18.53 -24.95
N LEU B 76 23.93 -17.45 -25.35
CA LEU B 76 23.12 -17.45 -26.56
C LEU B 76 23.89 -17.06 -27.80
N LEU B 77 25.16 -16.64 -27.67
CA LEU B 77 25.96 -16.25 -28.80
C LEU B 77 27.21 -17.12 -28.88
N ALA B 78 27.59 -17.48 -30.10
CA ALA B 78 28.76 -18.33 -30.32
C ALA B 78 30.05 -17.54 -30.12
N GLU B 79 31.04 -18.20 -29.52
CA GLU B 79 32.36 -17.60 -29.38
C GLU B 79 33.06 -17.57 -30.72
N ILE B 80 33.65 -16.43 -31.07
CA ILE B 80 34.43 -16.29 -32.29
C ILE B 80 35.92 -16.22 -31.93
N THR B 81 36.75 -16.71 -32.86
CA THR B 81 38.20 -16.75 -32.68
C THR B 81 38.88 -16.33 -33.98
N PRO B 82 38.65 -15.10 -34.44
CA PRO B 82 39.27 -14.67 -35.69
C PRO B 82 40.79 -14.67 -35.58
N ALA B 83 41.45 -14.96 -36.69
CA ALA B 83 42.90 -14.92 -36.69
C ALA B 83 43.40 -13.54 -36.27
N ALA B 84 44.55 -13.53 -35.61
CA ALA B 84 45.17 -12.26 -35.23
C ALA B 84 45.41 -11.37 -36.44
N ALA B 85 45.65 -11.97 -37.61
CA ALA B 85 45.79 -11.19 -38.84
C ALA B 85 44.52 -10.40 -39.12
N PHE B 86 43.36 -11.01 -38.87
CA PHE B 86 42.08 -10.33 -39.10
C PHE B 86 41.78 -9.28 -38.03
N GLN B 87 42.11 -9.55 -36.76
CA GLN B 87 41.85 -8.57 -35.70
C GLN B 87 42.64 -7.29 -35.89
N ASP B 88 43.80 -7.36 -36.53
CA ASP B 88 44.59 -6.17 -36.74
C ASP B 88 43.96 -5.29 -37.82
N LYS B 89 42.91 -5.79 -38.47
CA LYS B 89 42.23 -5.04 -39.52
C LYS B 89 41.22 -4.04 -38.95
N LEU B 90 40.87 -4.19 -37.68
CA LEU B 90 39.90 -3.34 -36.99
C LEU B 90 40.57 -2.66 -35.81
N TYR B 91 40.03 -1.52 -35.40
CA TYR B 91 40.62 -0.78 -34.30
C TYR B 91 40.54 -1.60 -33.01
N PRO B 92 41.61 -1.62 -32.22
CA PRO B 92 41.66 -2.57 -31.08
C PRO B 92 40.57 -2.37 -30.02
N PHE B 93 40.15 -1.13 -29.71
CA PHE B 93 39.15 -0.95 -28.65
C PHE B 93 37.79 -1.53 -29.03
N THR B 94 37.50 -1.62 -30.34
CA THR B 94 36.23 -2.23 -30.74
C THR B 94 36.15 -3.70 -30.34
N TRP B 95 37.28 -4.41 -30.31
CA TRP B 95 37.24 -5.80 -29.87
C TRP B 95 36.93 -5.93 -28.38
N ASP B 96 37.38 -4.96 -27.57
CA ASP B 96 37.04 -4.98 -26.15
C ASP B 96 35.54 -4.86 -25.94
N ALA B 97 34.84 -4.20 -26.87
CA ALA B 97 33.40 -4.04 -26.72
C ALA B 97 32.66 -5.34 -27.00
N VAL B 98 33.25 -6.26 -27.74
CA VAL B 98 32.56 -7.51 -28.06
C VAL B 98 33.22 -8.65 -27.29
N ARG B 99 33.73 -8.35 -26.10
CA ARG B 99 34.38 -9.33 -25.24
C ARG B 99 33.55 -9.50 -23.98
N TYR B 100 33.41 -10.74 -23.50
CA TYR B 100 32.58 -11.03 -22.32
C TYR B 100 33.12 -12.29 -21.66
N ASN B 101 33.54 -12.18 -20.39
CA ASN B 101 34.21 -13.28 -19.68
C ASN B 101 35.40 -13.80 -20.49
N GLY B 102 36.23 -12.87 -20.96
CA GLY B 102 37.44 -13.26 -21.64
C GLY B 102 37.26 -13.81 -23.04
N LYS B 103 36.01 -13.99 -23.50
CA LYS B 103 35.73 -14.56 -24.81
C LYS B 103 35.08 -13.53 -25.70
N LEU B 104 35.46 -13.53 -26.99
CA LEU B 104 34.81 -12.66 -27.96
C LEU B 104 33.50 -13.29 -28.42
N ILE B 105 32.47 -12.46 -28.55
CA ILE B 105 31.11 -12.95 -28.78
C ILE B 105 30.44 -12.32 -30.00
N ALA B 106 31.12 -11.43 -30.71
CA ALA B 106 30.56 -10.77 -31.89
C ALA B 106 31.67 -10.08 -32.67
N TYR B 107 31.33 -9.64 -33.90
CA TYR B 107 32.23 -8.86 -34.74
C TYR B 107 31.84 -7.41 -34.69
N PRO B 108 32.79 -6.50 -34.46
CA PRO B 108 32.48 -5.05 -34.48
C PRO B 108 32.28 -4.54 -35.89
N ILE B 109 31.31 -3.63 -36.06
CA ILE B 109 30.96 -3.13 -37.39
C ILE B 109 31.16 -1.61 -37.47
N ALA B 110 30.39 -0.86 -36.67
CA ALA B 110 30.46 0.60 -36.66
C ALA B 110 30.55 1.08 -35.21
N VAL B 111 31.06 2.29 -35.04
CA VAL B 111 31.27 2.88 -33.73
C VAL B 111 30.65 4.27 -33.73
N GLU B 112 30.08 4.67 -32.58
CA GLU B 112 29.35 5.92 -32.51
C GLU B 112 29.50 6.52 -31.12
N ALA B 113 29.65 7.83 -31.07
CA ALA B 113 29.80 8.55 -29.81
C ALA B 113 29.30 9.98 -30.01
N LEU B 114 29.04 10.65 -28.88
CA LEU B 114 28.62 12.04 -28.91
C LEU B 114 29.75 12.96 -29.36
N SER B 115 29.36 14.09 -29.96
CA SER B 115 30.29 15.12 -30.38
C SER B 115 29.65 16.46 -30.13
N LEU B 116 30.44 17.52 -30.25
CA LEU B 116 29.95 18.88 -30.12
C LEU B 116 29.48 19.35 -31.49
N ILE B 117 28.20 19.70 -31.60
CA ILE B 117 27.62 20.20 -32.85
C ILE B 117 27.44 21.69 -32.68
N TYR B 118 27.98 22.46 -33.61
CA TYR B 118 27.99 23.91 -33.47
C TYR B 118 27.43 24.56 -34.73
N ASN B 119 26.71 25.66 -34.53
CA ASN B 119 26.18 26.48 -35.61
C ASN B 119 27.31 27.40 -36.06
N LYS B 120 27.90 27.11 -37.23
CA LYS B 120 29.06 27.89 -37.67
C LYS B 120 28.69 29.31 -38.05
N ASP B 121 27.40 29.60 -38.24
CA ASP B 121 26.98 30.95 -38.58
C ASP B 121 26.93 31.84 -37.34
N LEU B 122 26.29 31.35 -36.26
CA LEU B 122 26.25 32.15 -35.04
C LEU B 122 27.54 32.07 -34.24
N LEU B 123 28.48 31.19 -34.64
CA LEU B 123 29.69 30.94 -33.87
C LEU B 123 30.73 30.27 -34.74
N PRO B 124 31.65 31.04 -35.32
CA PRO B 124 32.59 30.44 -36.29
C PRO B 124 33.59 29.50 -35.64
N ASN B 125 34.07 29.82 -34.44
CA ASN B 125 35.08 29.01 -33.76
C ASN B 125 34.54 28.51 -32.43
N PRO B 126 34.18 27.23 -32.35
CA PRO B 126 33.60 26.71 -31.11
C PRO B 126 34.63 26.67 -30.02
N PRO B 127 34.23 26.73 -28.74
CA PRO B 127 35.19 26.72 -27.64
C PRO B 127 35.88 25.38 -27.49
N LYS B 128 37.15 25.43 -27.06
CA LYS B 128 37.89 24.21 -26.78
C LYS B 128 37.75 23.76 -25.34
N THR B 129 37.11 24.56 -24.48
CA THR B 129 37.00 24.24 -23.07
C THR B 129 35.58 24.54 -22.58
N TRP B 130 35.12 23.74 -21.62
CA TRP B 130 33.82 23.99 -21.00
C TRP B 130 33.80 25.34 -20.31
N GLU B 131 34.95 25.79 -19.80
CA GLU B 131 35.04 27.02 -19.04
C GLU B 131 34.75 28.27 -19.87
N GLU B 132 34.96 28.20 -21.20
CA GLU B 132 34.66 29.33 -22.08
C GLU B 132 33.16 29.60 -22.20
N ILE B 133 32.33 28.60 -21.94
CA ILE B 133 30.91 28.62 -22.33
C ILE B 133 30.09 29.64 -21.55
N PRO B 134 30.27 29.83 -20.24
CA PRO B 134 29.48 30.88 -19.55
C PRO B 134 29.67 32.27 -20.13
N ALA B 135 30.91 32.65 -20.44
CA ALA B 135 31.15 33.96 -21.02
C ALA B 135 30.51 34.07 -22.38
N LEU B 136 30.52 32.97 -23.15
CA LEU B 136 29.97 33.04 -24.48
C LEU B 136 28.45 32.98 -24.46
N ASP B 137 27.85 32.37 -23.43
CA ASP B 137 26.40 32.41 -23.29
C ASP B 137 25.93 33.80 -22.95
N LYS B 138 26.66 34.51 -22.09
CA LYS B 138 26.34 35.90 -21.83
C LYS B 138 26.36 36.68 -23.13
N GLU B 139 27.34 36.38 -23.99
CA GLU B 139 27.52 37.27 -25.11
C GLU B 139 26.40 37.05 -26.12
N LEU B 140 25.82 35.83 -26.15
CA LEU B 140 24.71 35.49 -27.03
C LEU B 140 23.33 35.72 -26.43
N LYS B 141 23.19 35.84 -25.10
CA LYS B 141 21.87 36.12 -24.57
C LYS B 141 21.46 37.57 -24.75
N ALA B 142 22.40 38.45 -25.09
CA ALA B 142 22.13 39.83 -25.50
C ALA B 142 21.60 39.89 -26.92
N LYS B 143 21.60 38.75 -27.60
CA LYS B 143 21.24 38.56 -28.99
C LYS B 143 20.04 37.62 -29.11
N GLY B 144 19.35 37.39 -28.00
CA GLY B 144 18.18 36.57 -27.82
C GLY B 144 18.40 35.09 -28.02
N LYS B 145 19.67 34.64 -28.09
CA LYS B 145 20.03 33.25 -28.32
C LYS B 145 20.88 32.70 -27.16
N SER B 146 21.11 31.38 -27.15
CA SER B 146 21.92 30.75 -26.12
C SER B 146 23.12 30.02 -26.71
N ALA B 147 24.15 29.81 -25.88
CA ALA B 147 25.39 29.21 -26.35
C ALA B 147 25.26 27.71 -26.51
N LEU B 148 24.59 27.03 -25.58
CA LEU B 148 24.58 25.58 -25.57
C LEU B 148 23.29 25.05 -24.97
N MET B 149 22.66 24.10 -25.66
CA MET B 149 21.49 23.38 -25.18
C MET B 149 21.66 21.92 -25.52
N PHE B 150 21.50 21.05 -24.53
CA PHE B 150 21.51 19.62 -24.81
C PHE B 150 20.67 18.92 -23.77
N ASN B 151 20.30 17.68 -24.09
CA ASN B 151 19.40 16.91 -23.24
C ASN B 151 20.00 16.70 -21.86
N LEU B 152 19.39 17.32 -20.85
CA LEU B 152 19.83 17.16 -19.48
C LEU B 152 18.93 16.21 -18.71
N GLN B 153 18.10 15.46 -19.40
CA GLN B 153 17.25 14.47 -18.73
C GLN B 153 17.87 13.09 -18.76
N GLU B 154 18.63 12.78 -19.80
CA GLU B 154 19.25 11.48 -19.94
C GLU B 154 20.72 11.57 -19.58
N PRO B 155 21.21 10.78 -18.62
CA PRO B 155 22.59 10.93 -18.18
C PRO B 155 23.61 10.53 -19.23
N TYR B 156 23.18 9.82 -20.28
CA TYR B 156 24.05 9.54 -21.40
C TYR B 156 24.68 10.81 -21.96
N PHE B 157 23.93 11.91 -21.98
CA PHE B 157 24.44 13.14 -22.60
C PHE B 157 25.29 13.96 -21.64
N THR B 158 25.05 13.86 -20.33
CA THR B 158 25.83 14.61 -19.35
C THR B 158 27.09 13.87 -18.92
N TRP B 159 27.16 12.56 -19.16
CA TRP B 159 28.33 11.78 -18.74
C TRP B 159 29.66 12.24 -19.30
N PRO B 160 29.78 12.68 -20.57
CA PRO B 160 31.12 13.08 -21.05
C PRO B 160 31.78 14.12 -20.16
N LEU B 161 30.99 14.97 -19.51
CA LEU B 161 31.57 16.01 -18.65
C LEU B 161 31.88 15.46 -17.26
N ILE B 162 31.02 14.60 -16.73
CA ILE B 162 31.24 14.00 -15.41
C ILE B 162 32.46 13.08 -15.41
N ALA B 163 32.81 12.49 -16.55
CA ALA B 163 33.91 11.54 -16.56
C ALA B 163 35.25 12.19 -16.90
N ALA B 164 35.23 13.41 -17.43
CA ALA B 164 36.45 14.03 -17.95
C ALA B 164 37.52 14.11 -16.87
N ASP B 165 37.17 14.57 -15.67
CA ASP B 165 38.13 14.75 -14.59
C ASP B 165 38.22 13.54 -13.68
N GLY B 166 37.65 12.41 -14.06
CA GLY B 166 37.95 11.20 -13.31
C GLY B 166 36.77 10.35 -12.88
N GLY B 167 35.58 10.64 -13.41
CA GLY B 167 34.47 9.75 -13.18
C GLY B 167 34.56 8.49 -14.04
N TYR B 168 33.97 7.41 -13.53
CA TYR B 168 33.87 6.19 -14.32
C TYR B 168 32.76 5.34 -13.74
N ALA B 169 32.19 4.47 -14.57
CA ALA B 169 31.06 3.67 -14.13
C ALA B 169 31.53 2.53 -13.23
N PHE B 170 32.12 1.50 -13.83
CA PHE B 170 32.72 0.39 -13.10
C PHE B 170 34.14 0.27 -13.59
N LYS B 171 35.06 0.05 -12.67
CA LYS B 171 36.48 -0.02 -13.02
C LYS B 171 36.74 -1.20 -13.94
N TYR B 172 37.50 -0.96 -15.01
CA TYR B 172 37.83 -1.99 -16.01
C TYR B 172 39.31 -2.35 -15.83
N ALA B 173 39.57 -3.51 -15.22
CA ALA B 173 40.93 -4.03 -15.10
C ALA B 173 41.01 -5.46 -15.62
N ALA B 174 42.08 -5.74 -16.37
CA ALA B 174 42.41 -7.08 -16.88
C ALA B 174 41.32 -7.71 -17.73
N GLY B 175 40.37 -6.92 -18.21
CA GLY B 175 39.32 -7.41 -19.07
C GLY B 175 38.02 -7.79 -18.39
N LYS B 176 37.90 -7.54 -17.08
CA LYS B 176 36.69 -7.83 -16.32
C LYS B 176 36.32 -6.58 -15.54
N TYR B 177 35.02 -6.35 -15.34
CA TYR B 177 34.55 -5.19 -14.61
C TYR B 177 34.43 -5.49 -13.12
N ASP B 178 35.18 -4.76 -12.30
CA ASP B 178 35.04 -4.85 -10.85
C ASP B 178 33.75 -4.16 -10.43
N ILE B 179 32.77 -4.93 -9.97
CA ILE B 179 31.48 -4.36 -9.64
C ILE B 179 31.40 -3.75 -8.24
N LYS B 180 32.34 -4.04 -7.31
CA LYS B 180 32.28 -3.38 -6.01
C LYS B 180 33.24 -2.17 -6.04
N ASP B 181 33.44 -1.55 -7.22
CA ASP B 181 34.30 -0.38 -7.48
C ASP B 181 33.62 0.58 -8.48
N VAL B 182 32.81 1.50 -7.96
CA VAL B 182 32.08 2.46 -8.76
C VAL B 182 32.71 3.84 -8.56
N GLY B 183 32.74 4.61 -9.64
CA GLY B 183 33.45 5.89 -9.62
C GLY B 183 32.62 7.11 -9.95
N VAL B 184 31.44 7.23 -9.32
CA VAL B 184 30.61 8.41 -9.47
C VAL B 184 30.61 9.28 -8.23
N ASP B 185 31.37 8.92 -7.20
CA ASP B 185 31.51 9.72 -5.99
C ASP B 185 32.88 10.40 -5.87
N ASN B 186 33.77 10.21 -6.84
CA ASN B 186 35.12 10.74 -6.72
C ASN B 186 35.15 12.24 -7.00
N ALA B 187 36.31 12.84 -6.71
CA ALA B 187 36.48 14.29 -6.83
C ALA B 187 36.21 14.76 -8.26
N GLY B 188 36.57 13.96 -9.25
CA GLY B 188 36.37 14.38 -10.64
C GLY B 188 34.91 14.40 -11.05
N ALA B 189 34.14 13.40 -10.63
CA ALA B 189 32.72 13.41 -10.93
C ALA B 189 32.02 14.58 -10.26
N LYS B 190 32.30 14.81 -8.97
CA LYS B 190 31.73 15.97 -8.30
C LYS B 190 32.15 17.26 -8.99
N ALA B 191 33.40 17.34 -9.42
CA ALA B 191 33.85 18.55 -10.10
C ALA B 191 33.05 18.77 -11.38
N GLY B 192 32.86 17.70 -12.15
CA GLY B 192 32.12 17.81 -13.39
C GLY B 192 30.65 18.13 -13.18
N LEU B 193 30.03 17.50 -12.20
CA LEU B 193 28.60 17.72 -12.00
C LEU B 193 28.32 19.10 -11.42
N THR B 194 29.13 19.57 -10.45
CA THR B 194 28.88 20.92 -9.94
C THR B 194 29.11 21.95 -11.04
N PHE B 195 30.03 21.68 -11.96
CA PHE B 195 30.17 22.60 -13.08
C PHE B 195 28.86 22.66 -13.87
N LEU B 196 28.18 21.54 -14.03
CA LEU B 196 26.93 21.53 -14.78
C LEU B 196 25.79 22.19 -13.97
N VAL B 197 25.75 21.95 -12.66
CA VAL B 197 24.74 22.58 -11.83
C VAL B 197 24.95 24.09 -11.79
N ASP B 198 26.21 24.53 -11.76
CA ASP B 198 26.52 25.96 -11.72
C ASP B 198 26.06 26.65 -12.99
N LEU B 199 26.24 26.02 -14.15
CA LEU B 199 25.68 26.55 -15.39
C LEU B 199 24.19 26.84 -15.24
N ILE B 200 23.49 26.00 -14.49
CA ILE B 200 22.06 26.19 -14.33
C ILE B 200 21.79 27.32 -13.34
N LYS B 201 22.56 27.39 -12.25
CA LYS B 201 22.35 28.47 -11.29
C LYS B 201 22.74 29.83 -11.86
N ASN B 202 23.55 29.86 -12.91
CA ASN B 202 23.85 31.10 -13.61
C ASN B 202 22.97 31.27 -14.85
N LYS B 203 21.85 30.53 -14.92
CA LYS B 203 20.90 30.59 -16.04
C LYS B 203 21.59 30.56 -17.41
N HIS B 204 22.69 29.82 -17.52
CA HIS B 204 23.24 29.53 -18.84
C HIS B 204 22.60 28.29 -19.45
N MET B 205 21.90 27.50 -18.64
CA MET B 205 21.08 26.39 -19.11
C MET B 205 19.98 26.20 -18.07
N ASN B 206 18.87 25.57 -18.48
CA ASN B 206 17.79 25.26 -17.55
C ASN B 206 17.56 23.75 -17.50
N ALA B 207 17.18 23.27 -16.29
CA ALA B 207 17.16 21.85 -15.93
C ALA B 207 16.13 21.00 -16.67
N ASP B 208 15.13 21.59 -17.31
CA ASP B 208 14.05 20.89 -18.03
C ASP B 208 14.25 20.80 -19.53
N THR B 209 15.43 21.16 -20.04
CA THR B 209 15.72 20.89 -21.44
C THR B 209 15.83 19.38 -21.65
N ASP B 210 15.09 18.87 -22.63
CA ASP B 210 15.16 17.45 -22.98
C ASP B 210 15.62 17.34 -24.43
N TYR B 211 15.56 16.11 -24.97
CA TYR B 211 16.07 15.88 -26.31
C TYR B 211 15.25 16.65 -27.35
N SER B 212 13.92 16.62 -27.24
CA SER B 212 13.06 17.31 -28.19
C SER B 212 13.34 18.81 -28.18
N ILE B 213 13.24 19.43 -26.99
CA ILE B 213 13.45 20.86 -26.82
C ILE B 213 14.80 21.31 -27.41
N ALA B 214 15.86 20.52 -27.17
CA ALA B 214 17.21 20.90 -27.59
C ALA B 214 17.43 20.70 -29.09
N GLU B 215 16.92 19.60 -29.66
CA GLU B 215 17.08 19.40 -31.10
C GLU B 215 16.31 20.46 -31.89
N ALA B 216 15.10 20.79 -31.43
CA ALA B 216 14.34 21.88 -32.06
C ALA B 216 15.11 23.19 -31.96
N ALA B 217 15.58 23.53 -30.75
CA ALA B 217 16.29 24.78 -30.54
C ALA B 217 17.48 24.92 -31.49
N PHE B 218 18.31 23.87 -31.59
CA PHE B 218 19.47 23.97 -32.48
C PHE B 218 19.05 23.97 -33.94
N ASN B 219 18.08 23.15 -34.30
CA ASN B 219 17.70 23.04 -35.71
C ASN B 219 16.93 24.26 -36.20
N LYS B 220 16.34 25.04 -35.31
CA LYS B 220 15.70 26.30 -35.70
C LYS B 220 16.60 27.52 -35.45
N GLY B 221 17.87 27.31 -35.13
CA GLY B 221 18.81 28.40 -34.98
C GLY B 221 18.78 29.18 -33.69
N GLU B 222 18.07 28.71 -32.66
CA GLU B 222 18.00 29.45 -31.41
C GLU B 222 19.22 29.25 -30.53
N THR B 223 20.06 28.26 -30.83
CA THR B 223 21.24 27.98 -30.02
C THR B 223 22.42 27.67 -30.91
N ALA B 224 23.61 27.99 -30.40
CA ALA B 224 24.84 27.90 -31.17
C ALA B 224 25.47 26.51 -31.11
N MET B 225 25.22 25.75 -30.06
CA MET B 225 25.84 24.44 -29.88
C MET B 225 24.87 23.48 -29.28
N THR B 226 25.02 22.21 -29.65
CA THR B 226 24.34 21.12 -28.96
C THR B 226 25.33 19.97 -28.86
N ILE B 227 24.94 18.95 -28.10
CA ILE B 227 25.72 17.73 -27.97
C ILE B 227 24.80 16.59 -28.40
N ASN B 228 25.18 15.90 -29.47
CA ASN B 228 24.31 14.86 -30.01
C ASN B 228 25.16 13.93 -30.86
N GLY B 229 24.59 12.78 -31.20
CA GLY B 229 25.31 11.75 -31.94
C GLY B 229 25.08 11.81 -33.43
N PRO B 230 25.70 10.89 -34.18
CA PRO B 230 25.53 10.92 -35.64
C PRO B 230 24.12 10.59 -36.11
N TRP B 231 23.25 10.05 -35.24
CA TRP B 231 21.87 9.80 -35.64
C TRP B 231 21.11 11.10 -35.91
N ALA B 232 21.55 12.22 -35.35
CA ALA B 232 20.84 13.48 -35.48
C ALA B 232 21.30 14.29 -36.68
N TRP B 233 22.33 13.85 -37.39
CA TRP B 233 22.83 14.64 -38.50
C TRP B 233 21.81 14.81 -39.63
N SER B 234 20.98 13.81 -39.92
CA SER B 234 20.17 13.98 -41.12
C SER B 234 19.06 15.00 -40.90
N ASN B 235 18.45 15.02 -39.71
CA ASN B 235 17.41 16.03 -39.44
C ASN B 235 18.02 17.43 -39.42
N ILE B 236 19.32 17.53 -39.15
CA ILE B 236 20.00 18.81 -39.31
C ILE B 236 20.27 19.07 -40.79
N ASP B 237 20.39 18.02 -41.60
CA ASP B 237 20.52 18.22 -43.04
C ASP B 237 19.25 18.83 -43.62
N THR B 238 18.09 18.19 -43.35
CA THR B 238 16.81 18.74 -43.79
C THR B 238 16.59 20.14 -43.23
N SER B 239 17.06 20.38 -42.00
CA SER B 239 16.94 21.68 -41.36
C SER B 239 17.82 22.72 -42.06
N ALA B 240 17.50 23.99 -41.83
CA ALA B 240 18.14 25.10 -42.53
C ALA B 240 19.45 25.56 -41.89
N VAL B 241 19.87 24.98 -40.77
CA VAL B 241 21.05 25.46 -40.05
C VAL B 241 22.31 24.93 -40.73
N ASN B 242 23.29 25.81 -40.94
CA ASN B 242 24.59 25.41 -41.48
C ASN B 242 25.49 25.07 -40.30
N TYR B 243 25.85 23.79 -40.18
CA TYR B 243 26.38 23.27 -38.92
C TYR B 243 27.73 22.59 -39.14
N GLY B 244 28.47 22.47 -38.04
CA GLY B 244 29.69 21.70 -38.02
C GLY B 244 29.73 20.76 -36.82
N VAL B 245 30.60 19.76 -36.94
CA VAL B 245 30.80 18.74 -35.92
C VAL B 245 32.28 18.70 -35.57
N THR B 246 32.59 18.62 -34.27
CA THR B 246 33.98 18.58 -33.85
C THR B 246 34.09 18.01 -32.42
N VAL B 247 35.34 17.97 -31.93
CA VAL B 247 35.65 17.41 -30.62
C VAL B 247 34.88 18.08 -29.48
N LEU B 248 34.51 17.28 -28.48
CA LEU B 248 33.86 17.83 -27.30
C LEU B 248 34.83 18.73 -26.54
N PRO B 249 34.32 19.72 -25.81
CA PRO B 249 35.19 20.60 -25.05
C PRO B 249 35.90 19.85 -23.94
N THR B 250 37.14 20.26 -23.66
CA THR B 250 37.82 19.77 -22.48
C THR B 250 37.20 20.35 -21.22
N PHE B 251 37.48 19.72 -20.09
CA PHE B 251 37.14 20.30 -18.79
C PHE B 251 38.31 20.09 -17.84
N LYS B 252 38.74 21.16 -17.19
CA LYS B 252 39.97 21.18 -16.37
C LYS B 252 41.15 20.61 -17.15
N GLY B 253 41.19 20.90 -18.44
CA GLY B 253 42.29 20.54 -19.30
C GLY B 253 42.29 19.11 -19.81
N GLN B 254 41.34 18.27 -19.37
CA GLN B 254 41.34 16.90 -19.86
C GLN B 254 40.14 16.66 -20.76
N PRO B 255 40.23 15.70 -21.68
CA PRO B 255 39.17 15.52 -22.66
C PRO B 255 37.88 15.02 -22.04
N SER B 256 36.76 15.45 -22.61
CA SER B 256 35.49 14.85 -22.30
C SER B 256 35.47 13.41 -22.81
N LYS B 257 34.87 12.52 -22.00
CA LYS B 257 34.87 11.08 -22.25
C LYS B 257 33.45 10.59 -22.50
N PRO B 258 32.95 10.67 -23.72
CA PRO B 258 31.64 10.08 -24.01
C PRO B 258 31.73 8.57 -23.97
N PHE B 259 30.58 7.94 -23.74
CA PHE B 259 30.48 6.49 -23.85
C PHE B 259 30.40 6.11 -25.31
N VAL B 260 31.12 5.06 -25.68
CA VAL B 260 31.19 4.59 -27.06
C VAL B 260 30.29 3.38 -27.23
N GLY B 261 29.48 3.38 -28.28
CA GLY B 261 28.63 2.26 -28.62
C GLY B 261 29.07 1.68 -29.95
N VAL B 262 29.12 0.35 -30.01
CA VAL B 262 29.64 -0.35 -31.16
C VAL B 262 28.52 -1.20 -31.74
N LEU B 263 28.16 -0.94 -33.00
CA LEU B 263 27.21 -1.82 -33.67
C LEU B 263 27.94 -3.11 -34.01
N SER B 264 27.36 -4.23 -33.60
CA SER B 264 28.06 -5.51 -33.65
C SER B 264 27.18 -6.59 -34.24
N ALA B 265 27.83 -7.61 -34.80
CA ALA B 265 27.15 -8.76 -35.40
C ALA B 265 27.57 -10.03 -34.66
N GLY B 266 26.66 -10.55 -33.85
CA GLY B 266 26.87 -11.82 -33.19
C GLY B 266 26.14 -12.89 -33.96
N ILE B 267 26.56 -14.13 -33.78
CA ILE B 267 25.90 -15.24 -34.46
C ILE B 267 25.30 -16.19 -33.43
N ASN B 268 24.12 -16.72 -33.76
CA ASN B 268 23.31 -17.50 -32.82
C ASN B 268 24.05 -18.76 -32.40
N ALA B 269 24.18 -18.96 -31.08
CA ALA B 269 24.85 -20.15 -30.55
C ALA B 269 24.17 -21.45 -30.99
N ALA B 270 22.90 -21.38 -31.37
CA ALA B 270 22.14 -22.52 -31.86
C ALA B 270 22.10 -22.60 -33.37
N SER B 271 22.87 -21.79 -34.08
CA SER B 271 22.91 -21.90 -35.53
C SER B 271 23.81 -23.07 -35.95
N PRO B 272 23.36 -23.92 -36.88
CA PRO B 272 24.25 -24.93 -37.45
C PRO B 272 25.16 -24.38 -38.55
N ASN B 273 24.98 -23.11 -38.92
CA ASN B 273 25.69 -22.48 -40.02
C ASN B 273 26.75 -21.53 -39.50
N LYS B 274 27.37 -21.88 -38.37
CA LYS B 274 28.34 -20.96 -37.78
C LYS B 274 29.56 -20.73 -38.67
N GLU B 275 30.25 -21.76 -39.20
CA GLU B 275 31.35 -21.22 -40.01
C GLU B 275 30.87 -20.60 -41.32
N LEU B 276 29.66 -20.92 -41.79
CA LEU B 276 29.18 -20.12 -42.92
C LEU B 276 28.87 -18.70 -42.50
N ALA B 277 28.44 -18.51 -41.24
CA ALA B 277 28.22 -17.17 -40.72
C ALA B 277 29.53 -16.41 -40.61
N LYS B 278 30.59 -17.08 -40.14
CA LYS B 278 31.84 -16.35 -39.96
C LYS B 278 32.57 -16.16 -41.28
N GLU B 279 32.25 -16.96 -42.29
CA GLU B 279 32.81 -16.66 -43.61
C GLU B 279 32.13 -15.46 -44.25
N PHE B 280 30.84 -15.26 -44.00
CA PHE B 280 30.17 -14.10 -44.55
C PHE B 280 30.69 -12.81 -43.92
N LEU B 281 30.83 -12.79 -42.59
CA LEU B 281 31.27 -11.57 -41.91
C LEU B 281 32.76 -11.30 -42.16
N GLU B 282 33.61 -12.32 -42.03
CA GLU B 282 35.05 -12.09 -42.15
C GLU B 282 35.45 -11.77 -43.58
N ASN B 283 34.88 -12.46 -44.57
CA ASN B 283 35.39 -12.33 -45.94
C ASN B 283 34.51 -11.51 -46.86
N TYR B 284 33.27 -11.23 -46.50
CA TYR B 284 32.44 -10.47 -47.42
C TYR B 284 31.95 -9.16 -46.86
N LEU B 285 31.52 -9.11 -45.59
CA LEU B 285 30.99 -7.88 -45.04
C LEU B 285 32.06 -6.98 -44.44
N LEU B 286 32.93 -7.53 -43.60
CA LEU B 286 33.98 -6.71 -42.98
C LEU B 286 35.14 -6.51 -43.96
N THR B 287 34.79 -5.93 -45.11
CA THR B 287 35.75 -5.51 -46.14
C THR B 287 35.34 -4.14 -46.62
N ASP B 288 36.24 -3.46 -47.34
CA ASP B 288 35.90 -2.12 -47.83
C ASP B 288 34.71 -2.16 -48.77
N GLU B 289 34.66 -3.17 -49.64
CA GLU B 289 33.55 -3.29 -50.59
C GLU B 289 32.22 -3.57 -49.88
N GLY B 290 32.19 -4.49 -48.93
CA GLY B 290 30.92 -4.82 -48.31
C GLY B 290 30.39 -3.74 -47.39
N LEU B 291 31.28 -3.01 -46.71
CA LEU B 291 30.83 -1.90 -45.89
C LEU B 291 30.38 -0.72 -46.73
N GLU B 292 30.95 -0.56 -47.94
CA GLU B 292 30.50 0.54 -48.78
C GLU B 292 29.09 0.28 -49.31
N ALA B 293 28.74 -1.00 -49.50
CA ALA B 293 27.40 -1.33 -49.95
C ALA B 293 26.36 -0.98 -48.88
N VAL B 294 26.69 -1.19 -47.62
CA VAL B 294 25.74 -0.83 -46.58
C VAL B 294 25.76 0.67 -46.33
N ASN B 295 26.90 1.32 -46.50
CA ASN B 295 26.97 2.75 -46.24
C ASN B 295 26.23 3.52 -47.32
N LYS B 296 26.21 3.01 -48.56
CA LYS B 296 25.48 3.72 -49.61
C LYS B 296 23.99 3.53 -49.43
N ASP B 297 23.58 2.54 -48.65
CA ASP B 297 22.16 2.32 -48.37
C ASP B 297 21.69 3.29 -47.27
N LYS B 298 22.26 3.18 -46.07
CA LYS B 298 22.19 4.29 -45.13
C LYS B 298 23.50 4.32 -44.34
N PRO B 299 24.05 5.51 -44.12
CA PRO B 299 25.41 5.62 -43.57
C PRO B 299 25.52 5.02 -42.18
N LEU B 300 26.63 4.31 -41.98
CA LEU B 300 26.97 3.73 -40.69
C LEU B 300 27.58 4.73 -39.71
N GLY B 301 28.00 5.89 -40.20
CA GLY B 301 28.81 6.78 -39.38
C GLY B 301 30.25 6.36 -39.47
N ALA B 302 30.92 6.25 -38.33
CA ALA B 302 32.30 5.79 -38.29
C ALA B 302 32.34 4.28 -38.09
N VAL B 303 33.27 3.61 -38.77
CA VAL B 303 33.30 2.15 -38.75
C VAL B 303 34.62 1.65 -38.20
N ALA B 304 34.61 0.39 -37.75
CA ALA B 304 35.74 -0.20 -37.03
C ALA B 304 36.87 -0.65 -37.95
N LEU B 305 36.58 -0.91 -39.22
CA LEU B 305 37.61 -1.38 -40.14
C LEU B 305 38.48 -0.19 -40.55
N LYS B 306 39.80 -0.26 -40.26
CA LYS B 306 40.64 0.92 -40.43
C LYS B 306 40.67 1.38 -41.88
N SER B 307 40.80 0.44 -42.83
CA SER B 307 40.95 0.82 -44.24
C SER B 307 39.77 1.66 -44.72
N TYR B 308 38.55 1.29 -44.35
CA TYR B 308 37.38 2.04 -44.79
C TYR B 308 37.14 3.26 -43.92
N GLU B 309 37.55 3.20 -42.65
CA GLU B 309 37.42 4.39 -41.81
C GLU B 309 38.36 5.47 -42.28
N GLU B 310 39.54 5.10 -42.80
CA GLU B 310 40.44 6.14 -43.29
C GLU B 310 39.94 6.76 -44.59
N GLU B 311 38.99 6.12 -45.28
CA GLU B 311 38.34 6.83 -46.39
C GLU B 311 37.08 7.58 -45.96
N LEU B 312 36.32 7.05 -45.00
CA LEU B 312 35.14 7.80 -44.55
C LEU B 312 35.54 9.07 -43.81
N ALA B 313 36.70 9.06 -43.14
CA ALA B 313 37.15 10.20 -42.33
C ALA B 313 37.58 11.41 -43.17
N LYS B 314 37.46 11.34 -44.50
CA LYS B 314 37.58 12.56 -45.31
C LYS B 314 36.42 13.50 -45.06
N ASP B 315 35.37 13.01 -44.42
CA ASP B 315 34.27 13.79 -43.87
C ASP B 315 34.67 14.26 -42.47
N PRO B 316 34.88 15.57 -42.28
CA PRO B 316 35.19 16.06 -40.93
C PRO B 316 34.16 15.64 -39.90
N ARG B 317 32.92 15.43 -40.33
CA ARG B 317 31.88 14.94 -39.43
C ARG B 317 32.27 13.60 -38.82
N ILE B 318 32.74 12.69 -39.67
CA ILE B 318 33.08 11.34 -39.21
C ILE B 318 34.43 11.34 -38.50
N ALA B 319 35.38 12.12 -38.97
CA ALA B 319 36.65 12.22 -38.26
C ALA B 319 36.43 12.65 -36.83
N ALA B 320 35.47 13.55 -36.60
CA ALA B 320 35.19 14.03 -35.25
C ALA B 320 34.59 12.94 -34.38
N THR B 321 33.63 12.17 -34.91
CA THR B 321 33.02 11.10 -34.13
C THR B 321 34.05 10.10 -33.65
N MET B 322 34.99 9.71 -34.51
CA MET B 322 36.01 8.75 -34.10
C MET B 322 36.97 9.37 -33.10
N GLU B 323 37.39 10.63 -33.34
CA GLU B 323 38.22 11.31 -32.35
C GLU B 323 37.58 11.32 -30.97
N ASN B 324 36.27 11.60 -30.92
CA ASN B 324 35.60 11.60 -29.62
C ASN B 324 35.49 10.21 -29.03
N ALA B 325 35.32 9.19 -29.87
CA ALA B 325 35.21 7.84 -29.34
C ALA B 325 36.52 7.38 -28.75
N GLN B 326 37.64 7.70 -29.41
CA GLN B 326 38.94 7.31 -28.88
C GLN B 326 39.27 8.05 -27.59
N LYS B 327 38.69 9.22 -27.37
CA LYS B 327 38.93 9.92 -26.10
C LYS B 327 38.02 9.42 -24.99
N GLY B 328 36.99 8.66 -25.33
CA GLY B 328 35.99 8.20 -24.39
C GLY B 328 36.25 6.79 -23.92
N GLU B 329 35.20 6.17 -23.38
CA GLU B 329 35.30 4.84 -22.80
C GLU B 329 34.23 3.93 -23.40
N ILE B 330 34.61 2.66 -23.63
CA ILE B 330 33.63 1.69 -24.12
C ILE B 330 32.54 1.49 -23.09
N MET B 331 31.29 1.47 -23.55
CA MET B 331 30.16 1.22 -22.68
C MET B 331 30.17 -0.21 -22.15
N PRO B 332 30.07 -0.40 -20.84
CA PRO B 332 30.07 -1.76 -20.29
C PRO B 332 28.85 -2.56 -20.72
N ASN B 333 29.08 -3.82 -21.08
CA ASN B 333 28.03 -4.71 -21.57
C ASN B 333 27.48 -5.60 -20.47
N ILE B 334 27.74 -5.30 -19.21
CA ILE B 334 27.33 -6.17 -18.11
C ILE B 334 25.90 -5.79 -17.72
N PRO B 335 25.15 -6.68 -17.05
CA PRO B 335 23.75 -6.35 -16.73
C PRO B 335 23.61 -5.30 -15.63
N GLN B 336 24.60 -5.12 -14.76
CA GLN B 336 24.53 -4.10 -13.72
C GLN B 336 24.48 -2.69 -14.29
N MET B 337 24.70 -2.53 -15.58
CA MET B 337 24.67 -1.21 -16.20
C MET B 337 23.29 -0.59 -16.14
N SER B 338 22.25 -1.41 -16.01
CA SER B 338 20.90 -0.87 -15.85
C SER B 338 20.74 -0.18 -14.50
N ALA B 339 21.22 -0.81 -13.43
CA ALA B 339 21.16 -0.18 -12.12
C ALA B 339 21.99 1.10 -12.10
N PHE B 340 23.11 1.10 -12.81
CA PHE B 340 23.97 2.28 -12.86
C PHE B 340 23.25 3.45 -13.51
N TRP B 341 22.71 3.26 -14.73
CA TRP B 341 22.01 4.36 -15.41
C TRP B 341 20.84 4.86 -14.58
N TYR B 342 20.10 3.96 -13.96
CA TYR B 342 18.98 4.35 -13.11
C TYR B 342 19.45 5.27 -12.00
N ALA B 343 20.56 4.91 -11.36
CA ALA B 343 21.06 5.69 -10.24
C ALA B 343 21.54 7.05 -10.69
N VAL B 344 22.31 7.08 -11.78
CA VAL B 344 22.96 8.31 -12.24
C VAL B 344 21.92 9.27 -12.83
N ARG B 345 20.88 8.74 -13.49
CA ARG B 345 19.84 9.62 -14.02
C ARG B 345 19.13 10.33 -12.87
N THR B 346 18.84 9.59 -11.80
CA THR B 346 18.26 10.21 -10.60
C THR B 346 19.19 11.29 -10.06
N ALA B 347 20.51 11.03 -10.08
CA ALA B 347 21.46 11.98 -9.49
C ALA B 347 21.53 13.27 -10.29
N VAL B 348 21.64 13.18 -11.62
CA VAL B 348 21.76 14.38 -12.45
C VAL B 348 20.48 15.22 -12.39
N ILE B 349 19.31 14.56 -12.54
CA ILE B 349 18.02 15.25 -12.45
C ILE B 349 17.91 15.98 -11.11
N ASN B 350 18.19 15.28 -10.00
CA ASN B 350 18.06 15.85 -8.67
C ASN B 350 19.09 16.95 -8.43
N ALA B 351 20.27 16.83 -9.03
CA ALA B 351 21.28 17.87 -8.87
C ALA B 351 20.90 19.11 -9.67
N ALA B 352 20.43 18.92 -10.90
CA ALA B 352 20.10 20.04 -11.79
C ALA B 352 18.87 20.81 -11.32
N SER B 353 17.98 20.15 -10.58
CA SER B 353 16.75 20.78 -10.11
C SER B 353 16.86 21.29 -8.69
N GLY B 354 17.91 20.92 -7.97
CA GLY B 354 18.06 21.35 -6.60
C GLY B 354 17.51 20.41 -5.55
N ARG B 355 16.86 19.29 -5.92
CA ARG B 355 16.30 18.41 -4.89
C ARG B 355 17.39 17.95 -3.94
N GLN B 356 18.58 17.73 -4.49
CA GLN B 356 19.74 17.32 -3.71
C GLN B 356 20.90 18.21 -4.07
N THR B 357 21.80 18.36 -3.11
CA THR B 357 23.13 18.87 -3.37
C THR B 357 23.89 17.88 -4.25
N VAL B 358 24.97 18.39 -4.87
CA VAL B 358 25.80 17.54 -5.74
C VAL B 358 26.38 16.36 -4.96
N ASP B 359 26.95 16.61 -3.77
CA ASP B 359 27.61 15.51 -3.08
C ASP B 359 26.59 14.47 -2.61
N ALA B 360 25.38 14.91 -2.25
CA ALA B 360 24.37 13.95 -1.82
C ALA B 360 23.82 13.14 -3.00
N ALA B 361 23.58 13.82 -4.13
CA ALA B 361 23.13 13.13 -5.34
C ALA B 361 24.13 12.06 -5.75
N LEU B 362 25.42 12.37 -5.73
CA LEU B 362 26.41 11.40 -6.17
C LEU B 362 26.68 10.33 -5.12
N ALA B 363 26.56 10.66 -3.83
CA ALA B 363 26.72 9.64 -2.80
C ALA B 363 25.62 8.60 -2.89
N ALA B 364 24.39 9.03 -3.22
CA ALA B 364 23.29 8.08 -3.40
C ALA B 364 23.52 7.25 -4.65
N ALA B 365 23.88 7.90 -5.76
CA ALA B 365 24.10 7.15 -6.98
C ALA B 365 25.20 6.12 -6.79
N GLN B 366 26.21 6.45 -5.98
CA GLN B 366 27.25 5.48 -5.63
C GLN B 366 26.69 4.22 -4.97
N THR B 367 25.88 4.38 -3.91
CA THR B 367 25.33 3.20 -3.23
C THR B 367 24.35 2.45 -4.12
N ASN B 368 23.47 3.17 -4.79
CA ASN B 368 22.40 2.59 -5.60
C ASN B 368 22.89 2.04 -6.93
N ALA B 369 24.17 2.22 -7.26
CA ALA B 369 24.64 1.87 -8.59
C ALA B 369 24.61 0.36 -8.85
N ALA B 370 24.71 -0.47 -7.81
CA ALA B 370 24.74 -1.91 -8.00
C ALA B 370 23.43 -2.60 -7.63
N ARG B 371 22.44 -1.88 -7.12
CA ARG B 371 21.19 -2.47 -6.68
C ARG B 371 20.13 -2.39 -7.77
N ALA B 372 19.52 -3.54 -8.09
CA ALA B 372 18.51 -3.65 -9.12
C ALA B 372 17.08 -3.62 -8.57
N ALA B 373 16.93 -3.49 -7.25
CA ALA B 373 15.60 -3.48 -6.64
C ALA B 373 14.68 -2.48 -7.31
N ALA B 374 15.19 -1.29 -7.62
CA ALA B 374 14.34 -0.24 -8.17
C ALA B 374 13.66 -0.69 -9.45
N GLN B 375 14.36 -1.46 -10.30
CA GLN B 375 13.75 -1.88 -11.55
C GLN B 375 12.55 -2.78 -11.31
N LEU B 376 12.61 -3.62 -10.28
CA LEU B 376 11.52 -4.54 -10.00
C LEU B 376 10.27 -3.78 -9.54
N TYR B 377 10.42 -2.79 -8.64
CA TYR B 377 9.27 -2.01 -8.19
C TYR B 377 8.61 -1.28 -9.34
N ASP B 378 9.39 -0.80 -10.31
CA ASP B 378 8.76 -0.14 -11.45
C ASP B 378 7.87 -1.10 -12.22
N VAL B 379 8.30 -2.35 -12.39
CA VAL B 379 7.47 -3.34 -13.07
C VAL B 379 6.12 -3.48 -12.36
N MET B 380 6.13 -3.52 -11.02
CA MET B 380 4.89 -3.74 -10.27
C MET B 380 3.88 -2.65 -10.56
N ASP B 381 4.33 -1.40 -10.64
CA ASP B 381 3.43 -0.28 -10.88
C ASP B 381 3.15 -0.06 -12.36
N ALA B 382 3.73 -0.87 -13.24
CA ALA B 382 3.41 -0.84 -14.66
C ALA B 382 2.34 -1.83 -15.05
N VAL B 383 2.01 -2.76 -14.15
CA VAL B 383 1.03 -3.80 -14.43
C VAL B 383 -0.14 -3.58 -13.50
N PRO B 384 -1.38 -3.59 -14.02
CA PRO B 384 -2.54 -3.39 -13.14
C PRO B 384 -2.66 -4.55 -12.16
N ALA B 385 -2.91 -4.20 -10.89
CA ALA B 385 -2.91 -5.21 -9.85
C ALA B 385 -3.91 -6.31 -10.16
N ARG B 386 -4.99 -6.01 -10.95
CA ARG B 386 -5.94 -7.09 -11.25
C ARG B 386 -5.33 -8.18 -12.09
N ARG B 387 -4.27 -7.89 -12.81
CA ARG B 387 -3.74 -8.86 -13.74
C ARG B 387 -2.38 -9.34 -13.28
N TRP B 388 -2.06 -9.14 -12.01
CA TRP B 388 -0.73 -9.48 -11.53
C TRP B 388 -0.48 -10.98 -11.63
N LYS B 389 -1.41 -11.79 -11.12
CA LYS B 389 -1.15 -13.22 -11.05
C LYS B 389 -1.03 -13.83 -12.43
N GLU B 390 -1.86 -13.39 -13.37
CA GLU B 390 -1.70 -13.84 -14.74
C GLU B 390 -0.33 -13.45 -15.28
N PHE B 391 0.16 -12.28 -14.88
CA PHE B 391 1.42 -11.77 -15.41
C PHE B 391 2.60 -12.64 -15.00
N VAL B 392 2.70 -13.02 -13.72
CA VAL B 392 3.86 -13.78 -13.29
C VAL B 392 3.73 -15.25 -13.68
N ARG B 393 2.51 -15.74 -13.88
CA ARG B 393 2.33 -17.03 -14.54
C ARG B 393 2.86 -16.99 -15.96
N THR B 394 2.48 -15.95 -16.71
CA THR B 394 2.93 -15.82 -18.09
C THR B 394 4.43 -15.61 -18.17
N LEU B 395 5.05 -15.05 -17.12
CA LEU B 395 6.50 -14.92 -17.10
C LEU B 395 7.17 -16.28 -17.07
N GLY B 396 6.51 -17.26 -16.46
CA GLY B 396 7.06 -18.58 -16.33
C GLY B 396 7.32 -18.99 -14.90
N LEU B 397 6.84 -18.20 -13.95
CA LEU B 397 7.00 -18.55 -12.55
C LEU B 397 5.99 -19.64 -12.20
N ARG B 398 6.46 -20.73 -11.61
CA ARG B 398 5.57 -21.86 -11.39
C ARG B 398 4.69 -21.73 -10.13
N GLU B 399 3.55 -22.43 -10.17
CA GLU B 399 2.49 -22.35 -9.16
C GLU B 399 2.99 -22.72 -7.77
N ALA B 400 3.99 -23.59 -7.65
CA ALA B 400 4.52 -23.88 -6.34
C ALA B 400 5.13 -22.64 -5.71
N GLU B 401 5.90 -21.88 -6.50
CA GLU B 401 6.56 -20.68 -5.98
C GLU B 401 5.56 -19.57 -5.71
N ILE B 402 4.56 -19.40 -6.59
CA ILE B 402 3.53 -18.41 -6.34
C ILE B 402 2.83 -18.69 -5.02
N GLU B 403 2.48 -19.96 -4.78
CA GLU B 403 1.78 -20.32 -3.55
C GLU B 403 2.69 -20.23 -2.32
N ALA B 404 3.97 -20.59 -2.47
CA ALA B 404 4.90 -20.47 -1.36
C ALA B 404 5.00 -19.02 -0.89
N VAL B 405 4.97 -18.07 -1.81
CA VAL B 405 4.98 -16.66 -1.43
C VAL B 405 3.71 -16.30 -0.70
N GLU B 406 2.55 -16.68 -1.25
CA GLU B 406 1.27 -16.20 -0.70
C GLU B 406 1.01 -16.73 0.70
N VAL B 407 1.44 -17.96 1.01
CA VAL B 407 1.20 -18.49 2.35
C VAL B 407 2.07 -17.80 3.38
N GLU B 408 3.22 -17.26 2.99
CA GLU B 408 4.08 -16.65 4.00
C GLU B 408 3.96 -15.14 4.10
N ILE B 409 3.82 -14.44 2.98
CA ILE B 409 3.83 -12.98 2.96
C ILE B 409 2.40 -12.47 2.92
N GLY B 410 2.05 -11.58 3.84
CA GLY B 410 0.67 -11.14 3.97
C GLY B 410 0.20 -10.08 3.00
N ARG B 411 0.89 -8.95 2.92
CA ARG B 411 0.38 -7.80 2.17
C ARG B 411 0.71 -7.91 0.67
N PHE B 412 -0.15 -7.26 -0.13
CA PHE B 412 -0.17 -7.49 -1.57
C PHE B 412 1.14 -7.07 -2.24
N ARG B 413 1.58 -5.83 -2.01
CA ARG B 413 2.81 -5.34 -2.63
C ARG B 413 4.00 -6.20 -2.25
N ASP B 414 4.08 -6.61 -0.98
CA ASP B 414 5.19 -7.46 -0.56
C ASP B 414 5.18 -8.80 -1.32
N GLN B 415 3.99 -9.39 -1.50
CA GLN B 415 3.92 -10.60 -2.32
C GLN B 415 4.34 -10.32 -3.75
N GLN B 416 3.94 -9.18 -4.30
CA GLN B 416 4.29 -8.87 -5.68
C GLN B 416 5.81 -8.81 -5.86
N TYR B 417 6.49 -8.15 -4.93
CA TYR B 417 7.95 -8.06 -5.01
C TYR B 417 8.62 -9.41 -4.79
N GLU B 418 8.20 -10.15 -3.76
CA GLU B 418 8.83 -11.43 -3.49
C GLU B 418 8.67 -12.38 -4.67
N MET B 419 7.54 -12.31 -5.39
CA MET B 419 7.37 -13.14 -6.57
C MET B 419 8.39 -12.79 -7.64
N LEU B 420 8.50 -11.50 -7.99
CA LEU B 420 9.45 -11.09 -9.02
C LEU B 420 10.87 -11.36 -8.58
N LYS B 421 11.17 -11.10 -7.32
CA LYS B 421 12.52 -11.32 -6.82
C LYS B 421 12.94 -12.77 -7.00
N ARG B 422 12.09 -13.69 -6.54
CA ARG B 422 12.42 -15.10 -6.71
C ARG B 422 12.52 -15.46 -8.17
N TRP B 423 11.66 -14.88 -9.02
CA TRP B 423 11.70 -15.19 -10.43
C TRP B 423 12.99 -14.70 -11.07
N ARG B 424 13.45 -13.50 -10.69
CA ARG B 424 14.66 -12.97 -11.31
C ARG B 424 15.89 -13.77 -10.89
N GLN B 425 15.82 -14.50 -9.77
CA GLN B 425 16.96 -15.29 -9.33
C GLN B 425 17.18 -16.53 -10.18
N GLN B 426 16.14 -17.01 -10.89
CA GLN B 426 16.30 -18.15 -11.78
C GLN B 426 16.56 -17.73 -13.21
N GLN B 427 16.13 -16.54 -13.58
CA GLN B 427 16.18 -16.08 -14.96
C GLN B 427 16.85 -14.72 -14.97
N PRO B 428 18.02 -14.59 -15.57
CA PRO B 428 18.72 -13.30 -15.58
C PRO B 428 18.10 -12.34 -16.59
N ALA B 429 18.42 -11.07 -16.40
CA ALA B 429 18.09 -10.04 -17.38
C ALA B 429 19.21 -9.95 -18.42
N GLY B 430 18.88 -9.50 -19.62
CA GLY B 430 17.54 -9.18 -20.03
C GLY B 430 17.24 -9.90 -21.31
N LEU B 431 16.42 -10.94 -21.20
CA LEU B 431 16.04 -11.78 -22.33
C LEU B 431 14.67 -11.42 -22.88
N GLY B 432 14.19 -10.21 -22.61
CA GLY B 432 12.89 -9.76 -23.07
C GLY B 432 11.69 -10.52 -22.54
N ALA B 433 11.80 -11.13 -21.36
CA ALA B 433 10.71 -11.93 -20.83
C ALA B 433 9.53 -11.07 -20.41
N ILE B 434 9.80 -10.02 -19.63
CA ILE B 434 8.75 -9.14 -19.14
C ILE B 434 7.99 -8.49 -20.29
N TYR B 435 8.71 -8.08 -21.34
CA TYR B 435 8.01 -7.48 -22.47
C TYR B 435 7.13 -8.51 -23.17
N ALA B 436 7.68 -9.68 -23.49
CA ALA B 436 6.92 -10.67 -24.25
C ALA B 436 5.65 -11.07 -23.51
N ALA B 437 5.71 -11.13 -22.17
CA ALA B 437 4.55 -11.54 -21.39
C ALA B 437 3.43 -10.51 -21.49
N LEU B 438 3.78 -9.22 -21.47
CA LEU B 438 2.76 -8.17 -21.47
C LEU B 438 2.00 -8.10 -22.79
N GLU B 439 2.67 -8.33 -23.94
CA GLU B 439 1.95 -8.29 -25.21
C GLU B 439 1.01 -9.46 -25.33
N ARG B 440 1.44 -10.57 -24.76
CA ARG B 440 0.76 -11.83 -24.84
C ARG B 440 -0.45 -11.90 -23.93
N MET B 441 -0.57 -10.95 -23.00
CA MET B 441 -1.80 -10.67 -22.25
C MET B 441 -2.65 -9.58 -22.91
N GLY B 442 -2.17 -9.02 -24.02
CA GLY B 442 -2.86 -7.95 -24.70
C GLY B 442 -2.72 -6.60 -24.03
N LEU B 443 -1.64 -6.39 -23.28
CA LEU B 443 -1.41 -5.08 -22.70
C LEU B 443 -0.11 -4.48 -23.22
N GLU B 444 -0.02 -4.28 -24.55
CA GLU B 444 1.17 -3.60 -25.06
C GLU B 444 1.21 -2.16 -24.59
N GLY B 445 0.05 -1.53 -24.35
CA GLY B 445 0.05 -0.20 -23.77
C GLY B 445 0.95 -0.14 -22.54
N CYS B 446 0.85 -1.16 -21.67
CA CYS B 446 1.79 -1.29 -20.57
C CYS B 446 3.19 -1.63 -21.04
N ALA B 447 3.30 -2.39 -22.13
CA ALA B 447 4.62 -2.77 -22.65
C ALA B 447 5.39 -1.53 -23.12
N GLU B 448 4.80 -0.76 -24.06
CA GLU B 448 5.45 0.45 -24.54
C GLU B 448 5.81 1.39 -23.39
N ASP B 449 4.85 1.65 -22.50
CA ASP B 449 5.11 2.60 -21.42
C ASP B 449 6.26 2.13 -20.54
N LEU B 450 6.53 0.82 -20.51
CA LEU B 450 7.65 0.30 -19.75
C LEU B 450 8.97 0.30 -20.53
N ARG B 451 8.91 0.25 -21.88
CA ARG B 451 10.13 0.51 -22.68
C ARG B 451 10.59 1.95 -22.47
N SER B 452 9.66 2.90 -22.58
CA SER B 452 9.88 4.31 -22.24
C SER B 452 10.95 4.55 -21.19
N ILE C 3 -25.54 17.26 -35.63
CA ILE C 3 -26.22 16.22 -36.35
C ILE C 3 -26.82 16.97 -37.59
N GLU C 4 -26.93 16.25 -38.71
CA GLU C 4 -27.56 16.68 -39.98
C GLU C 4 -29.08 16.62 -39.80
N GLU C 5 -29.85 17.58 -40.34
CA GLU C 5 -31.31 17.69 -40.14
C GLU C 5 -32.10 17.22 -41.36
N GLY C 6 -33.36 16.76 -41.18
CA GLY C 6 -34.14 16.23 -42.31
C GLY C 6 -33.79 14.80 -42.62
N LYS C 7 -33.41 14.05 -41.59
CA LYS C 7 -32.91 12.71 -41.78
C LYS C 7 -32.86 11.97 -40.46
N LEU C 8 -33.03 10.65 -40.54
CA LEU C 8 -33.01 9.75 -39.37
C LEU C 8 -31.85 8.76 -39.45
N VAL C 9 -31.09 8.65 -38.34
CA VAL C 9 -30.05 7.65 -38.18
C VAL C 9 -30.32 6.92 -36.87
N ILE C 10 -30.41 5.58 -36.95
CA ILE C 10 -30.74 4.69 -35.85
C ILE C 10 -29.49 3.96 -35.43
N TRP C 11 -29.30 3.79 -34.12
CA TRP C 11 -28.26 2.92 -33.57
C TRP C 11 -28.95 1.75 -32.87
N ILE C 12 -28.63 0.54 -33.30
CA ILE C 12 -29.26 -0.69 -32.84
C ILE C 12 -28.12 -1.66 -32.53
N ASN C 13 -28.33 -2.55 -31.56
CA ASN C 13 -27.26 -3.51 -31.27
C ASN C 13 -27.18 -4.55 -32.38
N GLY C 14 -25.98 -5.12 -32.55
CA GLY C 14 -25.74 -6.02 -33.67
C GLY C 14 -26.39 -7.39 -33.54
N ASP C 15 -26.61 -7.86 -32.31
CA ASP C 15 -27.41 -9.08 -32.12
C ASP C 15 -28.88 -8.89 -32.51
N LYS C 16 -29.37 -7.67 -32.63
CA LYS C 16 -30.78 -7.41 -32.87
C LYS C 16 -31.07 -7.49 -34.37
N GLY C 17 -32.37 -7.52 -34.71
CA GLY C 17 -32.73 -7.68 -36.11
C GLY C 17 -32.59 -6.41 -36.93
N TYR C 18 -31.33 -6.01 -37.21
CA TYR C 18 -31.13 -4.70 -37.81
C TYR C 18 -31.54 -4.66 -39.28
N ASN C 19 -31.46 -5.79 -39.99
CA ASN C 19 -31.88 -5.80 -41.39
C ASN C 19 -33.37 -5.54 -41.52
N GLY C 20 -34.17 -6.20 -40.68
CA GLY C 20 -35.60 -5.95 -40.69
C GLY C 20 -35.97 -4.53 -40.27
N LEU C 21 -35.22 -3.97 -39.31
CA LEU C 21 -35.47 -2.60 -38.88
C LEU C 21 -35.28 -1.59 -40.00
N ALA C 22 -34.18 -1.70 -40.75
CA ALA C 22 -33.93 -0.81 -41.87
C ALA C 22 -35.04 -0.90 -42.89
N GLU C 23 -35.65 -2.06 -42.97
CA GLU C 23 -36.67 -2.36 -43.96
C GLU C 23 -37.94 -1.57 -43.66
N VAL C 24 -38.30 -1.45 -42.37
CA VAL C 24 -39.33 -0.54 -41.91
C VAL C 24 -38.96 0.90 -42.25
N GLY C 25 -37.67 1.19 -42.31
CA GLY C 25 -37.23 2.51 -42.73
C GLY C 25 -37.44 2.78 -44.21
N LYS C 26 -37.55 1.74 -45.03
CA LYS C 26 -37.86 2.02 -46.43
C LYS C 26 -39.36 2.15 -46.65
N LYS C 27 -40.17 1.45 -45.87
CA LYS C 27 -41.60 1.68 -45.91
C LYS C 27 -41.94 3.06 -45.33
N PHE C 28 -41.08 3.57 -44.43
CA PHE C 28 -41.18 4.95 -43.94
C PHE C 28 -40.60 5.96 -44.92
N GLU C 29 -39.52 5.59 -45.61
CA GLU C 29 -38.90 6.56 -46.51
C GLU C 29 -39.68 6.72 -47.82
N LYS C 30 -40.49 5.74 -48.25
CA LYS C 30 -41.19 6.05 -49.50
C LYS C 30 -42.48 6.82 -49.23
N ASP C 31 -42.86 7.01 -47.97
CA ASP C 31 -44.02 7.83 -47.66
C ASP C 31 -43.69 9.28 -47.33
N THR C 32 -42.47 9.55 -46.87
CA THR C 32 -42.08 10.91 -46.59
C THR C 32 -40.85 11.36 -47.38
N GLY C 33 -40.00 10.44 -47.80
CA GLY C 33 -38.73 10.82 -48.36
C GLY C 33 -37.59 10.96 -47.37
N ILE C 34 -37.70 10.43 -46.16
CA ILE C 34 -36.66 10.58 -45.15
C ILE C 34 -35.77 9.35 -45.16
N LYS C 35 -34.47 9.57 -45.36
CA LYS C 35 -33.56 8.46 -45.49
C LYS C 35 -33.28 7.87 -44.11
N VAL C 36 -33.44 6.56 -43.97
CA VAL C 36 -33.03 5.87 -42.76
C VAL C 36 -31.80 5.05 -43.00
N THR C 37 -30.75 5.38 -42.27
CA THR C 37 -29.60 4.52 -42.16
C THR C 37 -29.57 3.97 -40.74
N VAL C 38 -29.71 2.64 -40.62
CA VAL C 38 -29.53 1.91 -39.38
C VAL C 38 -28.14 1.29 -39.36
N GLU C 39 -27.49 1.45 -38.22
CA GLU C 39 -26.12 1.10 -38.00
C GLU C 39 -26.01 0.36 -36.67
N HIS C 40 -25.15 -0.66 -36.65
CA HIS C 40 -24.91 -1.48 -35.47
C HIS C 40 -23.45 -1.36 -35.06
N PRO C 41 -23.04 -0.19 -34.54
CA PRO C 41 -21.66 -0.03 -34.04
C PRO C 41 -21.44 -0.93 -32.83
N ASP C 42 -20.18 -1.14 -32.42
CA ASP C 42 -20.00 -1.85 -31.14
C ASP C 42 -19.64 -0.94 -29.98
N LYS C 43 -19.96 -1.46 -28.77
CA LYS C 43 -19.98 -0.65 -27.54
C LYS C 43 -20.77 0.65 -27.78
N LEU C 44 -21.83 0.46 -28.57
CA LEU C 44 -22.85 1.46 -28.87
C LEU C 44 -23.38 2.10 -27.59
N GLU C 45 -23.84 1.28 -26.63
CA GLU C 45 -24.25 1.81 -25.34
C GLU C 45 -23.15 2.67 -24.74
N GLU C 46 -21.90 2.41 -25.09
CA GLU C 46 -20.82 3.13 -24.43
C GLU C 46 -20.27 4.27 -25.29
N LYS C 47 -20.43 4.21 -26.62
CA LYS C 47 -20.10 5.35 -27.48
C LYS C 47 -21.20 6.39 -27.54
N PHE C 48 -22.45 5.94 -27.40
CA PHE C 48 -23.56 6.89 -27.52
C PHE C 48 -23.46 8.04 -26.53
N PRO C 49 -23.33 7.82 -25.23
CA PRO C 49 -23.27 8.98 -24.31
C PRO C 49 -22.06 9.86 -24.51
N GLN C 50 -20.96 9.34 -25.06
CA GLN C 50 -19.80 10.18 -25.29
C GLN C 50 -20.00 11.08 -26.51
N VAL C 51 -20.50 10.52 -27.61
CA VAL C 51 -20.75 11.35 -28.79
C VAL C 51 -21.93 12.28 -28.57
N ALA C 52 -22.87 11.89 -27.71
CA ALA C 52 -24.05 12.71 -27.50
C ALA C 52 -23.78 13.90 -26.57
N ALA C 53 -22.77 13.81 -25.69
CA ALA C 53 -22.45 14.93 -24.82
C ALA C 53 -21.89 16.12 -25.60
N THR C 54 -21.26 15.85 -26.74
CA THR C 54 -20.87 16.90 -27.68
C THR C 54 -22.07 17.54 -28.39
N GLY C 55 -23.21 16.86 -28.43
CA GLY C 55 -24.31 17.26 -29.26
C GLY C 55 -24.40 16.55 -30.58
N ASP C 56 -23.82 15.35 -30.68
CA ASP C 56 -23.72 14.59 -31.92
C ASP C 56 -24.28 13.19 -31.64
N GLY C 57 -24.03 12.25 -32.57
CA GLY C 57 -24.57 10.93 -32.43
C GLY C 57 -25.80 10.68 -33.28
N PRO C 58 -26.48 9.57 -33.01
CA PRO C 58 -27.67 9.21 -33.80
C PRO C 58 -28.92 9.92 -33.30
N ASP C 59 -29.99 9.81 -34.09
CA ASP C 59 -31.28 10.38 -33.70
C ASP C 59 -32.06 9.47 -32.76
N ILE C 60 -32.03 8.16 -33.00
CA ILE C 60 -32.73 7.18 -32.18
C ILE C 60 -31.73 6.15 -31.69
N ILE C 61 -31.84 5.81 -30.41
CA ILE C 61 -30.94 4.89 -29.73
C ILE C 61 -31.76 3.72 -29.21
N PHE C 62 -31.36 2.50 -29.59
CA PHE C 62 -32.02 1.27 -29.14
C PHE C 62 -31.12 0.57 -28.13
N TRP C 63 -31.64 0.34 -26.92
CA TRP C 63 -30.88 -0.35 -25.89
C TRP C 63 -31.82 -0.74 -24.75
N ALA C 64 -31.29 -1.54 -23.82
CA ALA C 64 -32.04 -1.92 -22.64
C ALA C 64 -32.31 -0.72 -21.75
N HIS C 65 -33.48 -0.71 -21.11
CA HIS C 65 -33.98 0.48 -20.42
C HIS C 65 -33.10 0.91 -19.26
N ASP C 66 -32.36 -0.01 -18.65
CA ASP C 66 -31.62 0.33 -17.44
C ASP C 66 -30.54 1.39 -17.71
N ARG C 67 -29.88 1.34 -18.87
CA ARG C 67 -28.87 2.36 -19.13
C ARG C 67 -29.48 3.71 -19.48
N PHE C 68 -30.78 3.77 -19.80
CA PHE C 68 -31.39 5.05 -20.18
C PHE C 68 -31.58 5.98 -18.99
N GLY C 69 -31.57 5.46 -17.76
CA GLY C 69 -31.68 6.33 -16.61
C GLY C 69 -30.42 7.16 -16.38
N GLY C 70 -29.25 6.57 -16.58
CA GLY C 70 -28.03 7.35 -16.54
C GLY C 70 -27.96 8.39 -17.64
N TYR C 71 -28.35 8.00 -18.85
CA TYR C 71 -28.42 8.95 -19.96
C TYR C 71 -29.31 10.14 -19.61
N ALA C 72 -30.50 9.86 -19.08
CA ALA C 72 -31.45 10.93 -18.78
C ALA C 72 -30.98 11.81 -17.62
N GLN C 73 -30.05 11.34 -16.79
CA GLN C 73 -29.63 12.15 -15.65
C GLN C 73 -28.73 13.31 -16.07
N SER C 74 -27.94 13.15 -17.14
CA SER C 74 -27.17 14.24 -17.72
C SER C 74 -27.87 14.83 -18.93
N GLY C 75 -29.17 14.63 -19.05
CA GLY C 75 -29.90 15.27 -20.13
C GLY C 75 -29.52 14.79 -21.52
N LEU C 76 -29.16 13.52 -21.71
CA LEU C 76 -28.89 13.16 -23.11
C LEU C 76 -30.09 12.61 -23.85
N LEU C 77 -31.25 12.46 -23.22
CA LEU C 77 -32.42 11.95 -23.92
C LEU C 77 -33.57 12.93 -23.85
N ALA C 78 -34.25 13.08 -24.98
CA ALA C 78 -35.39 13.98 -25.11
C ALA C 78 -36.63 13.37 -24.45
N GLU C 79 -37.45 14.23 -23.87
CA GLU C 79 -38.72 13.75 -23.36
C GLU C 79 -39.64 13.39 -24.52
N ILE C 80 -40.30 12.24 -24.42
CA ILE C 80 -41.26 11.81 -25.42
C ILE C 80 -42.66 12.11 -24.88
N THR C 81 -43.58 12.34 -25.79
CA THR C 81 -44.94 12.79 -25.44
C THR C 81 -45.97 12.01 -26.25
N PRO C 82 -46.00 10.68 -26.11
CA PRO C 82 -46.99 9.90 -26.87
C PRO C 82 -48.39 10.25 -26.41
N ALA C 83 -49.32 10.27 -27.36
CA ALA C 83 -50.72 10.50 -27.04
C ALA C 83 -51.21 9.46 -26.05
N ALA C 84 -52.17 9.86 -25.20
CA ALA C 84 -52.74 8.93 -24.24
C ALA C 84 -53.34 7.70 -24.93
N ALA C 85 -53.86 7.87 -26.14
CA ALA C 85 -54.36 6.73 -26.92
C ALA C 85 -53.23 5.77 -27.26
N PHE C 86 -52.06 6.31 -27.61
CA PHE C 86 -50.94 5.43 -27.96
C PHE C 86 -50.42 4.71 -26.73
N GLN C 87 -50.42 5.37 -25.57
CA GLN C 87 -49.94 4.72 -24.36
C GLN C 87 -50.78 3.50 -24.01
N ASP C 88 -52.06 3.48 -24.41
CA ASP C 88 -52.87 2.30 -24.14
C ASP C 88 -52.63 1.19 -25.15
N LYS C 89 -51.81 1.42 -26.18
CA LYS C 89 -51.47 0.38 -27.13
C LYS C 89 -50.37 -0.54 -26.62
N LEU C 90 -49.70 -0.16 -25.52
CA LEU C 90 -48.64 -0.96 -24.92
C LEU C 90 -49.02 -1.33 -23.49
N TYR C 91 -48.49 -2.45 -23.02
CA TYR C 91 -48.80 -2.92 -21.67
C TYR C 91 -48.28 -1.91 -20.65
N PRO C 92 -49.06 -1.58 -19.62
CA PRO C 92 -48.72 -0.40 -18.79
C PRO C 92 -47.38 -0.48 -18.07
N PHE C 93 -46.96 -1.66 -17.58
CA PHE C 93 -45.72 -1.71 -16.81
C PHE C 93 -44.49 -1.37 -17.65
N THR C 94 -44.55 -1.55 -18.97
CA THR C 94 -43.43 -1.18 -19.81
C THR C 94 -43.14 0.32 -19.72
N TRP C 95 -44.18 1.13 -19.49
CA TRP C 95 -43.95 2.57 -19.34
C TRP C 95 -43.21 2.88 -18.05
N ASP C 96 -43.43 2.08 -17.00
CA ASP C 96 -42.69 2.30 -15.76
C ASP C 96 -41.20 2.13 -15.97
N ALA C 97 -40.80 1.25 -16.89
CA ALA C 97 -39.40 0.98 -17.10
C ALA C 97 -38.70 2.10 -17.85
N VAL C 98 -39.46 2.92 -18.56
CA VAL C 98 -38.87 3.95 -19.39
C VAL C 98 -39.21 5.34 -18.87
N ARG C 99 -39.38 5.45 -17.56
CA ARG C 99 -39.69 6.70 -16.88
C ARG C 99 -38.51 7.11 -16.01
N TYR C 100 -38.23 8.41 -15.98
CA TYR C 100 -37.08 8.90 -15.20
C TYR C 100 -37.43 10.26 -14.62
N ASN C 101 -37.53 10.31 -13.29
CA ASN C 101 -37.93 11.51 -12.56
C ASN C 101 -39.21 12.13 -13.15
N GLY C 102 -40.22 11.27 -13.32
CA GLY C 102 -41.57 11.58 -13.76
C GLY C 102 -41.80 11.85 -15.23
N LYS C 103 -40.75 11.86 -16.05
CA LYS C 103 -40.89 12.17 -17.47
C LYS C 103 -40.50 10.94 -18.30
N LEU C 104 -41.26 10.67 -19.37
CA LEU C 104 -40.96 9.53 -20.24
C LEU C 104 -39.81 9.85 -21.20
N ILE C 105 -38.94 8.87 -21.42
CA ILE C 105 -37.68 9.12 -22.11
C ILE C 105 -37.41 8.20 -23.28
N ALA C 106 -38.27 7.22 -23.56
CA ALA C 106 -38.06 6.32 -24.69
C ALA C 106 -39.32 5.50 -24.91
N TYR C 107 -39.35 4.79 -26.03
CA TYR C 107 -40.48 3.92 -26.35
C TYR C 107 -40.15 2.46 -26.03
N PRO C 108 -41.02 1.77 -25.29
CA PRO C 108 -40.76 0.34 -25.01
C PRO C 108 -40.99 -0.50 -26.25
N ILE C 109 -40.11 -1.50 -26.46
CA ILE C 109 -40.20 -2.31 -27.67
C ILE C 109 -40.43 -3.78 -27.33
N ALA C 110 -39.48 -4.41 -26.64
CA ALA C 110 -39.57 -5.83 -26.31
C ALA C 110 -39.32 -6.04 -24.82
N VAL C 111 -39.77 -7.18 -24.28
CA VAL C 111 -39.71 -7.35 -22.83
C VAL C 111 -39.02 -8.70 -22.63
N GLU C 112 -38.25 -8.83 -21.56
CA GLU C 112 -37.45 -10.05 -21.41
C GLU C 112 -37.33 -10.39 -19.94
N ALA C 113 -37.51 -11.67 -19.60
CA ALA C 113 -37.41 -12.10 -18.21
C ALA C 113 -37.09 -13.58 -18.15
N LEU C 114 -36.62 -14.01 -16.99
CA LEU C 114 -36.37 -15.44 -16.76
C LEU C 114 -37.69 -16.21 -16.73
N SER C 115 -37.60 -17.48 -17.07
CA SER C 115 -38.72 -18.40 -17.02
C SER C 115 -38.18 -19.76 -16.60
N LEU C 116 -39.09 -20.65 -16.24
CA LEU C 116 -38.72 -22.01 -15.85
C LEU C 116 -38.79 -22.89 -17.08
N ILE C 117 -37.65 -23.50 -17.44
CA ILE C 117 -37.54 -24.37 -18.60
C ILE C 117 -37.37 -25.80 -18.13
N TYR C 118 -38.23 -26.70 -18.62
CA TYR C 118 -38.27 -28.08 -18.13
C TYR C 118 -38.21 -29.10 -19.26
N ASN C 119 -37.60 -30.24 -18.96
CA ASN C 119 -37.51 -31.40 -19.86
C ASN C 119 -38.82 -32.16 -19.83
N LYS C 120 -39.57 -32.12 -20.93
CA LYS C 120 -40.89 -32.74 -20.99
C LYS C 120 -40.83 -34.27 -20.91
N ASP C 121 -39.69 -34.87 -21.25
CA ASP C 121 -39.57 -36.33 -21.20
C ASP C 121 -39.36 -36.79 -19.77
N LEU C 122 -38.48 -36.12 -19.03
CA LEU C 122 -38.27 -36.46 -17.64
C LEU C 122 -39.37 -35.95 -16.73
N LEU C 123 -40.26 -35.09 -17.22
CA LEU C 123 -41.15 -34.44 -16.29
C LEU C 123 -42.32 -33.80 -17.03
N PRO C 124 -43.45 -34.49 -17.15
CA PRO C 124 -44.53 -33.93 -17.98
C PRO C 124 -45.18 -32.69 -17.38
N ASN C 125 -45.37 -32.62 -16.07
CA ASN C 125 -46.00 -31.46 -15.45
C ASN C 125 -45.11 -30.79 -14.41
N PRO C 126 -44.52 -29.63 -14.72
CA PRO C 126 -43.57 -29.02 -13.79
C PRO C 126 -44.25 -28.53 -12.52
N PRO C 127 -43.52 -28.46 -11.41
CA PRO C 127 -44.13 -28.00 -10.16
C PRO C 127 -44.51 -26.53 -10.24
N LYS C 128 -45.61 -26.18 -9.57
CA LYS C 128 -45.98 -24.78 -9.51
C LYS C 128 -45.47 -24.08 -8.24
N THR C 129 -44.79 -24.80 -7.35
CA THR C 129 -44.27 -24.20 -6.13
C THR C 129 -42.84 -24.67 -5.91
N TRP C 130 -42.03 -23.77 -5.38
CA TRP C 130 -40.66 -24.13 -5.01
C TRP C 130 -40.64 -25.22 -3.97
N GLU C 131 -41.65 -25.28 -3.11
CA GLU C 131 -41.68 -26.22 -2.00
C GLU C 131 -41.77 -27.68 -2.48
N GLU C 132 -42.34 -27.92 -3.67
CA GLU C 132 -42.45 -29.28 -4.20
C GLU C 132 -41.10 -29.86 -4.64
N ILE C 133 -40.12 -29.02 -4.93
CA ILE C 133 -38.92 -29.42 -5.67
C ILE C 133 -38.02 -30.37 -4.87
N PRO C 134 -37.82 -30.18 -3.55
CA PRO C 134 -37.01 -31.18 -2.81
C PRO C 134 -37.58 -32.59 -2.84
N ALA C 135 -38.90 -32.75 -2.72
CA ALA C 135 -39.46 -34.09 -2.78
C ALA C 135 -39.25 -34.69 -4.16
N LEU C 136 -39.36 -33.87 -5.19
CA LEU C 136 -39.28 -34.39 -6.55
C LEU C 136 -37.85 -34.68 -6.96
N ASP C 137 -36.89 -33.99 -6.35
CA ASP C 137 -35.48 -34.27 -6.60
C ASP C 137 -35.08 -35.62 -6.06
N LYS C 138 -35.58 -35.99 -4.88
CA LYS C 138 -35.27 -37.31 -4.35
C LYS C 138 -35.79 -38.41 -5.27
N GLU C 139 -36.99 -38.21 -5.82
CA GLU C 139 -37.57 -39.24 -6.69
C GLU C 139 -36.82 -39.35 -8.01
N LEU C 140 -36.19 -38.27 -8.45
CA LEU C 140 -35.44 -38.32 -9.69
C LEU C 140 -33.98 -38.75 -9.51
N LYS C 141 -33.45 -38.67 -8.29
CA LYS C 141 -32.07 -39.08 -8.14
C LYS C 141 -31.91 -40.59 -8.18
N ALA C 142 -33.03 -41.33 -8.18
CA ALA C 142 -33.00 -42.77 -8.41
C ALA C 142 -32.70 -43.15 -9.85
N LYS C 143 -32.72 -42.18 -10.77
CA LYS C 143 -32.34 -42.41 -12.16
C LYS C 143 -31.15 -41.54 -12.58
N GLY C 144 -30.31 -41.16 -11.64
CA GLY C 144 -29.14 -40.38 -12.00
C GLY C 144 -29.48 -38.99 -12.53
N LYS C 145 -30.71 -38.52 -12.29
CA LYS C 145 -31.14 -37.22 -12.75
C LYS C 145 -31.34 -36.30 -11.54
N SER C 146 -31.39 -35.00 -11.78
CA SER C 146 -31.72 -34.04 -10.72
C SER C 146 -32.89 -33.19 -11.19
N ALA C 147 -33.60 -32.62 -10.22
CA ALA C 147 -34.82 -31.90 -10.56
C ALA C 147 -34.50 -30.54 -11.18
N LEU C 148 -33.50 -29.85 -10.64
CA LEU C 148 -33.30 -28.47 -11.04
C LEU C 148 -31.84 -28.08 -10.91
N MET C 149 -31.29 -27.46 -11.96
CA MET C 149 -29.96 -26.88 -11.95
C MET C 149 -30.02 -25.51 -12.63
N PHE C 150 -29.49 -24.49 -11.96
CA PHE C 150 -29.42 -23.19 -12.60
C PHE C 150 -28.26 -22.43 -11.97
N ASN C 151 -27.85 -21.35 -12.65
CA ASN C 151 -26.67 -20.60 -12.26
C ASN C 151 -26.83 -19.96 -10.88
N LEU C 152 -26.05 -20.43 -9.91
CA LEU C 152 -26.05 -19.88 -8.56
C LEU C 152 -24.89 -18.95 -8.31
N GLN C 153 -24.19 -18.52 -9.35
CA GLN C 153 -23.08 -17.59 -9.14
C GLN C 153 -23.47 -16.14 -9.38
N GLU C 154 -24.41 -15.88 -10.28
CA GLU C 154 -24.84 -14.51 -10.52
C GLU C 154 -26.23 -14.30 -9.93
N PRO C 155 -26.41 -13.26 -9.10
CA PRO C 155 -27.70 -13.10 -8.40
C PRO C 155 -28.86 -12.77 -9.31
N TYR C 156 -28.61 -12.40 -10.56
CA TYR C 156 -29.69 -12.25 -11.52
C TYR C 156 -30.55 -13.51 -11.57
N PHE C 157 -29.93 -14.69 -11.43
CA PHE C 157 -30.67 -15.95 -11.53
C PHE C 157 -31.29 -16.38 -10.21
N THR C 158 -30.67 -16.04 -9.07
CA THR C 158 -31.24 -16.40 -7.78
C THR C 158 -32.23 -15.37 -7.25
N TRP C 159 -32.22 -14.16 -7.80
CA TRP C 159 -33.11 -13.11 -7.31
C TRP C 159 -34.62 -13.43 -7.38
N PRO C 160 -35.16 -14.06 -8.44
CA PRO C 160 -36.62 -14.27 -8.47
C PRO C 160 -37.16 -14.96 -7.25
N LEU C 161 -36.36 -15.83 -6.61
CA LEU C 161 -36.81 -16.50 -5.39
C LEU C 161 -36.58 -15.62 -4.16
N ILE C 162 -35.47 -14.88 -4.14
CA ILE C 162 -35.18 -13.99 -3.02
C ILE C 162 -36.17 -12.84 -2.93
N ALA C 163 -36.78 -12.46 -4.05
CA ALA C 163 -37.75 -11.35 -4.06
C ALA C 163 -39.20 -11.79 -3.89
N ALA C 164 -39.51 -13.08 -4.07
CA ALA C 164 -40.91 -13.50 -4.11
C ALA C 164 -41.65 -13.12 -2.83
N ASP C 165 -41.06 -13.40 -1.67
CA ASP C 165 -41.73 -13.19 -0.39
C ASP C 165 -41.48 -11.79 0.16
N GLY C 166 -40.97 -10.86 -0.65
CA GLY C 166 -40.92 -9.48 -0.22
C GLY C 166 -39.59 -8.77 -0.38
N GLY C 167 -38.65 -9.38 -1.11
CA GLY C 167 -37.41 -8.71 -1.42
C GLY C 167 -37.57 -7.65 -2.51
N TYR C 168 -36.67 -6.67 -2.48
CA TYR C 168 -36.62 -5.70 -3.56
C TYR C 168 -35.26 -5.02 -3.55
N ALA C 169 -34.90 -4.48 -4.71
CA ALA C 169 -33.59 -3.82 -4.83
C ALA C 169 -33.63 -2.42 -4.21
N PHE C 170 -34.29 -1.48 -4.87
CA PHE C 170 -34.50 -0.13 -4.34
C PHE C 170 -35.97 0.22 -4.43
N LYS C 171 -36.53 0.75 -3.35
CA LYS C 171 -37.96 1.05 -3.33
C LYS C 171 -38.28 2.18 -4.31
N TYR C 172 -39.35 1.98 -5.08
CA TYR C 172 -39.79 2.91 -6.13
C TYR C 172 -41.06 3.62 -5.70
N ALA C 173 -40.97 4.91 -5.37
CA ALA C 173 -42.16 5.73 -5.16
C ALA C 173 -41.95 7.08 -5.81
N ALA C 174 -43.07 7.70 -6.23
CA ALA C 174 -43.07 9.06 -6.79
C ALA C 174 -42.23 9.20 -8.05
N GLY C 175 -41.97 8.10 -8.76
CA GLY C 175 -41.18 8.18 -9.97
C GLY C 175 -39.68 8.18 -9.74
N LYS C 176 -39.23 7.97 -8.50
CA LYS C 176 -37.81 7.93 -8.17
C LYS C 176 -37.50 6.72 -7.30
N TYR C 177 -36.28 6.22 -7.45
CA TYR C 177 -35.78 5.13 -6.62
C TYR C 177 -35.08 5.73 -5.41
N ASP C 178 -35.56 5.37 -4.22
CA ASP C 178 -34.91 5.77 -2.99
C ASP C 178 -33.67 4.91 -2.81
N ILE C 179 -32.49 5.51 -2.86
CA ILE C 179 -31.26 4.71 -2.83
C ILE C 179 -30.88 4.29 -1.41
N LYS C 180 -31.42 4.92 -0.38
CA LYS C 180 -31.19 4.47 0.98
C LYS C 180 -32.35 3.63 1.52
N ASP C 181 -33.06 2.93 0.63
CA ASP C 181 -34.20 2.08 0.98
C ASP C 181 -34.03 0.85 0.10
N VAL C 182 -33.27 -0.12 0.60
CA VAL C 182 -33.02 -1.38 -0.09
C VAL C 182 -33.71 -2.50 0.68
N GLY C 183 -34.19 -3.49 -0.07
CA GLY C 183 -35.02 -4.52 0.52
C GLY C 183 -34.41 -5.91 0.42
N VAL C 184 -33.14 -6.05 0.82
CA VAL C 184 -32.50 -7.36 0.86
C VAL C 184 -32.33 -7.86 2.28
N ASP C 185 -32.71 -7.07 3.28
CA ASP C 185 -32.61 -7.50 4.66
C ASP C 185 -33.97 -7.83 5.26
N ASN C 186 -35.05 -7.66 4.51
CA ASN C 186 -36.35 -7.90 5.09
C ASN C 186 -36.61 -9.41 5.22
N ALA C 187 -37.67 -9.74 5.96
CA ALA C 187 -37.99 -11.14 6.27
C ALA C 187 -38.24 -11.96 5.00
N GLY C 188 -38.78 -11.33 3.95
CA GLY C 188 -39.06 -12.07 2.73
C GLY C 188 -37.80 -12.50 2.00
N ALA C 189 -36.81 -11.61 1.95
CA ALA C 189 -35.52 -11.98 1.36
C ALA C 189 -34.84 -13.07 2.17
N LYS C 190 -34.85 -12.95 3.50
CA LYS C 190 -34.28 -14.01 4.34
C LYS C 190 -34.98 -15.34 4.11
N ALA C 191 -36.31 -15.33 3.93
CA ALA C 191 -37.01 -16.58 3.68
C ALA C 191 -36.60 -17.20 2.35
N GLY C 192 -36.50 -16.38 1.29
CA GLY C 192 -36.13 -16.89 -0.01
C GLY C 192 -34.70 -17.41 -0.06
N LEU C 193 -33.75 -16.66 0.52
CA LEU C 193 -32.37 -17.12 0.48
C LEU C 193 -32.18 -18.33 1.35
N THR C 194 -32.90 -18.40 2.48
CA THR C 194 -32.82 -19.58 3.33
C THR C 194 -33.36 -20.81 2.61
N PHE C 195 -34.44 -20.65 1.84
CA PHE C 195 -34.92 -21.77 1.07
C PHE C 195 -33.89 -22.18 0.02
N LEU C 196 -33.23 -21.20 -0.59
CA LEU C 196 -32.24 -21.54 -1.61
C LEU C 196 -31.02 -22.16 -0.95
N VAL C 197 -30.60 -21.65 0.21
CA VAL C 197 -29.52 -22.26 0.96
C VAL C 197 -29.90 -23.67 1.40
N ASP C 198 -31.16 -23.87 1.78
CA ASP C 198 -31.58 -25.20 2.24
C ASP C 198 -31.48 -26.24 1.12
N LEU C 199 -31.85 -25.88 -0.10
CA LEU C 199 -31.65 -26.79 -1.24
C LEU C 199 -30.21 -27.27 -1.31
N ILE C 200 -29.25 -26.41 -0.98
CA ILE C 200 -27.84 -26.77 -1.09
C ILE C 200 -27.41 -27.66 0.07
N LYS C 201 -27.89 -27.37 1.29
CA LYS C 201 -27.55 -28.22 2.43
C LYS C 201 -28.22 -29.59 2.37
N ASN C 202 -29.31 -29.73 1.61
CA ASN C 202 -29.95 -31.03 1.44
C ASN C 202 -29.53 -31.71 0.15
N LYS C 203 -28.42 -31.28 -0.43
CA LYS C 203 -27.84 -31.87 -1.65
C LYS C 203 -28.86 -32.01 -2.78
N HIS C 204 -29.80 -31.07 -2.87
CA HIS C 204 -30.65 -30.97 -4.05
C HIS C 204 -30.04 -30.08 -5.11
N MET C 205 -29.06 -29.25 -4.74
CA MET C 205 -28.30 -28.43 -5.65
C MET C 205 -26.90 -28.28 -5.08
N ASN C 206 -25.95 -27.95 -5.95
CA ASN C 206 -24.56 -27.79 -5.54
C ASN C 206 -24.16 -26.32 -5.66
N ALA C 207 -23.43 -25.84 -4.66
CA ALA C 207 -23.13 -24.41 -4.55
C ALA C 207 -22.23 -23.92 -5.66
N ASP C 208 -21.62 -24.83 -6.41
CA ASP C 208 -20.65 -24.46 -7.43
C ASP C 208 -21.26 -24.38 -8.83
N THR C 209 -22.56 -24.60 -8.98
CA THR C 209 -23.16 -24.57 -10.30
C THR C 209 -23.11 -23.18 -10.89
N ASP C 210 -22.59 -23.07 -12.11
CA ASP C 210 -22.52 -21.81 -12.85
C ASP C 210 -23.34 -21.95 -14.14
N TYR C 211 -23.27 -20.92 -15.00
CA TYR C 211 -24.12 -20.91 -16.19
C TYR C 211 -23.80 -22.09 -17.10
N SER C 212 -22.52 -22.36 -17.31
CA SER C 212 -22.08 -23.46 -18.19
C SER C 212 -22.51 -24.82 -17.64
N ILE C 213 -22.16 -25.12 -16.39
CA ILE C 213 -22.51 -26.40 -15.78
C ILE C 213 -24.01 -26.67 -15.88
N ALA C 214 -24.82 -25.65 -15.60
CA ALA C 214 -26.27 -25.83 -15.61
C ALA C 214 -26.81 -25.97 -17.02
N GLU C 215 -26.29 -25.17 -17.96
CA GLU C 215 -26.77 -25.26 -19.33
C GLU C 215 -26.41 -26.61 -19.96
N ALA C 216 -25.18 -27.10 -19.70
CA ALA C 216 -24.78 -28.42 -20.15
C ALA C 216 -25.68 -29.50 -19.55
N ALA C 217 -25.89 -29.45 -18.24
CA ALA C 217 -26.69 -30.46 -17.55
C ALA C 217 -28.08 -30.55 -18.16
N PHE C 218 -28.75 -29.42 -18.38
CA PHE C 218 -30.10 -29.48 -18.91
C PHE C 218 -30.09 -29.95 -20.36
N ASN C 219 -29.15 -29.47 -21.16
CA ASN C 219 -29.19 -29.81 -22.58
C ASN C 219 -28.73 -31.23 -22.84
N LYS C 220 -28.03 -31.87 -21.90
CA LYS C 220 -27.67 -33.28 -22.04
C LYS C 220 -28.65 -34.20 -21.32
N GLY C 221 -29.77 -33.68 -20.85
CA GLY C 221 -30.83 -34.49 -20.26
C GLY C 221 -30.58 -34.94 -18.83
N GLU C 222 -29.56 -34.41 -18.15
CA GLU C 222 -29.23 -34.84 -16.80
C GLU C 222 -30.07 -34.17 -15.71
N THR C 223 -30.84 -33.14 -16.06
CA THR C 223 -31.65 -32.40 -15.10
C THR C 223 -33.02 -32.18 -15.70
N ALA C 224 -34.03 -32.07 -14.82
CA ALA C 224 -35.40 -31.93 -15.29
C ALA C 224 -35.77 -30.49 -15.57
N MET C 225 -35.14 -29.53 -14.88
CA MET C 225 -35.55 -28.13 -14.98
C MET C 225 -34.34 -27.22 -14.93
N THR C 226 -34.45 -26.08 -15.62
CA THR C 226 -33.49 -24.99 -15.43
C THR C 226 -34.23 -23.66 -15.43
N ILE C 227 -33.50 -22.60 -15.07
CA ILE C 227 -34.01 -21.24 -15.07
C ILE C 227 -33.14 -20.43 -16.02
N ASN C 228 -33.75 -19.91 -17.08
CA ASN C 228 -32.97 -19.17 -18.07
C ASN C 228 -33.92 -18.34 -18.92
N GLY C 229 -33.34 -17.41 -19.68
CA GLY C 229 -34.10 -16.50 -20.51
C GLY C 229 -34.19 -16.97 -21.95
N PRO C 230 -34.84 -16.18 -22.81
CA PRO C 230 -35.01 -16.61 -24.21
C PRO C 230 -33.71 -16.70 -25.01
N TRP C 231 -32.59 -16.17 -24.50
CA TRP C 231 -31.33 -16.32 -25.21
C TRP C 231 -30.87 -17.77 -25.28
N ALA C 232 -31.28 -18.60 -24.32
CA ALA C 232 -30.81 -19.97 -24.24
C ALA C 232 -31.67 -20.96 -25.01
N TRP C 233 -32.82 -20.52 -25.54
CA TRP C 233 -33.70 -21.41 -26.29
C TRP C 233 -33.02 -21.97 -27.53
N SER C 234 -32.08 -21.22 -28.10
CA SER C 234 -31.42 -21.66 -29.32
C SER C 234 -30.58 -22.92 -29.10
N ASN C 235 -29.80 -22.95 -28.02
CA ASN C 235 -28.97 -24.14 -27.76
C ASN C 235 -29.82 -25.33 -27.33
N ILE C 236 -30.99 -25.11 -26.73
CA ILE C 236 -31.82 -26.25 -26.39
C ILE C 236 -32.46 -26.82 -27.64
N ASP C 237 -32.65 -25.98 -28.67
CA ASP C 237 -33.13 -26.46 -29.97
C ASP C 237 -32.14 -27.42 -30.60
N THR C 238 -30.85 -27.03 -30.62
CA THR C 238 -29.80 -27.88 -31.18
C THR C 238 -29.75 -29.25 -30.51
N SER C 239 -29.87 -29.29 -29.18
CA SER C 239 -29.86 -30.54 -28.46
C SER C 239 -31.15 -31.33 -28.73
N ALA C 240 -31.11 -32.61 -28.36
CA ALA C 240 -32.23 -33.51 -28.61
C ALA C 240 -33.36 -33.36 -27.59
N VAL C 241 -33.24 -32.40 -26.66
CA VAL C 241 -34.19 -32.30 -25.56
C VAL C 241 -35.48 -31.65 -26.04
N ASN C 242 -36.61 -32.27 -25.70
CA ASN C 242 -37.92 -31.70 -25.94
C ASN C 242 -38.34 -30.96 -24.68
N TYR C 243 -38.47 -29.64 -24.77
CA TYR C 243 -38.61 -28.80 -23.59
C TYR C 243 -39.84 -27.92 -23.70
N GLY C 244 -40.27 -27.44 -22.54
CA GLY C 244 -41.30 -26.44 -22.46
C GLY C 244 -40.83 -25.32 -21.56
N VAL C 245 -41.48 -24.17 -21.70
CA VAL C 245 -41.15 -22.97 -20.94
C VAL C 245 -42.42 -22.57 -20.21
N THR C 246 -42.29 -22.22 -18.93
CA THR C 246 -43.50 -21.95 -18.15
C THR C 246 -43.17 -21.01 -17.00
N VAL C 247 -44.22 -20.67 -16.23
CA VAL C 247 -44.11 -19.75 -15.11
C VAL C 247 -43.10 -20.24 -14.08
N LEU C 248 -42.41 -19.29 -13.45
CA LEU C 248 -41.55 -19.69 -12.35
C LEU C 248 -42.41 -20.18 -11.19
N PRO C 249 -41.89 -21.10 -10.40
CA PRO C 249 -42.66 -21.60 -9.26
C PRO C 249 -42.94 -20.50 -8.25
N THR C 250 -44.08 -20.60 -7.60
CA THR C 250 -44.35 -19.71 -6.48
C THR C 250 -43.47 -20.07 -5.29
N PHE C 251 -43.36 -19.13 -4.36
CA PHE C 251 -42.73 -19.43 -3.08
C PHE C 251 -43.59 -18.80 -2.01
N LYS C 252 -43.95 -19.60 -1.00
CA LYS C 252 -44.90 -19.20 0.03
C LYS C 252 -46.15 -18.60 -0.60
N GLY C 253 -46.56 -19.16 -1.74
CA GLY C 253 -47.76 -18.76 -2.42
C GLY C 253 -47.64 -17.54 -3.29
N GLN C 254 -46.50 -16.86 -3.30
CA GLN C 254 -46.40 -15.68 -4.14
C GLN C 254 -45.46 -15.92 -5.30
N PRO C 255 -45.62 -15.17 -6.40
CA PRO C 255 -44.84 -15.44 -7.60
C PRO C 255 -43.38 -15.13 -7.39
N SER C 256 -42.53 -15.89 -8.07
CA SER C 256 -41.15 -15.47 -8.21
C SER C 256 -41.11 -14.21 -9.06
N LYS C 257 -40.28 -13.23 -8.65
CA LYS C 257 -40.17 -11.97 -9.37
C LYS C 257 -38.81 -11.87 -10.05
N PRO C 258 -38.69 -12.32 -11.29
CA PRO C 258 -37.47 -12.06 -12.03
C PRO C 258 -37.35 -10.58 -12.37
N PHE C 259 -36.12 -10.14 -12.59
CA PHE C 259 -35.90 -8.78 -13.05
C PHE C 259 -36.28 -8.68 -14.52
N VAL C 260 -37.01 -7.63 -14.87
CA VAL C 260 -37.50 -7.44 -16.23
C VAL C 260 -36.63 -6.42 -16.93
N GLY C 261 -36.21 -6.73 -18.14
CA GLY C 261 -35.48 -5.77 -18.93
C GLY C 261 -36.28 -5.43 -20.18
N VAL C 262 -36.37 -4.15 -20.50
CA VAL C 262 -37.19 -3.67 -21.61
C VAL C 262 -36.27 -3.01 -22.60
N LEU C 263 -36.25 -3.55 -23.82
CA LEU C 263 -35.52 -2.92 -24.90
C LEU C 263 -36.35 -1.73 -25.40
N SER C 264 -35.71 -0.56 -25.45
CA SER C 264 -36.41 0.70 -25.61
C SER C 264 -35.74 1.51 -26.70
N ALA C 265 -36.51 2.45 -27.27
CA ALA C 265 -36.03 3.34 -28.32
C ALA C 265 -36.11 4.77 -27.80
N GLY C 266 -34.96 5.38 -27.49
CA GLY C 266 -34.90 6.75 -27.04
C GLY C 266 -34.50 7.71 -28.15
N ILE C 267 -34.80 9.00 -27.94
CA ILE C 267 -34.50 10.01 -28.94
C ILE C 267 -33.48 10.99 -28.35
N ASN C 268 -32.47 11.33 -29.16
CA ASN C 268 -31.36 12.16 -28.73
C ASN C 268 -31.83 13.58 -28.42
N ALA C 269 -31.49 14.06 -27.22
CA ALA C 269 -31.85 15.41 -26.81
C ALA C 269 -31.23 16.47 -27.71
N ALA C 270 -30.15 16.15 -28.43
CA ALA C 270 -29.50 17.06 -29.35
C ALA C 270 -29.94 16.83 -30.80
N SER C 271 -30.96 16.02 -31.02
CA SER C 271 -31.48 15.79 -32.35
C SER C 271 -32.34 16.98 -32.79
N PRO C 272 -32.17 17.47 -34.02
CA PRO C 272 -33.10 18.47 -34.55
C PRO C 272 -34.37 17.88 -35.12
N ASN C 273 -34.44 16.56 -35.26
CA ASN C 273 -35.56 15.90 -35.91
C ASN C 273 -36.41 15.16 -34.89
N LYS C 274 -36.55 15.73 -33.69
CA LYS C 274 -37.18 14.97 -32.62
C LYS C 274 -38.61 14.55 -32.96
N GLU C 275 -39.50 15.36 -33.55
CA GLU C 275 -40.64 14.44 -33.76
C GLU C 275 -40.75 13.92 -35.18
N LEU C 276 -39.80 14.18 -36.04
CA LEU C 276 -39.82 13.33 -37.22
C LEU C 276 -39.38 11.92 -36.86
N ALA C 277 -38.54 11.79 -35.84
CA ALA C 277 -38.18 10.47 -35.33
C ALA C 277 -39.37 9.76 -34.68
N LYS C 278 -40.21 10.52 -33.93
CA LYS C 278 -41.22 9.84 -33.10
C LYS C 278 -42.44 9.39 -33.91
N GLU C 279 -42.69 9.96 -35.10
CA GLU C 279 -43.73 9.41 -35.94
C GLU C 279 -43.25 8.12 -36.60
N PHE C 280 -41.94 8.01 -36.79
CA PHE C 280 -41.38 6.74 -37.26
C PHE C 280 -41.60 5.65 -36.22
N LEU C 281 -41.36 5.95 -34.95
CA LEU C 281 -41.50 4.93 -33.91
C LEU C 281 -42.97 4.61 -33.64
N GLU C 282 -43.80 5.64 -33.44
CA GLU C 282 -45.18 5.40 -33.02
C GLU C 282 -46.03 4.80 -34.15
N ASN C 283 -45.86 5.28 -35.38
CA ASN C 283 -46.80 4.98 -36.44
C ASN C 283 -46.26 4.06 -37.51
N TYR C 284 -44.96 3.78 -37.52
CA TYR C 284 -44.37 2.88 -38.52
C TYR C 284 -43.70 1.67 -37.92
N LEU C 285 -42.96 1.82 -36.81
CA LEU C 285 -42.33 0.65 -36.20
C LEU C 285 -43.21 0.00 -35.14
N LEU C 286 -43.73 0.78 -34.18
CA LEU C 286 -44.58 0.21 -33.13
C LEU C 286 -45.99 -0.01 -33.67
N THR C 287 -46.03 -0.87 -34.70
CA THR C 287 -47.23 -1.31 -35.39
C THR C 287 -47.13 -2.83 -35.50
N ASP C 288 -48.24 -3.48 -35.82
CA ASP C 288 -48.14 -4.93 -36.05
C ASP C 288 -47.27 -5.25 -37.25
N GLU C 289 -47.43 -4.47 -38.34
CA GLU C 289 -46.67 -4.73 -39.56
C GLU C 289 -45.18 -4.46 -39.37
N GLY C 290 -44.82 -3.31 -38.80
CA GLY C 290 -43.41 -2.95 -38.71
C GLY C 290 -42.66 -3.75 -37.66
N LEU C 291 -43.35 -4.16 -36.59
CA LEU C 291 -42.72 -4.99 -35.57
C LEU C 291 -42.47 -6.42 -36.07
N GLU C 292 -43.25 -6.89 -37.03
CA GLU C 292 -43.02 -8.23 -37.57
C GLU C 292 -41.81 -8.25 -38.49
N ALA C 293 -41.49 -7.12 -39.13
CA ALA C 293 -40.31 -7.07 -39.99
C ALA C 293 -39.04 -7.27 -39.19
N VAL C 294 -38.99 -6.76 -37.96
CA VAL C 294 -37.80 -6.95 -37.16
C VAL C 294 -37.77 -8.36 -36.55
N ASN C 295 -38.93 -8.90 -36.17
CA ASN C 295 -38.94 -10.21 -35.53
C ASN C 295 -38.63 -11.33 -36.50
N LYS C 296 -39.00 -11.17 -37.77
CA LYS C 296 -38.68 -12.19 -38.75
C LYS C 296 -37.20 -12.19 -39.13
N ASP C 297 -36.47 -11.11 -38.85
CA ASP C 297 -35.03 -11.10 -39.06
C ASP C 297 -34.32 -11.83 -37.91
N LYS C 298 -34.52 -11.33 -36.67
CA LYS C 298 -34.17 -12.03 -35.45
C LYS C 298 -35.29 -11.75 -34.45
N PRO C 299 -35.79 -12.78 -33.77
CA PRO C 299 -36.99 -12.61 -32.94
C PRO C 299 -36.74 -11.68 -31.77
N LEU C 300 -37.73 -10.81 -31.52
CA LEU C 300 -37.69 -9.90 -30.38
C LEU C 300 -38.09 -10.56 -29.07
N GLY C 301 -38.63 -11.77 -29.11
CA GLY C 301 -39.17 -12.35 -27.89
C GLY C 301 -40.55 -11.83 -27.69
N ALA C 302 -40.83 -11.34 -26.48
CA ALA C 302 -42.12 -10.73 -26.16
C ALA C 302 -42.00 -9.23 -26.34
N VAL C 303 -43.06 -8.61 -26.87
CA VAL C 303 -43.02 -7.19 -27.21
C VAL C 303 -44.06 -6.42 -26.39
N ALA C 304 -43.86 -5.10 -26.32
CA ALA C 304 -44.70 -4.28 -25.45
C ALA C 304 -46.05 -3.93 -26.07
N LEU C 305 -46.13 -3.93 -27.39
CA LEU C 305 -47.36 -3.57 -28.10
C LEU C 305 -48.35 -4.72 -28.03
N LYS C 306 -49.54 -4.49 -27.46
CA LYS C 306 -50.44 -5.60 -27.16
C LYS C 306 -50.88 -6.35 -28.41
N SER C 307 -51.22 -5.63 -29.48
CA SER C 307 -51.77 -6.27 -30.67
C SER C 307 -50.83 -7.33 -31.23
N TYR C 308 -49.52 -7.04 -31.31
CA TYR C 308 -48.59 -8.01 -31.86
C TYR C 308 -48.17 -9.06 -30.83
N GLU C 309 -48.25 -8.74 -29.54
CA GLU C 309 -47.94 -9.72 -28.50
C GLU C 309 -48.96 -10.85 -28.50
N GLU C 310 -50.23 -10.56 -28.80
CA GLU C 310 -51.24 -11.60 -28.76
C GLU C 310 -51.15 -12.58 -29.93
N GLU C 311 -50.41 -12.25 -30.99
CA GLU C 311 -50.10 -13.30 -31.97
C GLU C 311 -48.77 -13.99 -31.68
N LEU C 312 -47.79 -13.28 -31.14
CA LEU C 312 -46.55 -13.95 -30.75
C LEU C 312 -46.78 -14.85 -29.56
N ALA C 313 -47.67 -14.45 -28.65
CA ALA C 313 -47.97 -15.27 -27.48
C ALA C 313 -48.80 -16.50 -27.85
N LYS C 314 -49.08 -16.71 -29.15
CA LYS C 314 -49.64 -18.00 -29.57
C LYS C 314 -48.59 -19.08 -29.40
N ASP C 315 -47.32 -18.70 -29.28
CA ASP C 315 -46.17 -19.51 -28.88
C ASP C 315 -46.12 -19.55 -27.36
N PRO C 316 -46.41 -20.69 -26.74
CA PRO C 316 -46.41 -20.75 -25.27
C PRO C 316 -45.12 -20.26 -24.63
N ARG C 317 -43.99 -20.41 -25.33
CA ARG C 317 -42.72 -19.92 -24.79
C ARG C 317 -42.75 -18.40 -24.57
N ILE C 318 -43.28 -17.66 -25.54
CA ILE C 318 -43.28 -16.21 -25.42
C ILE C 318 -44.35 -15.75 -24.43
N ALA C 319 -45.52 -16.41 -24.45
CA ALA C 319 -46.56 -16.12 -23.47
C ALA C 319 -46.02 -16.33 -22.05
N ALA C 320 -45.20 -17.35 -21.85
CA ALA C 320 -44.61 -17.59 -20.54
C ALA C 320 -43.65 -16.47 -20.16
N THR C 321 -42.81 -16.03 -21.11
CA THR C 321 -41.88 -14.96 -20.81
C THR C 321 -42.62 -13.71 -20.35
N MET C 322 -43.75 -13.40 -21.02
CA MET C 322 -44.52 -12.22 -20.65
C MET C 322 -45.17 -12.39 -19.29
N GLU C 323 -45.80 -13.54 -19.06
CA GLU C 323 -46.38 -13.81 -17.75
C GLU C 323 -45.36 -13.64 -16.64
N ASN C 324 -44.15 -14.16 -16.85
CA ASN C 324 -43.10 -14.01 -15.86
C ASN C 324 -42.67 -12.57 -15.72
N ALA C 325 -42.71 -11.80 -16.81
CA ALA C 325 -42.34 -10.39 -16.74
C ALA C 325 -43.40 -9.56 -16.02
N GLN C 326 -44.69 -9.81 -16.27
CA GLN C 326 -45.73 -9.06 -15.58
C GLN C 326 -45.75 -9.35 -14.08
N LYS C 327 -45.31 -10.54 -13.68
CA LYS C 327 -45.19 -10.90 -12.27
C LYS C 327 -43.89 -10.41 -11.65
N GLY C 328 -42.95 -9.90 -12.44
CA GLY C 328 -41.62 -9.59 -11.96
C GLY C 328 -41.42 -8.14 -11.59
N GLU C 329 -40.15 -7.76 -11.48
CA GLU C 329 -39.72 -6.46 -11.01
C GLU C 329 -38.95 -5.77 -12.12
N ILE C 330 -39.32 -4.52 -12.40
CA ILE C 330 -38.59 -3.76 -13.39
C ILE C 330 -37.20 -3.47 -12.86
N MET C 331 -36.19 -3.72 -13.68
CA MET C 331 -34.83 -3.42 -13.26
C MET C 331 -34.66 -1.92 -13.13
N PRO C 332 -34.23 -1.41 -11.97
CA PRO C 332 -34.09 0.03 -11.81
C PRO C 332 -33.06 0.59 -12.77
N ASN C 333 -33.38 1.76 -13.33
CA ASN C 333 -32.56 2.39 -14.37
C ASN C 333 -31.52 3.34 -13.79
N ILE C 334 -31.22 3.22 -12.49
CA ILE C 334 -30.24 4.10 -11.86
C ILE C 334 -28.88 3.42 -11.90
N PRO C 335 -27.79 4.18 -11.77
CA PRO C 335 -26.45 3.55 -11.80
C PRO C 335 -26.10 2.78 -10.52
N GLN C 336 -26.72 3.09 -9.39
CA GLN C 336 -26.48 2.43 -8.10
C GLN C 336 -26.84 0.95 -8.11
N MET C 337 -27.39 0.46 -9.22
CA MET C 337 -27.67 -0.96 -9.38
C MET C 337 -26.39 -1.79 -9.42
N SER C 338 -25.27 -1.18 -9.82
CA SER C 338 -24.01 -1.91 -9.81
C SER C 338 -23.54 -2.19 -8.39
N ALA C 339 -23.65 -1.22 -7.48
CA ALA C 339 -23.27 -1.48 -6.10
C ALA C 339 -24.16 -2.56 -5.51
N PHE C 340 -25.43 -2.60 -5.92
CA PHE C 340 -26.37 -3.61 -5.45
C PHE C 340 -25.94 -5.01 -5.88
N TRP C 341 -25.63 -5.19 -7.17
CA TRP C 341 -25.22 -6.51 -7.67
C TRP C 341 -23.98 -7.01 -6.94
N TYR C 342 -23.03 -6.12 -6.68
CA TYR C 342 -21.80 -6.47 -5.98
C TYR C 342 -22.09 -7.00 -4.58
N ALA C 343 -22.94 -6.29 -3.84
CA ALA C 343 -23.24 -6.68 -2.46
C ALA C 343 -24.04 -7.98 -2.43
N VAL C 344 -25.03 -8.10 -3.31
CA VAL C 344 -25.91 -9.27 -3.33
C VAL C 344 -25.16 -10.49 -3.84
N ARG C 345 -24.24 -10.31 -4.80
CA ARG C 345 -23.46 -11.45 -5.27
C ARG C 345 -22.57 -12.02 -4.19
N THR C 346 -21.89 -11.16 -3.43
CA THR C 346 -21.13 -11.65 -2.28
C THR C 346 -22.04 -12.42 -1.33
N ALA C 347 -23.26 -11.92 -1.11
CA ALA C 347 -24.14 -12.49 -0.10
C ALA C 347 -24.60 -13.90 -0.48
N VAL C 348 -25.06 -14.08 -1.73
CA VAL C 348 -25.49 -15.40 -2.16
C VAL C 348 -24.32 -16.37 -2.17
N ILE C 349 -23.16 -15.93 -2.67
CA ILE C 349 -21.94 -16.75 -2.61
C ILE C 349 -21.71 -17.18 -1.16
N ASN C 350 -21.74 -16.21 -0.24
CA ASN C 350 -21.36 -16.48 1.14
C ASN C 350 -22.37 -17.35 1.85
N ALA C 351 -23.67 -17.16 1.58
CA ALA C 351 -24.69 -18.00 2.22
C ALA C 351 -24.65 -19.42 1.68
N ALA C 352 -24.44 -19.57 0.37
CA ALA C 352 -24.49 -20.90 -0.25
C ALA C 352 -23.33 -21.79 0.21
N SER C 353 -22.21 -21.19 0.60
CA SER C 353 -21.01 -21.92 0.97
C SER C 353 -20.84 -22.09 2.47
N GLY C 354 -21.61 -21.38 3.30
CA GLY C 354 -21.43 -21.45 4.73
C GLY C 354 -20.52 -20.40 5.31
N ARG C 355 -19.91 -19.54 4.49
CA ARG C 355 -19.05 -18.49 5.02
C ARG C 355 -19.81 -17.59 5.98
N GLN C 356 -21.07 -17.33 5.67
CA GLN C 356 -21.94 -16.53 6.50
C GLN C 356 -23.27 -17.24 6.64
N THR C 357 -23.94 -16.99 7.77
CA THR C 357 -25.34 -17.32 7.87
C THR C 357 -26.13 -16.47 6.88
N VAL C 358 -27.38 -16.89 6.65
CA VAL C 358 -28.28 -16.10 5.83
C VAL C 358 -28.45 -14.70 6.43
N ASP C 359 -28.60 -14.61 7.76
CA ASP C 359 -28.82 -13.29 8.33
C ASP C 359 -27.60 -12.41 8.17
N ALA C 360 -26.41 -12.98 8.32
CA ALA C 360 -25.21 -12.16 8.20
C ALA C 360 -24.96 -11.75 6.75
N ALA C 361 -25.16 -12.68 5.81
CA ALA C 361 -24.98 -12.35 4.41
C ALA C 361 -25.88 -11.20 3.97
N LEU C 362 -27.15 -11.26 4.33
CA LEU C 362 -28.08 -10.23 3.86
C LEU C 362 -27.92 -8.92 4.64
N ALA C 363 -27.55 -8.98 5.92
CA ALA C 363 -27.29 -7.75 6.66
C ALA C 363 -26.07 -7.03 6.09
N ALA C 364 -25.05 -7.78 5.65
CA ALA C 364 -23.88 -7.15 5.02
C ALA C 364 -24.27 -6.55 3.68
N ALA C 365 -25.00 -7.31 2.86
CA ALA C 365 -25.43 -6.79 1.56
C ALA C 365 -26.31 -5.57 1.70
N GLN C 366 -27.12 -5.51 2.76
CA GLN C 366 -27.93 -4.32 3.03
C GLN C 366 -27.06 -3.08 3.17
N THR C 367 -26.01 -3.16 4.01
CA THR C 367 -25.10 -2.03 4.17
C THR C 367 -24.33 -1.74 2.89
N ASN C 368 -23.74 -2.77 2.28
CA ASN C 368 -22.83 -2.54 1.18
C ASN C 368 -23.52 -2.14 -0.11
N ALA C 369 -24.85 -2.22 -0.16
CA ALA C 369 -25.57 -1.91 -1.40
C ALA C 369 -25.56 -0.42 -1.70
N ALA C 370 -25.38 0.44 -0.68
CA ALA C 370 -25.38 1.87 -0.87
C ALA C 370 -23.99 2.49 -0.85
N ARG C 371 -22.95 1.69 -0.59
CA ARG C 371 -21.58 2.15 -0.54
C ARG C 371 -20.91 1.91 -1.90
N ALA C 372 -20.25 2.94 -2.44
CA ALA C 372 -19.60 2.83 -3.75
C ALA C 372 -18.10 2.56 -3.66
N ALA C 373 -17.53 2.43 -2.46
CA ALA C 373 -16.09 2.28 -2.31
C ALA C 373 -15.53 1.10 -3.12
N ALA C 374 -16.18 -0.07 -3.08
CA ALA C 374 -15.60 -1.27 -3.70
C ALA C 374 -15.40 -1.09 -5.19
N GLN C 375 -16.32 -0.39 -5.84
CA GLN C 375 -16.28 -0.11 -7.26
C GLN C 375 -15.07 0.77 -7.59
N LEU C 376 -14.75 1.71 -6.69
CA LEU C 376 -13.60 2.59 -6.90
C LEU C 376 -12.28 1.86 -6.71
N TYR C 377 -12.14 1.09 -5.63
CA TYR C 377 -10.90 0.34 -5.41
C TYR C 377 -10.62 -0.64 -6.55
N ASP C 378 -11.67 -1.17 -7.16
CA ASP C 378 -11.50 -2.04 -8.32
C ASP C 378 -10.92 -1.27 -9.51
N VAL C 379 -11.43 -0.05 -9.74
CA VAL C 379 -10.94 0.76 -10.84
C VAL C 379 -9.45 1.04 -10.70
N MET C 380 -9.03 1.42 -9.48
CA MET C 380 -7.62 1.69 -9.24
C MET C 380 -6.78 0.46 -9.56
N ASP C 381 -7.27 -0.73 -9.20
CA ASP C 381 -6.49 -1.92 -9.45
C ASP C 381 -6.65 -2.45 -10.86
N ALA C 382 -7.47 -1.81 -11.69
CA ALA C 382 -7.55 -2.12 -13.11
C ALA C 382 -6.63 -1.23 -13.96
N VAL C 383 -6.07 -0.18 -13.36
CA VAL C 383 -5.22 0.78 -14.05
C VAL C 383 -3.82 0.69 -13.46
N PRO C 384 -2.77 0.66 -14.28
CA PRO C 384 -1.40 0.57 -13.73
C PRO C 384 -1.06 1.83 -12.96
N ALA C 385 -0.47 1.65 -11.76
CA ALA C 385 -0.28 2.78 -10.85
C ALA C 385 0.54 3.88 -11.47
N ARG C 386 1.43 3.55 -12.40
CA ARG C 386 2.21 4.58 -13.04
C ARG C 386 1.36 5.52 -13.88
N ARG C 387 0.14 5.11 -14.24
CA ARG C 387 -0.74 5.93 -15.05
C ARG C 387 -1.94 6.47 -14.27
N TRP C 388 -1.89 6.45 -12.94
CA TRP C 388 -3.03 6.86 -12.12
C TRP C 388 -3.37 8.35 -12.31
N LYS C 389 -2.35 9.22 -12.20
CA LYS C 389 -2.62 10.65 -12.31
C LYS C 389 -3.07 11.04 -13.71
N GLU C 390 -2.45 10.46 -14.74
CA GLU C 390 -2.90 10.71 -16.11
C GLU C 390 -4.34 10.26 -16.31
N PHE C 391 -4.74 9.17 -15.65
CA PHE C 391 -6.06 8.59 -15.84
C PHE C 391 -7.15 9.54 -15.33
N VAL C 392 -6.97 10.14 -14.16
CA VAL C 392 -8.04 10.99 -13.65
C VAL C 392 -8.00 12.37 -14.28
N ARG C 393 -6.83 12.82 -14.76
CA ARG C 393 -6.80 14.02 -15.61
C ARG C 393 -7.61 13.77 -16.88
N THR C 394 -7.43 12.60 -17.49
CA THR C 394 -8.18 12.24 -18.69
C THR C 394 -9.67 12.11 -18.40
N LEU C 395 -10.02 11.70 -17.18
CA LEU C 395 -11.42 11.58 -16.80
C LEU C 395 -12.11 12.93 -16.82
N GLY C 396 -11.37 14.00 -16.52
CA GLY C 396 -11.96 15.32 -16.48
C GLY C 396 -11.94 15.98 -15.12
N LEU C 397 -11.24 15.38 -14.15
CA LEU C 397 -11.08 16.04 -12.86
C LEU C 397 -10.05 17.15 -12.99
N ARG C 398 -10.41 18.36 -12.59
CA ARG C 398 -9.54 19.50 -12.84
C ARG C 398 -8.41 19.59 -11.81
N GLU C 399 -7.34 20.28 -12.23
CA GLU C 399 -6.10 20.35 -11.44
C GLU C 399 -6.29 21.00 -10.08
N ALA C 400 -7.26 21.91 -9.98
CA ALA C 400 -7.54 22.50 -8.67
C ALA C 400 -7.99 21.45 -7.67
N GLU C 401 -8.84 20.52 -8.10
CA GLU C 401 -9.23 19.43 -7.22
C GLU C 401 -8.06 18.48 -6.98
N ILE C 402 -7.26 18.23 -8.02
CA ILE C 402 -6.08 17.39 -7.87
C ILE C 402 -5.10 18.01 -6.87
N GLU C 403 -4.84 19.31 -7.02
CA GLU C 403 -3.89 19.95 -6.12
C GLU C 403 -4.40 19.95 -4.70
N ALA C 404 -5.73 20.15 -4.54
CA ALA C 404 -6.34 20.12 -3.22
C ALA C 404 -6.16 18.77 -2.55
N VAL C 405 -6.24 17.68 -3.31
CA VAL C 405 -5.97 16.38 -2.73
C VAL C 405 -4.49 16.26 -2.33
N GLU C 406 -3.57 16.66 -3.23
CA GLU C 406 -2.16 16.37 -3.00
C GLU C 406 -1.56 17.13 -1.82
N VAL C 407 -2.03 18.34 -1.53
CA VAL C 407 -1.43 19.11 -0.44
C VAL C 407 -1.76 18.56 0.95
N GLU C 408 -2.93 17.93 1.16
CA GLU C 408 -3.09 17.31 2.45
C GLU C 408 -3.05 15.77 2.51
N ILE C 409 -3.23 15.03 1.41
CA ILE C 409 -3.12 13.57 1.50
C ILE C 409 -1.69 13.16 1.10
N GLY C 410 -1.02 12.41 1.99
CA GLY C 410 0.37 12.06 1.81
C GLY C 410 0.67 10.88 0.90
N ARG C 411 0.08 9.71 1.20
CA ARG C 411 0.45 8.48 0.52
C ARG C 411 -0.21 8.41 -0.86
N PHE C 412 0.45 7.70 -1.78
CA PHE C 412 0.06 7.74 -3.19
C PHE C 412 -1.30 7.06 -3.42
N ARG C 413 -1.50 5.87 -2.88
CA ARG C 413 -2.78 5.20 -3.05
C ARG C 413 -3.93 6.00 -2.45
N ASP C 414 -3.71 6.58 -1.25
CA ASP C 414 -4.74 7.40 -0.62
C ASP C 414 -5.14 8.57 -1.51
N GLN C 415 -4.16 9.21 -2.16
CA GLN C 415 -4.48 10.33 -3.05
C GLN C 415 -5.35 9.88 -4.21
N GLN C 416 -5.02 8.75 -4.82
CA GLN C 416 -5.81 8.28 -5.96
C GLN C 416 -7.25 7.98 -5.55
N TYR C 417 -7.44 7.30 -4.43
CA TYR C 417 -8.81 7.03 -4.00
C TYR C 417 -9.56 8.34 -3.77
N GLU C 418 -8.94 9.28 -3.04
CA GLU C 418 -9.60 10.56 -2.78
C GLU C 418 -9.88 11.33 -4.06
N MET C 419 -8.98 11.24 -5.04
CA MET C 419 -9.23 11.90 -6.31
C MET C 419 -10.40 11.25 -7.03
N LEU C 420 -10.39 9.92 -7.15
CA LEU C 420 -11.48 9.23 -7.82
C LEU C 420 -12.80 9.42 -7.08
N LYS C 421 -12.79 9.37 -5.75
CA LYS C 421 -14.02 9.59 -4.99
C LYS C 421 -14.58 10.97 -5.27
N ARG C 422 -13.75 12.00 -5.17
CA ARG C 422 -14.21 13.36 -5.45
C ARG C 422 -14.65 13.51 -6.91
N TRP C 423 -14.00 12.81 -7.84
CA TRP C 423 -14.43 12.88 -9.24
C TRP C 423 -15.82 12.28 -9.42
N ARG C 424 -16.11 11.16 -8.76
CA ARG C 424 -17.42 10.57 -8.89
C ARG C 424 -18.49 11.41 -8.21
N GLN C 425 -18.11 12.26 -7.26
CA GLN C 425 -19.10 13.13 -6.63
C GLN C 425 -19.51 14.27 -7.55
N GLN C 426 -18.71 14.60 -8.56
CA GLN C 426 -19.09 15.68 -9.46
C GLN C 426 -19.79 15.18 -10.71
N GLN C 427 -19.53 13.94 -11.09
CA GLN C 427 -20.00 13.42 -12.36
C GLN C 427 -20.67 12.07 -12.11
N PRO C 428 -21.96 11.95 -12.35
CA PRO C 428 -22.62 10.66 -12.11
C PRO C 428 -22.27 9.66 -13.21
N ALA C 429 -22.41 8.40 -12.85
CA ALA C 429 -22.31 7.28 -13.77
C ALA C 429 -23.70 7.04 -14.36
N GLY C 430 -23.75 6.37 -15.51
CA GLY C 430 -22.61 5.95 -16.30
C GLY C 430 -22.72 6.33 -17.76
N LEU C 431 -21.91 7.31 -18.16
CA LEU C 431 -21.82 7.74 -19.55
C LEU C 431 -20.61 7.14 -20.25
N GLY C 432 -20.09 6.03 -19.75
CA GLY C 432 -18.91 5.42 -20.33
C GLY C 432 -17.66 6.26 -20.20
N ALA C 433 -17.58 7.09 -19.15
CA ALA C 433 -16.42 7.97 -18.99
C ALA C 433 -15.15 7.18 -18.65
N ILE C 434 -15.23 6.24 -17.70
CA ILE C 434 -14.06 5.44 -17.33
C ILE C 434 -13.57 4.63 -18.53
N TYR C 435 -14.52 4.08 -19.26
CA TYR C 435 -14.21 3.41 -20.54
C TYR C 435 -13.58 4.32 -21.58
N ALA C 436 -14.15 5.48 -21.85
CA ALA C 436 -13.56 6.33 -22.87
C ALA C 436 -12.13 6.77 -22.52
N ALA C 437 -11.84 6.96 -21.24
CA ALA C 437 -10.52 7.47 -20.85
C ALA C 437 -9.42 6.45 -21.13
N LEU C 438 -9.69 5.17 -20.91
CA LEU C 438 -8.65 4.15 -21.06
C LEU C 438 -8.17 4.03 -22.51
N GLU C 439 -9.01 4.36 -23.49
CA GLU C 439 -8.58 4.32 -24.89
C GLU C 439 -7.66 5.46 -25.26
N ARG C 440 -7.86 6.66 -24.71
CA ARG C 440 -6.98 7.75 -25.10
C ARG C 440 -5.61 7.58 -24.47
N MET C 441 -5.47 6.72 -23.47
CA MET C 441 -4.18 6.36 -22.90
C MET C 441 -3.60 5.11 -23.53
N GLY C 442 -4.28 4.48 -24.46
CA GLY C 442 -3.73 3.25 -24.99
C GLY C 442 -3.81 2.09 -24.04
N LEU C 443 -4.79 2.08 -23.14
CA LEU C 443 -5.00 0.96 -22.25
C LEU C 443 -6.35 0.31 -22.52
N GLU C 444 -6.57 -0.13 -23.77
CA GLU C 444 -7.81 -0.83 -24.08
C GLU C 444 -7.86 -2.19 -23.41
N GLY C 445 -6.71 -2.86 -23.30
CA GLY C 445 -6.64 -4.10 -22.54
C GLY C 445 -7.16 -3.92 -21.13
N CYS C 446 -6.77 -2.83 -20.48
CA CYS C 446 -7.35 -2.52 -19.17
C CYS C 446 -8.83 -2.20 -19.27
N ALA C 447 -9.26 -1.61 -20.38
CA ALA C 447 -10.68 -1.28 -20.57
C ALA C 447 -11.53 -2.54 -20.72
N GLU C 448 -11.26 -3.26 -21.82
CA GLU C 448 -11.56 -4.68 -22.01
C GLU C 448 -11.87 -5.41 -20.70
N ASP C 449 -10.85 -5.59 -19.88
CA ASP C 449 -10.94 -6.37 -18.66
C ASP C 449 -11.85 -5.76 -17.59
N LEU C 450 -12.06 -4.44 -17.62
CA LEU C 450 -12.88 -3.81 -16.59
C LEU C 450 -14.37 -3.89 -16.89
N ARG C 451 -14.78 -4.23 -18.12
CA ARG C 451 -16.11 -4.75 -18.32
C ARG C 451 -16.33 -5.98 -17.43
N SER C 452 -15.46 -6.99 -17.58
CA SER C 452 -15.71 -8.31 -17.02
C SER C 452 -15.93 -8.29 -15.50
N LYS D 2 34.86 -0.87 27.57
CA LYS D 2 35.57 -0.70 28.82
C LYS D 2 35.11 -1.72 29.86
N ILE D 3 35.57 -2.95 29.74
CA ILE D 3 35.40 -3.97 30.77
C ILE D 3 36.54 -3.82 31.81
N GLU D 4 36.22 -4.22 33.06
CA GLU D 4 37.09 -4.33 34.26
C GLU D 4 38.12 -5.45 34.09
N GLU D 5 39.43 -5.24 34.42
CA GLU D 5 40.32 -6.42 34.53
C GLU D 5 40.31 -7.15 35.86
N GLY D 6 40.66 -8.42 35.71
CA GLY D 6 41.19 -9.08 36.83
C GLY D 6 39.95 -9.37 37.61
N LYS D 7 38.86 -9.65 36.92
CA LYS D 7 37.64 -9.87 37.67
C LYS D 7 36.74 -10.67 36.74
N LEU D 8 35.77 -11.39 37.34
CA LEU D 8 34.79 -12.16 36.60
C LEU D 8 33.36 -11.62 36.78
N VAL D 9 32.65 -11.44 35.66
CA VAL D 9 31.23 -11.10 35.67
C VAL D 9 30.45 -12.12 34.85
N ILE D 10 29.49 -12.80 35.49
CA ILE D 10 28.70 -13.85 34.84
C ILE D 10 27.27 -13.34 34.64
N TRP D 11 26.69 -13.65 33.49
CA TRP D 11 25.29 -13.38 33.19
C TRP D 11 24.55 -14.69 32.99
N ILE D 12 23.54 -14.94 33.83
CA ILE D 12 22.72 -16.15 33.79
C ILE D 12 21.26 -15.75 33.90
N ASN D 13 20.38 -16.52 33.24
CA ASN D 13 18.96 -16.18 33.24
C ASN D 13 18.34 -16.45 34.61
N GLY D 14 17.25 -15.71 34.90
CA GLY D 14 16.66 -15.73 36.22
C GLY D 14 15.96 -17.03 36.57
N ASP D 15 15.47 -17.77 35.57
CA ASP D 15 14.97 -19.11 35.83
C ASP D 15 16.03 -20.09 36.30
N LYS D 16 17.31 -19.81 36.07
CA LYS D 16 18.37 -20.73 36.44
C LYS D 16 18.80 -20.48 37.90
N GLY D 17 19.54 -21.44 38.46
CA GLY D 17 19.94 -21.36 39.85
C GLY D 17 21.13 -20.44 40.13
N TYR D 18 20.92 -19.12 40.07
CA TYR D 18 22.05 -18.20 40.09
C TYR D 18 22.71 -18.11 41.47
N ASN D 19 21.97 -18.36 42.54
CA ASN D 19 22.61 -18.36 43.87
C ASN D 19 23.60 -19.51 44.02
N GLY D 20 23.23 -20.71 43.55
CA GLY D 20 24.15 -21.83 43.61
C GLY D 20 25.37 -21.62 42.73
N LEU D 21 25.17 -21.02 41.57
CA LEU D 21 26.29 -20.71 40.69
C LEU D 21 27.25 -19.73 41.38
N ALA D 22 26.70 -18.74 42.07
CA ALA D 22 27.53 -17.78 42.77
C ALA D 22 28.42 -18.41 43.86
N GLU D 23 27.99 -19.47 44.55
CA GLU D 23 28.90 -20.02 45.56
C GLU D 23 30.11 -20.73 44.96
N VAL D 24 29.90 -21.51 43.89
CA VAL D 24 31.10 -22.06 43.27
C VAL D 24 31.99 -20.93 42.79
N GLY D 25 31.39 -19.80 42.41
CA GLY D 25 32.12 -18.61 42.01
C GLY D 25 32.78 -17.87 43.17
N LYS D 26 32.25 -18.00 44.40
CA LYS D 26 32.99 -17.48 45.53
C LYS D 26 33.88 -18.53 46.15
N LYS D 27 33.57 -19.81 45.95
CA LYS D 27 34.53 -20.87 46.25
C LYS D 27 35.65 -20.87 45.23
N PHE D 28 35.37 -20.37 44.01
CA PHE D 28 36.44 -20.16 43.05
C PHE D 28 37.40 -19.08 43.54
N GLU D 29 36.87 -18.07 44.23
CA GLU D 29 37.68 -16.95 44.72
C GLU D 29 38.48 -17.31 45.97
N LYS D 30 38.07 -18.40 46.63
CA LYS D 30 38.60 -18.67 47.92
C LYS D 30 39.97 -19.35 47.75
N ASP D 31 40.22 -19.80 46.52
CA ASP D 31 41.47 -20.30 45.93
C ASP D 31 42.17 -19.31 44.98
N THR D 32 41.47 -18.30 44.46
CA THR D 32 42.07 -17.41 43.45
C THR D 32 42.26 -15.99 43.96
N GLY D 33 41.33 -15.44 44.74
CA GLY D 33 41.36 -14.05 45.14
C GLY D 33 40.70 -13.12 44.18
N ILE D 34 40.13 -13.66 43.10
CA ILE D 34 39.37 -12.87 42.16
C ILE D 34 37.88 -13.24 42.28
N LYS D 35 37.06 -12.24 42.62
CA LYS D 35 35.63 -12.36 42.83
C LYS D 35 34.81 -12.39 41.54
N VAL D 36 33.74 -13.18 41.59
CA VAL D 36 32.75 -13.32 40.54
C VAL D 36 31.42 -12.76 41.04
N THR D 37 30.87 -11.85 40.24
CA THR D 37 29.53 -11.30 40.42
C THR D 37 28.64 -11.98 39.40
N VAL D 38 27.62 -12.65 39.88
CA VAL D 38 26.62 -13.30 39.05
C VAL D 38 25.45 -12.36 38.97
N GLU D 39 24.93 -12.16 37.77
CA GLU D 39 23.83 -11.22 37.56
C GLU D 39 22.81 -11.88 36.64
N HIS D 40 21.54 -11.65 36.95
CA HIS D 40 20.43 -12.20 36.17
C HIS D 40 19.60 -11.04 35.62
N PRO D 41 20.13 -10.31 34.65
CA PRO D 41 19.37 -9.22 34.04
C PRO D 41 18.10 -9.72 33.37
N ASP D 42 17.25 -8.77 33.00
CA ASP D 42 16.07 -9.05 32.21
C ASP D 42 16.51 -8.96 30.77
N LYS D 43 15.96 -9.85 29.95
CA LYS D 43 16.32 -9.91 28.55
C LYS D 43 17.85 -9.87 28.30
N LEU D 44 18.59 -10.54 29.21
CA LEU D 44 20.06 -10.62 29.12
C LEU D 44 20.53 -11.00 27.73
N GLU D 45 19.88 -11.98 27.12
CA GLU D 45 20.13 -12.50 25.78
C GLU D 45 20.24 -11.39 24.75
N GLU D 46 19.49 -10.29 24.94
CA GLU D 46 19.46 -9.18 24.00
C GLU D 46 20.33 -8.03 24.44
N LYS D 47 20.54 -7.87 25.75
CA LYS D 47 21.43 -6.83 26.20
C LYS D 47 22.90 -7.22 26.00
N PHE D 48 23.22 -8.52 26.06
CA PHE D 48 24.61 -8.94 25.90
C PHE D 48 25.19 -8.50 24.55
N PRO D 49 24.61 -8.87 23.40
CA PRO D 49 25.23 -8.48 22.12
C PRO D 49 25.26 -6.97 21.90
N GLN D 50 24.41 -6.21 22.59
CA GLN D 50 24.43 -4.76 22.42
C GLN D 50 25.63 -4.17 23.16
N VAL D 51 25.81 -4.55 24.42
CA VAL D 51 26.98 -4.08 25.16
C VAL D 51 28.26 -4.81 24.74
N ALA D 52 28.16 -6.03 24.21
CA ALA D 52 29.36 -6.75 23.82
C ALA D 52 29.92 -6.24 22.50
N ALA D 53 29.07 -5.69 21.63
CA ALA D 53 29.56 -5.08 20.39
C ALA D 53 30.33 -3.80 20.67
N THR D 54 30.00 -3.10 21.75
CA THR D 54 30.82 -1.98 22.22
C THR D 54 32.18 -2.42 22.73
N GLY D 55 32.32 -3.65 23.17
CA GLY D 55 33.47 -4.07 23.93
C GLY D 55 33.28 -4.13 25.43
N ASP D 56 32.02 -4.23 25.89
CA ASP D 56 31.69 -4.32 27.31
C ASP D 56 30.77 -5.53 27.49
N GLY D 57 30.13 -5.61 28.66
CA GLY D 57 29.32 -6.74 29.01
C GLY D 57 30.06 -7.68 29.95
N PRO D 58 29.49 -8.87 30.16
CA PRO D 58 30.07 -9.83 31.10
C PRO D 58 31.22 -10.58 30.45
N ASP D 59 31.94 -11.32 31.27
CA ASP D 59 32.98 -12.19 30.74
C ASP D 59 32.43 -13.55 30.32
N ILE D 60 31.41 -14.05 31.05
CA ILE D 60 30.77 -15.32 30.77
C ILE D 60 29.31 -15.05 30.47
N ILE D 61 28.79 -15.70 29.43
CA ILE D 61 27.38 -15.59 29.07
C ILE D 61 26.80 -16.99 29.10
N PHE D 62 25.73 -17.19 29.86
CA PHE D 62 25.04 -18.47 29.97
C PHE D 62 23.72 -18.39 29.19
N TRP D 63 23.55 -19.25 28.20
CA TRP D 63 22.32 -19.24 27.43
C TRP D 63 22.23 -20.50 26.58
N ALA D 64 21.07 -20.68 25.92
CA ALA D 64 20.86 -21.83 25.05
C ALA D 64 21.78 -21.76 23.83
N HIS D 65 22.24 -22.93 23.37
CA HIS D 65 23.31 -22.99 22.38
C HIS D 65 22.94 -22.37 21.04
N ASP D 66 21.65 -22.34 20.68
CA ASP D 66 21.26 -21.85 19.36
C ASP D 66 21.56 -20.37 19.20
N ARG D 67 21.52 -19.65 20.31
CA ARG D 67 21.66 -18.22 20.44
C ARG D 67 23.12 -17.81 20.29
N PHE D 68 24.05 -18.76 20.48
CA PHE D 68 25.50 -18.55 20.40
C PHE D 68 26.07 -18.55 18.97
N GLY D 69 25.38 -19.17 18.01
CA GLY D 69 25.89 -19.16 16.65
C GLY D 69 25.84 -17.78 16.04
N GLY D 70 24.75 -17.05 16.31
CA GLY D 70 24.70 -15.66 15.89
C GLY D 70 25.76 -14.81 16.55
N TYR D 71 25.99 -15.02 17.84
CA TYR D 71 27.07 -14.32 18.54
C TYR D 71 28.42 -14.61 17.91
N ALA D 72 28.72 -15.90 17.69
CA ALA D 72 30.04 -16.29 17.20
C ALA D 72 30.30 -15.81 15.77
N GLN D 73 29.25 -15.55 14.98
CA GLN D 73 29.45 -15.07 13.62
C GLN D 73 29.82 -13.60 13.61
N SER D 74 29.35 -12.83 14.58
CA SER D 74 29.73 -11.44 14.74
C SER D 74 30.93 -11.29 15.68
N GLY D 75 31.65 -12.39 15.91
CA GLY D 75 32.90 -12.37 16.65
C GLY D 75 32.79 -11.94 18.08
N LEU D 76 31.65 -12.19 18.72
CA LEU D 76 31.46 -11.78 20.10
C LEU D 76 31.87 -12.84 21.11
N LEU D 77 32.23 -14.04 20.65
CA LEU D 77 32.70 -15.10 21.53
C LEU D 77 34.07 -15.60 21.10
N ALA D 78 34.91 -15.84 22.10
CA ALA D 78 36.24 -16.38 21.89
C ALA D 78 36.17 -17.88 21.64
N GLU D 79 37.08 -18.37 20.80
CA GLU D 79 37.19 -19.80 20.63
C GLU D 79 37.70 -20.40 21.93
N ILE D 80 37.11 -21.50 22.34
CA ILE D 80 37.55 -22.17 23.57
C ILE D 80 38.47 -23.31 23.19
N THR D 81 39.35 -23.69 24.11
CA THR D 81 40.44 -24.62 23.80
C THR D 81 40.53 -25.73 24.86
N PRO D 82 39.44 -26.41 25.17
CA PRO D 82 39.53 -27.44 26.21
C PRO D 82 40.39 -28.60 25.77
N ALA D 83 41.17 -29.12 26.73
CA ALA D 83 41.98 -30.31 26.50
C ALA D 83 41.10 -31.48 26.11
N ALA D 84 41.67 -32.39 25.31
CA ALA D 84 40.95 -33.59 24.92
C ALA D 84 40.54 -34.44 26.12
N ALA D 85 41.35 -34.45 27.19
CA ALA D 85 40.97 -35.18 28.40
C ALA D 85 39.72 -34.59 29.05
N PHE D 86 39.66 -33.26 29.11
CA PHE D 86 38.47 -32.61 29.67
C PHE D 86 37.29 -32.76 28.73
N GLN D 87 37.55 -32.67 27.42
CA GLN D 87 36.51 -32.80 26.41
C GLN D 87 35.85 -34.17 26.45
N ASP D 88 36.56 -35.19 26.94
CA ASP D 88 36.04 -36.54 27.03
C ASP D 88 35.11 -36.74 28.23
N LYS D 89 35.02 -35.75 29.11
CA LYS D 89 34.22 -35.87 30.32
C LYS D 89 32.74 -35.61 30.05
N LEU D 90 32.39 -35.08 28.89
CA LEU D 90 31.03 -34.72 28.57
C LEU D 90 30.51 -35.51 27.36
N TYR D 91 29.18 -35.68 27.28
CA TYR D 91 28.61 -36.49 26.22
C TYR D 91 28.97 -35.91 24.85
N PRO D 92 29.38 -36.76 23.89
CA PRO D 92 30.00 -36.22 22.67
C PRO D 92 29.09 -35.32 21.84
N PHE D 93 27.80 -35.65 21.76
CA PHE D 93 26.90 -34.86 20.93
C PHE D 93 26.71 -33.45 21.47
N THR D 94 26.92 -33.24 22.77
CA THR D 94 26.80 -31.89 23.33
C THR D 94 27.84 -30.95 22.72
N TRP D 95 29.04 -31.46 22.41
CA TRP D 95 30.06 -30.62 21.79
C TRP D 95 29.66 -30.20 20.38
N ASP D 96 28.88 -31.03 19.69
CA ASP D 96 28.37 -30.63 18.38
C ASP D 96 27.53 -29.36 18.48
N ALA D 97 26.90 -29.15 19.64
CA ALA D 97 26.01 -28.01 19.82
C ALA D 97 26.74 -26.69 20.02
N VAL D 98 27.99 -26.72 20.48
CA VAL D 98 28.72 -25.48 20.78
C VAL D 98 29.85 -25.30 19.78
N ARG D 99 29.65 -25.77 18.55
CA ARG D 99 30.63 -25.69 17.49
C ARG D 99 30.11 -24.74 16.42
N TYR D 100 31.00 -23.93 15.85
CA TYR D 100 30.64 -22.97 14.81
C TYR D 100 31.86 -22.76 13.92
N ASN D 101 31.71 -23.05 12.63
CA ASN D 101 32.83 -23.07 11.70
C ASN D 101 33.96 -23.92 12.25
N GLY D 102 33.62 -25.11 12.71
CA GLY D 102 34.61 -26.08 13.14
C GLY D 102 35.30 -25.78 14.44
N LYS D 103 35.00 -24.64 15.07
CA LYS D 103 35.67 -24.19 16.28
C LYS D 103 34.69 -24.25 17.44
N LEU D 104 35.17 -24.65 18.62
CA LEU D 104 34.29 -24.65 19.78
C LEU D 104 34.18 -23.24 20.36
N ILE D 105 32.95 -22.86 20.73
CA ILE D 105 32.67 -21.49 21.11
C ILE D 105 31.98 -21.37 22.46
N ALA D 106 31.73 -22.47 23.16
CA ALA D 106 31.07 -22.43 24.46
C ALA D 106 31.22 -23.80 25.14
N TYR D 107 30.93 -23.83 26.48
CA TYR D 107 30.99 -25.06 27.25
C TYR D 107 29.59 -25.60 27.51
N PRO D 108 29.33 -26.87 27.19
CA PRO D 108 28.00 -27.42 27.45
C PRO D 108 27.78 -27.73 28.92
N ILE D 109 26.59 -27.41 29.40
CA ILE D 109 26.28 -27.61 30.82
C ILE D 109 25.07 -28.53 30.98
N ALA D 110 23.94 -28.17 30.37
CA ALA D 110 22.70 -28.92 30.54
C ALA D 110 22.08 -29.26 29.19
N VAL D 111 21.23 -30.30 29.21
CA VAL D 111 20.63 -30.86 27.99
C VAL D 111 19.13 -30.98 28.18
N GLU D 112 18.37 -30.66 27.13
CA GLU D 112 16.95 -30.62 27.42
C GLU D 112 16.20 -31.01 26.16
N ALA D 113 15.18 -31.85 26.30
CA ALA D 113 14.40 -32.27 25.14
C ALA D 113 13.00 -32.70 25.56
N LEU D 114 12.11 -32.78 24.56
CA LEU D 114 10.73 -33.21 24.81
C LEU D 114 10.68 -34.69 25.21
N SER D 115 9.63 -35.03 25.96
CA SER D 115 9.36 -36.41 26.37
C SER D 115 7.86 -36.63 26.38
N LEU D 116 7.46 -37.90 26.50
CA LEU D 116 6.04 -38.25 26.58
C LEU D 116 5.63 -38.29 28.05
N ILE D 117 4.68 -37.44 28.43
CA ILE D 117 4.19 -37.36 29.81
C ILE D 117 2.80 -37.97 29.88
N TYR D 118 2.63 -38.96 30.75
CA TYR D 118 1.41 -39.75 30.82
C TYR D 118 0.88 -39.79 32.24
N ASN D 119 -0.45 -39.81 32.33
CA ASN D 119 -1.19 -39.92 33.59
C ASN D 119 -1.21 -41.39 34.01
N LYS D 120 -0.52 -41.70 35.10
CA LYS D 120 -0.39 -43.10 35.54
C LYS D 120 -1.71 -43.71 36.01
N ASP D 121 -2.68 -42.87 36.40
CA ASP D 121 -3.99 -43.39 36.83
C ASP D 121 -4.87 -43.73 35.64
N LEU D 122 -4.95 -42.85 34.65
CA LEU D 122 -5.75 -43.11 33.47
C LEU D 122 -5.12 -44.10 32.52
N LEU D 123 -3.86 -44.48 32.73
CA LEU D 123 -3.17 -45.24 31.69
C LEU D 123 -1.93 -45.93 32.23
N PRO D 124 -2.02 -47.21 32.59
CA PRO D 124 -0.87 -47.87 33.24
C PRO D 124 0.32 -48.05 32.31
N ASN D 125 0.09 -48.38 31.04
CA ASN D 125 1.16 -48.61 30.07
C ASN D 125 1.05 -47.63 28.91
N PRO D 126 1.93 -46.63 28.82
CA PRO D 126 1.85 -45.67 27.74
C PRO D 126 2.17 -46.35 26.43
N PRO D 127 1.59 -45.90 25.31
CA PRO D 127 1.87 -46.53 24.02
C PRO D 127 3.30 -46.24 23.58
N LYS D 128 3.91 -47.23 22.98
CA LYS D 128 5.25 -47.06 22.49
C LYS D 128 5.29 -46.78 20.98
N THR D 129 4.12 -46.66 20.34
CA THR D 129 4.01 -46.29 18.94
C THR D 129 2.92 -45.25 18.79
N TRP D 130 3.17 -44.29 17.91
CA TRP D 130 2.14 -43.31 17.54
C TRP D 130 0.94 -43.99 16.93
N GLU D 131 1.16 -45.16 16.30
CA GLU D 131 0.08 -45.85 15.59
C GLU D 131 -0.97 -46.40 16.55
N GLU D 132 -0.61 -46.67 17.80
CA GLU D 132 -1.57 -47.17 18.80
C GLU D 132 -2.59 -46.11 19.21
N ILE D 133 -2.28 -44.83 19.04
CA ILE D 133 -3.01 -43.77 19.73
C ILE D 133 -4.45 -43.60 19.23
N PRO D 134 -4.76 -43.72 17.92
CA PRO D 134 -6.18 -43.59 17.53
C PRO D 134 -7.11 -44.60 18.20
N ALA D 135 -6.69 -45.87 18.30
CA ALA D 135 -7.55 -46.88 18.93
C ALA D 135 -7.75 -46.59 20.41
N LEU D 136 -6.69 -46.14 21.10
CA LEU D 136 -6.81 -45.89 22.53
C LEU D 136 -7.53 -44.58 22.81
N ASP D 137 -7.52 -43.64 21.88
CA ASP D 137 -8.31 -42.42 22.05
C ASP D 137 -9.80 -42.71 21.96
N LYS D 138 -10.19 -43.57 21.01
CA LYS D 138 -11.58 -43.99 20.89
C LYS D 138 -12.07 -44.50 22.21
N GLU D 139 -11.18 -45.22 22.89
CA GLU D 139 -11.60 -46.01 24.03
C GLU D 139 -11.81 -45.10 25.23
N LEU D 140 -11.07 -43.98 25.29
CA LEU D 140 -11.18 -42.96 26.35
C LEU D 140 -12.24 -41.91 26.04
N LYS D 141 -12.63 -41.76 24.77
CA LYS D 141 -13.66 -40.78 24.48
C LYS D 141 -15.05 -41.28 24.87
N ALA D 142 -15.18 -42.59 25.14
CA ALA D 142 -16.39 -43.09 25.75
C ALA D 142 -16.47 -42.76 27.24
N LYS D 143 -15.36 -42.29 27.82
CA LYS D 143 -15.33 -41.87 29.21
C LYS D 143 -15.01 -40.39 29.34
N GLY D 144 -15.41 -39.59 28.35
CA GLY D 144 -15.22 -38.15 28.37
C GLY D 144 -13.79 -37.69 28.33
N LYS D 145 -12.85 -38.56 27.96
CA LYS D 145 -11.43 -38.24 27.94
C LYS D 145 -10.89 -38.27 26.51
N SER D 146 -9.66 -37.77 26.37
CA SER D 146 -8.90 -37.89 25.13
C SER D 146 -7.55 -38.52 25.47
N ALA D 147 -6.93 -39.14 24.47
CA ALA D 147 -5.69 -39.87 24.70
C ALA D 147 -4.49 -38.94 24.84
N LEU D 148 -4.42 -37.90 24.02
CA LEU D 148 -3.21 -37.08 23.94
C LEU D 148 -3.54 -35.67 23.50
N MET D 149 -3.00 -34.68 24.21
CA MET D 149 -3.13 -33.28 23.82
C MET D 149 -1.78 -32.62 23.94
N PHE D 150 -1.37 -31.91 22.90
CA PHE D 150 -0.13 -31.15 22.98
C PHE D 150 -0.25 -29.94 22.06
N ASN D 151 0.64 -28.98 22.25
CA ASN D 151 0.59 -27.73 21.51
C ASN D 151 0.78 -27.95 20.01
N LEU D 152 -0.26 -27.74 19.21
CA LEU D 152 -0.14 -27.81 17.75
C LEU D 152 0.02 -26.45 17.11
N GLN D 153 0.36 -25.44 17.88
CA GLN D 153 0.59 -24.12 17.33
C GLN D 153 2.04 -23.84 17.05
N GLU D 154 2.95 -24.46 17.82
CA GLU D 154 4.37 -24.27 17.63
C GLU D 154 5.00 -25.51 17.03
N PRO D 155 5.73 -25.41 15.92
CA PRO D 155 6.25 -26.62 15.26
C PRO D 155 7.31 -27.34 16.07
N TYR D 156 7.90 -26.68 17.08
CA TYR D 156 8.80 -27.36 18.00
C TYR D 156 8.18 -28.60 18.60
N PHE D 157 6.86 -28.58 18.85
CA PHE D 157 6.21 -29.73 19.48
C PHE D 157 5.78 -30.80 18.49
N THR D 158 5.50 -30.44 17.24
CA THR D 158 5.14 -31.45 16.25
C THR D 158 6.35 -32.00 15.50
N TRP D 159 7.49 -31.33 15.56
CA TRP D 159 8.66 -31.79 14.81
C TRP D 159 9.08 -33.23 15.11
N PRO D 160 9.08 -33.73 16.36
CA PRO D 160 9.58 -35.11 16.59
C PRO D 160 8.91 -36.14 15.73
N LEU D 161 7.64 -35.93 15.39
CA LEU D 161 6.94 -36.91 14.58
C LEU D 161 7.27 -36.71 13.10
N ILE D 162 7.39 -35.44 12.69
CA ILE D 162 7.76 -35.11 11.31
C ILE D 162 9.18 -35.57 11.01
N ALA D 163 10.03 -35.67 12.04
CA ALA D 163 11.41 -36.04 11.81
C ALA D 163 11.63 -37.54 11.92
N ALA D 164 10.68 -38.28 12.50
CA ALA D 164 10.89 -39.70 12.81
C ALA D 164 11.24 -40.50 11.57
N ASP D 165 10.45 -40.35 10.50
CA ASP D 165 10.60 -41.13 9.27
C ASP D 165 11.51 -40.45 8.26
N GLY D 166 12.22 -39.39 8.64
CA GLY D 166 13.28 -38.88 7.79
C GLY D 166 13.27 -37.38 7.52
N GLY D 167 12.45 -36.62 8.23
CA GLY D 167 12.53 -35.17 8.13
C GLY D 167 13.74 -34.62 8.86
N TYR D 168 14.23 -33.48 8.40
CA TYR D 168 15.34 -32.79 9.04
C TYR D 168 15.33 -31.34 8.56
N ALA D 169 15.92 -30.46 9.38
CA ALA D 169 15.89 -29.04 9.02
C ALA D 169 16.94 -28.71 7.95
N PHE D 170 18.20 -28.65 8.34
CA PHE D 170 19.29 -28.47 7.39
C PHE D 170 20.29 -29.58 7.65
N LYS D 171 20.77 -30.22 6.58
CA LYS D 171 21.69 -31.34 6.73
C LYS D 171 23.03 -30.83 7.24
N TYR D 172 23.60 -31.48 8.27
CA TYR D 172 24.86 -31.06 8.87
C TYR D 172 25.98 -31.99 8.42
N ALA D 173 26.81 -31.52 7.48
CA ALA D 173 28.02 -32.23 7.10
C ALA D 173 29.23 -31.35 7.35
N ALA D 174 30.40 -31.98 7.40
CA ALA D 174 31.68 -31.28 7.63
C ALA D 174 31.55 -30.48 8.92
N GLY D 175 31.68 -29.16 8.90
CA GLY D 175 31.49 -28.36 10.09
C GLY D 175 30.38 -27.34 9.92
N LYS D 176 29.64 -27.47 8.83
CA LYS D 176 28.63 -26.51 8.41
C LYS D 176 27.29 -27.16 8.09
N TYR D 177 26.23 -26.36 8.23
CA TYR D 177 24.90 -26.73 7.79
C TYR D 177 24.72 -26.28 6.33
N ASP D 178 24.40 -27.21 5.45
CA ASP D 178 24.07 -26.88 4.07
C ASP D 178 22.69 -26.23 4.00
N ILE D 179 22.64 -24.95 3.60
CA ILE D 179 21.38 -24.19 3.60
C ILE D 179 20.53 -24.50 2.38
N LYS D 180 21.12 -25.08 1.32
CA LYS D 180 20.35 -25.52 0.18
C LYS D 180 20.04 -27.01 0.24
N ASP D 181 19.92 -27.55 1.45
CA ASP D 181 19.56 -28.96 1.67
C ASP D 181 18.63 -28.96 2.87
N VAL D 182 17.34 -28.83 2.60
CA VAL D 182 16.33 -28.84 3.65
C VAL D 182 15.55 -30.14 3.49
N GLY D 183 15.12 -30.70 4.62
CA GLY D 183 14.47 -31.98 4.58
C GLY D 183 13.08 -31.97 5.17
N VAL D 184 12.27 -30.98 4.80
CA VAL D 184 10.88 -30.93 5.26
C VAL D 184 9.89 -31.24 4.15
N ASP D 185 10.36 -31.51 2.94
CA ASP D 185 9.51 -31.92 1.83
C ASP D 185 9.69 -33.38 1.45
N ASN D 186 10.57 -34.11 2.13
CA ASN D 186 10.86 -35.48 1.74
C ASN D 186 9.74 -36.42 2.16
N ALA D 187 9.87 -37.67 1.71
CA ALA D 187 8.83 -38.68 1.94
C ALA D 187 8.54 -38.88 3.42
N GLY D 188 9.57 -38.79 4.27
CA GLY D 188 9.37 -39.03 5.69
C GLY D 188 8.57 -37.93 6.37
N ALA D 189 8.84 -36.67 5.99
CA ALA D 189 8.06 -35.56 6.54
C ALA D 189 6.61 -35.69 6.13
N LYS D 190 6.36 -35.99 4.85
CA LYS D 190 4.98 -36.15 4.43
C LYS D 190 4.28 -37.23 5.23
N ALA D 191 4.97 -38.34 5.51
CA ALA D 191 4.35 -39.42 6.28
C ALA D 191 4.02 -38.97 7.70
N GLY D 192 4.97 -38.31 8.36
CA GLY D 192 4.73 -37.86 9.72
C GLY D 192 3.66 -36.78 9.80
N LEU D 193 3.70 -35.81 8.90
CA LEU D 193 2.70 -34.76 8.97
C LEU D 193 1.34 -35.28 8.54
N THR D 194 1.30 -36.18 7.54
CA THR D 194 0.02 -36.74 7.10
C THR D 194 -0.63 -37.52 8.22
N PHE D 195 0.18 -38.24 9.00
CA PHE D 195 -0.37 -38.95 10.16
C PHE D 195 -0.97 -37.98 11.16
N LEU D 196 -0.33 -36.83 11.37
CA LEU D 196 -0.82 -35.90 12.37
C LEU D 196 -2.09 -35.20 11.90
N VAL D 197 -2.16 -34.85 10.61
CA VAL D 197 -3.40 -34.27 10.10
C VAL D 197 -4.52 -35.31 10.17
N ASP D 198 -4.20 -36.57 9.90
CA ASP D 198 -5.21 -37.62 9.95
C ASP D 198 -5.77 -37.76 11.36
N LEU D 199 -4.91 -37.69 12.38
CA LEU D 199 -5.41 -37.62 13.75
C LEU D 199 -6.43 -36.49 13.91
N ILE D 200 -6.21 -35.37 13.23
CA ILE D 200 -7.10 -34.23 13.43
C ILE D 200 -8.41 -34.42 12.69
N LYS D 201 -8.35 -34.87 11.43
CA LYS D 201 -9.57 -35.02 10.65
C LYS D 201 -10.40 -36.22 11.12
N ASN D 202 -9.80 -37.13 11.90
CA ASN D 202 -10.55 -38.17 12.59
C ASN D 202 -10.92 -37.76 14.02
N LYS D 203 -10.87 -36.47 14.32
CA LYS D 203 -11.35 -35.99 15.61
C LYS D 203 -10.69 -36.66 16.83
N HIS D 204 -9.45 -37.13 16.66
CA HIS D 204 -8.62 -37.55 17.79
C HIS D 204 -7.81 -36.40 18.41
N MET D 205 -7.72 -35.26 17.73
CA MET D 205 -7.14 -34.02 18.24
C MET D 205 -7.78 -32.83 17.54
N ASN D 206 -7.60 -31.63 18.14
CA ASN D 206 -7.97 -30.34 17.58
C ASN D 206 -6.83 -29.48 17.08
N ALA D 207 -7.10 -28.83 15.95
CA ALA D 207 -6.12 -27.98 15.29
C ALA D 207 -5.83 -26.74 16.10
N ASP D 208 -6.73 -26.38 17.03
CA ASP D 208 -6.63 -25.16 17.81
C ASP D 208 -6.01 -25.36 19.19
N THR D 209 -5.59 -26.57 19.54
CA THR D 209 -4.95 -26.79 20.84
C THR D 209 -3.62 -26.05 20.88
N ASP D 210 -3.40 -25.30 21.96
CA ASP D 210 -2.16 -24.57 22.18
C ASP D 210 -1.51 -25.06 23.48
N TYR D 211 -0.46 -24.36 23.90
CA TYR D 211 0.28 -24.78 25.09
C TYR D 211 -0.57 -24.65 26.35
N SER D 212 -1.28 -23.52 26.51
CA SER D 212 -2.12 -23.30 27.68
C SER D 212 -3.22 -24.36 27.77
N ILE D 213 -3.98 -24.53 26.68
CA ILE D 213 -5.05 -25.52 26.66
C ILE D 213 -4.52 -26.90 27.02
N ALA D 214 -3.39 -27.28 26.41
CA ALA D 214 -2.88 -28.64 26.60
C ALA D 214 -2.32 -28.85 28.00
N GLU D 215 -1.64 -27.83 28.56
CA GLU D 215 -1.14 -27.99 29.92
C GLU D 215 -2.29 -28.07 30.92
N ALA D 216 -3.33 -27.25 30.71
CA ALA D 216 -4.50 -27.28 31.56
C ALA D 216 -5.18 -28.65 31.51
N ALA D 217 -5.45 -29.15 30.30
CA ALA D 217 -6.14 -30.43 30.14
C ALA D 217 -5.41 -31.56 30.86
N PHE D 218 -4.10 -31.67 30.66
CA PHE D 218 -3.35 -32.77 31.28
C PHE D 218 -3.28 -32.61 32.79
N ASN D 219 -3.06 -31.40 33.27
CA ASN D 219 -2.85 -31.17 34.70
C ASN D 219 -4.15 -31.29 35.50
N LYS D 220 -5.30 -31.20 34.86
CA LYS D 220 -6.59 -31.43 35.51
C LYS D 220 -7.11 -32.83 35.25
N GLY D 221 -6.31 -33.71 34.65
CA GLY D 221 -6.71 -35.07 34.41
C GLY D 221 -7.66 -35.29 33.24
N GLU D 222 -7.90 -34.27 32.41
CA GLU D 222 -8.83 -34.42 31.30
C GLU D 222 -8.26 -35.18 30.11
N THR D 223 -6.94 -35.36 30.05
CA THR D 223 -6.31 -36.08 28.95
C THR D 223 -5.20 -36.96 29.51
N ALA D 224 -4.95 -38.07 28.80
CA ALA D 224 -4.04 -39.09 29.32
C ALA D 224 -2.58 -38.80 29.05
N MET D 225 -2.27 -38.05 27.98
CA MET D 225 -0.89 -37.80 27.63
C MET D 225 -0.73 -36.39 27.10
N THR D 226 0.45 -35.84 27.35
CA THR D 226 0.89 -34.61 26.71
C THR D 226 2.36 -34.78 26.35
N ILE D 227 2.87 -33.86 25.55
CA ILE D 227 4.28 -33.85 25.17
C ILE D 227 4.88 -32.53 25.60
N ASN D 228 5.88 -32.60 26.47
CA ASN D 228 6.51 -31.39 26.99
C ASN D 228 7.87 -31.76 27.61
N GLY D 229 8.66 -30.72 27.85
CA GLY D 229 9.99 -30.85 28.40
C GLY D 229 10.00 -30.63 29.90
N PRO D 230 11.20 -30.66 30.49
CA PRO D 230 11.34 -30.57 31.96
C PRO D 230 10.94 -29.25 32.58
N TRP D 231 10.74 -28.18 31.80
CA TRP D 231 10.29 -26.92 32.39
C TRP D 231 8.88 -27.03 32.95
N ALA D 232 8.07 -27.94 32.41
CA ALA D 232 6.67 -28.05 32.76
C ALA D 232 6.41 -29.01 33.92
N TRP D 233 7.44 -29.72 34.38
CA TRP D 233 7.27 -30.68 35.48
C TRP D 233 6.83 -30.01 36.77
N SER D 234 7.19 -28.74 36.98
CA SER D 234 6.84 -28.08 38.22
C SER D 234 5.33 -27.87 38.34
N ASN D 235 4.66 -27.44 37.27
CA ASN D 235 3.21 -27.25 37.33
C ASN D 235 2.45 -28.58 37.45
N ILE D 236 3.01 -29.67 36.94
CA ILE D 236 2.36 -30.97 37.12
C ILE D 236 2.55 -31.48 38.54
N ASP D 237 3.64 -31.08 39.18
CA ASP D 237 3.85 -31.42 40.58
C ASP D 237 2.77 -30.79 41.46
N THR D 238 2.55 -29.48 41.29
CA THR D 238 1.53 -28.78 42.07
C THR D 238 0.16 -29.44 41.92
N SER D 239 -0.20 -29.85 40.72
CA SER D 239 -1.47 -30.50 40.49
C SER D 239 -1.49 -31.90 41.10
N ALA D 240 -2.70 -32.46 41.22
CA ALA D 240 -2.90 -33.76 41.85
C ALA D 240 -2.61 -34.92 40.91
N VAL D 241 -2.18 -34.66 39.68
CA VAL D 241 -2.03 -35.73 38.70
C VAL D 241 -0.79 -36.55 39.02
N ASN D 242 -0.95 -37.86 39.03
CA ASN D 242 0.16 -38.78 39.20
C ASN D 242 0.67 -39.16 37.82
N TYR D 243 1.88 -38.72 37.48
CA TYR D 243 2.36 -38.76 36.12
C TYR D 243 3.72 -39.45 36.05
N GLY D 244 4.05 -39.90 34.84
CA GLY D 244 5.36 -40.42 34.55
C GLY D 244 5.88 -39.81 33.27
N VAL D 245 7.19 -39.93 33.07
CA VAL D 245 7.86 -39.40 31.88
C VAL D 245 8.62 -40.54 31.20
N THR D 246 8.52 -40.61 29.87
CA THR D 246 9.08 -41.73 29.15
C THR D 246 9.45 -41.30 27.73
N VAL D 247 10.03 -42.25 26.99
CA VAL D 247 10.40 -42.00 25.61
C VAL D 247 9.17 -41.66 24.77
N LEU D 248 9.37 -40.85 23.75
CA LEU D 248 8.33 -40.53 22.80
C LEU D 248 7.97 -41.78 21.99
N PRO D 249 6.76 -41.86 21.46
CA PRO D 249 6.37 -43.03 20.65
C PRO D 249 7.16 -43.11 19.36
N THR D 250 7.37 -44.34 18.89
CA THR D 250 7.89 -44.51 17.54
C THR D 250 6.79 -44.22 16.52
N PHE D 251 7.23 -43.97 15.29
CA PHE D 251 6.34 -43.84 14.13
C PHE D 251 6.99 -44.61 12.99
N LYS D 252 6.23 -45.50 12.34
CA LYS D 252 6.78 -46.39 11.31
C LYS D 252 8.04 -47.12 11.81
N GLY D 253 8.05 -47.46 13.09
CA GLY D 253 9.14 -48.22 13.68
C GLY D 253 10.38 -47.42 14.03
N GLN D 254 10.41 -46.13 13.73
CA GLN D 254 11.60 -45.33 14.01
C GLN D 254 11.32 -44.33 15.13
N PRO D 255 12.35 -43.91 15.87
CA PRO D 255 12.11 -43.04 17.03
C PRO D 255 11.65 -41.65 16.62
N SER D 256 10.84 -41.04 17.48
CA SER D 256 10.61 -39.61 17.36
C SER D 256 11.90 -38.86 17.63
N LYS D 257 12.15 -37.81 16.83
CA LYS D 257 13.39 -37.05 16.90
C LYS D 257 13.10 -35.64 17.39
N PRO D 258 13.07 -35.42 18.70
CA PRO D 258 12.90 -34.05 19.20
C PRO D 258 14.15 -33.24 18.97
N PHE D 259 13.98 -31.93 18.96
CA PHE D 259 15.12 -31.02 18.90
C PHE D 259 15.77 -30.94 20.27
N VAL D 260 17.10 -30.95 20.30
CA VAL D 260 17.87 -30.91 21.53
C VAL D 260 18.40 -29.49 21.72
N GLY D 261 18.22 -28.96 22.93
CA GLY D 261 18.78 -27.66 23.29
C GLY D 261 19.77 -27.84 24.43
N VAL D 262 20.91 -27.17 24.33
CA VAL D 262 22.00 -27.31 25.28
C VAL D 262 22.29 -25.94 25.89
N LEU D 263 22.18 -25.84 27.22
CA LEU D 263 22.59 -24.64 27.92
C LEU D 263 24.11 -24.59 27.99
N SER D 264 24.68 -23.45 27.58
CA SER D 264 26.12 -23.35 27.34
C SER D 264 26.71 -22.12 28.01
N ALA D 265 28.03 -22.19 28.23
CA ALA D 265 28.80 -21.10 28.84
C ALA D 265 29.85 -20.62 27.85
N GLY D 266 29.63 -19.43 27.28
CA GLY D 266 30.58 -18.79 26.39
C GLY D 266 31.35 -17.68 27.08
N ILE D 267 32.49 -17.30 26.47
CA ILE D 267 33.34 -16.24 27.00
C ILE D 267 33.38 -15.08 26.02
N ASN D 268 33.30 -13.87 26.57
CA ASN D 268 33.23 -12.65 25.77
C ASN D 268 34.54 -12.45 25.01
N ALA D 269 34.44 -12.25 23.69
CA ALA D 269 35.61 -12.06 22.87
C ALA D 269 36.43 -10.82 23.24
N ALA D 270 35.80 -9.84 23.89
CA ALA D 270 36.49 -8.63 24.32
C ALA D 270 36.92 -8.68 25.78
N SER D 271 36.75 -9.81 26.44
CA SER D 271 37.19 -9.92 27.82
C SER D 271 38.70 -10.10 27.88
N PRO D 272 39.40 -9.38 28.75
CA PRO D 272 40.82 -9.66 29.00
C PRO D 272 41.06 -10.84 29.92
N ASN D 273 40.01 -11.43 30.47
CA ASN D 273 40.11 -12.48 31.47
C ASN D 273 39.69 -13.85 30.93
N LYS D 274 39.95 -14.11 29.65
CA LYS D 274 39.52 -15.37 29.05
C LYS D 274 40.17 -16.56 29.73
N GLU D 275 41.43 -16.42 30.14
CA GLU D 275 42.06 -17.53 30.85
C GLU D 275 41.47 -17.68 32.25
N LEU D 276 41.04 -16.58 32.88
CA LEU D 276 40.43 -16.70 34.19
C LEU D 276 39.07 -17.36 34.09
N ALA D 277 38.38 -17.12 32.97
CA ALA D 277 37.08 -17.74 32.72
C ALA D 277 37.20 -19.24 32.50
N LYS D 278 38.25 -19.66 31.78
CA LYS D 278 38.38 -21.05 31.34
C LYS D 278 38.79 -21.95 32.49
N GLU D 279 39.36 -21.30 33.47
CA GLU D 279 39.79 -21.73 34.78
C GLU D 279 38.62 -22.04 35.70
N PHE D 280 37.62 -21.16 35.70
CA PHE D 280 36.42 -21.35 36.50
C PHE D 280 35.50 -22.44 35.94
N LEU D 281 35.24 -22.40 34.62
CA LEU D 281 34.26 -23.31 34.03
C LEU D 281 34.78 -24.74 34.02
N GLU D 282 36.03 -24.93 33.55
CA GLU D 282 36.56 -26.28 33.40
C GLU D 282 36.81 -26.95 34.74
N ASN D 283 37.31 -26.19 35.71
CA ASN D 283 37.81 -26.77 36.94
C ASN D 283 36.93 -26.51 38.15
N TYR D 284 35.99 -25.59 38.06
CA TYR D 284 35.14 -25.31 39.22
C TYR D 284 33.67 -25.58 38.98
N LEU D 285 33.13 -25.19 37.83
CA LEU D 285 31.71 -25.45 37.59
C LEU D 285 31.46 -26.77 36.88
N LEU D 286 32.18 -27.04 35.79
CA LEU D 286 31.95 -28.30 35.09
C LEU D 286 32.62 -29.43 35.85
N THR D 287 32.25 -29.55 37.12
CA THR D 287 32.68 -30.56 38.05
C THR D 287 31.44 -31.07 38.77
N ASP D 288 31.58 -32.18 39.49
CA ASP D 288 30.43 -32.72 40.20
C ASP D 288 29.96 -31.80 41.37
N GLU D 289 30.85 -31.08 42.10
CA GLU D 289 30.36 -30.17 43.14
C GLU D 289 29.57 -29.09 42.49
N GLY D 290 30.23 -28.43 41.53
CA GLY D 290 29.83 -27.12 41.08
C GLY D 290 28.51 -27.31 40.44
N LEU D 291 28.35 -28.45 39.79
CA LEU D 291 27.09 -28.80 39.16
C LEU D 291 26.03 -29.24 40.18
N GLU D 292 26.42 -29.88 41.32
CA GLU D 292 25.41 -30.06 42.37
C GLU D 292 25.05 -28.77 43.11
N ALA D 293 25.91 -27.78 43.17
CA ALA D 293 25.50 -26.55 43.83
C ALA D 293 24.42 -25.80 43.05
N VAL D 294 24.48 -25.85 41.72
CA VAL D 294 23.47 -25.17 40.91
C VAL D 294 22.17 -25.98 40.88
N ASN D 295 22.28 -27.30 40.91
CA ASN D 295 21.10 -28.15 40.87
C ASN D 295 20.32 -28.05 42.17
N LYS D 296 21.01 -27.72 43.26
CA LYS D 296 20.42 -27.54 44.59
C LYS D 296 19.52 -26.32 44.68
N ASP D 297 19.81 -25.29 43.89
CA ASP D 297 19.01 -24.08 43.86
C ASP D 297 17.80 -24.21 42.95
N LYS D 298 18.02 -24.52 41.67
CA LYS D 298 16.96 -24.90 40.75
C LYS D 298 17.48 -26.01 39.86
N PRO D 299 16.71 -27.08 39.65
CA PRO D 299 17.23 -28.23 38.91
C PRO D 299 17.59 -27.86 37.48
N LEU D 300 18.75 -28.34 37.02
CA LEU D 300 19.18 -28.11 35.66
C LEU D 300 18.52 -29.06 34.67
N GLY D 301 17.88 -30.12 35.15
CA GLY D 301 17.41 -31.18 34.28
C GLY D 301 18.50 -32.19 34.05
N ALA D 302 18.76 -32.51 32.78
CA ALA D 302 19.86 -33.39 32.41
C ALA D 302 21.10 -32.56 32.09
N VAL D 303 22.27 -33.07 32.47
CA VAL D 303 23.51 -32.32 32.34
C VAL D 303 24.46 -33.03 31.39
N ALA D 304 25.40 -32.25 30.84
CA ALA D 304 26.28 -32.80 29.81
C ALA D 304 27.45 -33.58 30.38
N LEU D 305 27.92 -33.23 31.58
CA LEU D 305 29.06 -33.93 32.15
C LEU D 305 28.60 -35.27 32.69
N LYS D 306 29.18 -36.34 32.13
CA LYS D 306 28.62 -37.67 32.26
C LYS D 306 28.60 -38.15 33.70
N SER D 307 29.64 -37.85 34.46
CA SER D 307 29.76 -38.39 35.81
C SER D 307 28.54 -38.02 36.65
N TYR D 308 28.07 -36.78 36.52
CA TYR D 308 26.92 -36.31 37.27
C TYR D 308 25.60 -36.72 36.66
N GLU D 309 25.56 -36.98 35.35
CA GLU D 309 24.31 -37.37 34.70
C GLU D 309 23.81 -38.73 35.18
N GLU D 310 24.70 -39.71 35.37
CA GLU D 310 24.22 -41.00 35.86
C GLU D 310 23.83 -40.95 37.33
N GLU D 311 24.16 -39.85 38.01
CA GLU D 311 23.64 -39.60 39.35
C GLU D 311 22.25 -38.96 39.29
N LEU D 312 22.04 -38.06 38.33
CA LEU D 312 20.71 -37.48 38.15
C LEU D 312 19.75 -38.47 37.50
N ALA D 313 20.26 -39.33 36.61
CA ALA D 313 19.40 -40.24 35.85
C ALA D 313 18.82 -41.36 36.70
N LYS D 314 19.08 -41.39 38.01
CA LYS D 314 18.32 -42.27 38.87
C LYS D 314 16.87 -41.82 38.99
N ASP D 315 16.59 -40.58 38.58
CA ASP D 315 15.25 -40.04 38.38
C ASP D 315 14.79 -40.44 36.99
N PRO D 316 13.82 -41.35 36.87
CA PRO D 316 13.38 -41.81 35.54
C PRO D 316 12.95 -40.67 34.63
N ARG D 317 12.42 -39.58 35.18
CA ARG D 317 12.02 -38.45 34.35
C ARG D 317 13.23 -37.89 33.60
N ILE D 318 14.37 -37.76 34.29
CA ILE D 318 15.55 -37.20 33.67
C ILE D 318 16.16 -38.20 32.69
N ALA D 319 16.15 -39.50 33.05
CA ALA D 319 16.61 -40.53 32.14
C ALA D 319 15.81 -40.53 30.84
N ALA D 320 14.50 -40.26 30.93
CA ALA D 320 13.70 -40.21 29.70
C ALA D 320 14.05 -39.03 28.83
N THR D 321 14.26 -37.84 29.41
CA THR D 321 14.61 -36.69 28.58
C THR D 321 15.91 -36.94 27.84
N MET D 322 16.89 -37.58 28.50
CA MET D 322 18.19 -37.84 27.87
C MET D 322 18.07 -38.90 26.78
N GLU D 323 17.36 -40.00 27.07
CA GLU D 323 17.11 -41.01 26.03
C GLU D 323 16.50 -40.35 24.79
N ASN D 324 15.52 -39.47 24.99
CA ASN D 324 14.89 -38.76 23.89
C ASN D 324 15.85 -37.80 23.21
N ALA D 325 16.76 -37.19 23.99
CA ALA D 325 17.71 -36.27 23.40
C ALA D 325 18.72 -37.01 22.53
N GLN D 326 19.19 -38.17 23.00
CA GLN D 326 20.12 -38.95 22.20
C GLN D 326 19.45 -39.51 20.95
N LYS D 327 18.14 -39.68 20.96
CA LYS D 327 17.43 -40.11 19.76
C LYS D 327 17.11 -38.96 18.80
N GLY D 328 17.23 -37.70 19.23
CA GLY D 328 16.91 -36.57 18.38
C GLY D 328 18.15 -35.90 17.80
N GLU D 329 17.95 -34.73 17.24
CA GLU D 329 19.03 -33.91 16.72
C GLU D 329 19.10 -32.50 17.27
N ILE D 330 20.35 -32.11 17.41
CA ILE D 330 20.75 -30.82 17.95
C ILE D 330 20.14 -29.73 17.12
N MET D 331 19.56 -28.76 17.81
CA MET D 331 18.97 -27.62 17.13
C MET D 331 20.06 -26.81 16.45
N PRO D 332 19.94 -26.55 15.15
CA PRO D 332 20.99 -25.80 14.45
C PRO D 332 21.14 -24.40 15.02
N ASN D 333 22.40 -23.98 15.18
CA ASN D 333 22.74 -22.71 15.78
C ASN D 333 22.96 -21.60 14.76
N ILE D 334 22.49 -21.77 13.53
CA ILE D 334 22.66 -20.76 12.48
C ILE D 334 21.49 -19.78 12.48
N PRO D 335 21.64 -18.59 11.87
CA PRO D 335 20.53 -17.63 11.86
C PRO D 335 19.39 -18.00 10.93
N GLN D 336 19.62 -18.82 9.90
CA GLN D 336 18.53 -19.22 9.02
C GLN D 336 17.48 -20.07 9.73
N MET D 337 17.75 -20.51 10.97
CA MET D 337 16.78 -21.31 11.71
C MET D 337 15.52 -20.53 12.06
N SER D 338 15.60 -19.20 12.16
CA SER D 338 14.38 -18.43 12.41
C SER D 338 13.48 -18.47 11.19
N ALA D 339 14.05 -18.36 9.98
CA ALA D 339 13.25 -18.51 8.78
C ALA D 339 12.69 -19.91 8.68
N PHE D 340 13.43 -20.91 9.16
CA PHE D 340 12.94 -22.29 9.15
C PHE D 340 11.70 -22.43 10.03
N TRP D 341 11.78 -21.95 11.27
CA TRP D 341 10.62 -22.03 12.16
C TRP D 341 9.43 -21.33 11.57
N TYR D 342 9.65 -20.16 10.99
CA TYR D 342 8.56 -19.39 10.38
C TYR D 342 7.89 -20.21 9.28
N ALA D 343 8.69 -20.84 8.41
CA ALA D 343 8.11 -21.59 7.30
C ALA D 343 7.37 -22.83 7.79
N VAL D 344 7.95 -23.57 8.73
CA VAL D 344 7.35 -24.83 9.16
C VAL D 344 6.09 -24.58 9.98
N ARG D 345 6.08 -23.52 10.80
CA ARG D 345 4.88 -23.18 11.58
C ARG D 345 3.72 -22.81 10.67
N THR D 346 3.98 -22.07 9.59
CA THR D 346 2.93 -21.85 8.61
C THR D 346 2.42 -23.18 8.07
N ALA D 347 3.33 -24.14 7.82
CA ALA D 347 2.96 -25.40 7.18
C ALA D 347 2.13 -26.31 8.10
N VAL D 348 2.55 -26.47 9.36
CA VAL D 348 1.78 -27.32 10.27
C VAL D 348 0.41 -26.70 10.57
N ILE D 349 0.37 -25.39 10.81
CA ILE D 349 -0.93 -24.70 11.00
C ILE D 349 -1.84 -24.94 9.80
N ASN D 350 -1.34 -24.68 8.59
CA ASN D 350 -2.18 -24.75 7.40
C ASN D 350 -2.60 -26.18 7.08
N ALA D 351 -1.73 -27.16 7.34
CA ALA D 351 -2.13 -28.54 7.08
C ALA D 351 -3.18 -29.00 8.08
N ALA D 352 -3.00 -28.63 9.35
CA ALA D 352 -3.92 -29.06 10.40
C ALA D 352 -5.31 -28.43 10.26
N SER D 353 -5.40 -27.26 9.63
CA SER D 353 -6.66 -26.56 9.49
C SER D 353 -7.32 -26.78 8.13
N GLY D 354 -6.59 -27.32 7.17
CA GLY D 354 -7.12 -27.53 5.84
C GLY D 354 -6.87 -26.44 4.80
N ARG D 355 -6.27 -25.29 5.16
CA ARG D 355 -5.94 -24.30 4.14
C ARG D 355 -5.05 -24.86 3.06
N GLN D 356 -4.19 -25.79 3.42
CA GLN D 356 -3.35 -26.44 2.45
C GLN D 356 -3.44 -27.94 2.62
N THR D 357 -3.28 -28.63 1.51
CA THR D 357 -2.96 -30.03 1.50
C THR D 357 -1.59 -30.25 2.11
N VAL D 358 -1.35 -31.48 2.56
CA VAL D 358 -0.01 -31.77 3.09
C VAL D 358 1.07 -31.57 2.01
N ASP D 359 0.78 -31.88 0.72
CA ASP D 359 1.84 -31.83 -0.29
C ASP D 359 2.30 -30.38 -0.42
N ALA D 360 1.31 -29.46 -0.42
CA ALA D 360 1.56 -28.04 -0.65
C ALA D 360 2.15 -27.37 0.58
N ALA D 361 1.64 -27.67 1.76
CA ALA D 361 2.18 -27.06 2.97
C ALA D 361 3.67 -27.33 3.08
N LEU D 362 4.07 -28.58 2.88
CA LEU D 362 5.49 -28.91 3.02
C LEU D 362 6.30 -28.43 1.83
N ALA D 363 5.71 -28.37 0.64
CA ALA D 363 6.46 -27.85 -0.50
C ALA D 363 6.78 -26.37 -0.33
N ALA D 364 5.83 -25.58 0.22
CA ALA D 364 6.08 -24.17 0.47
C ALA D 364 7.12 -23.97 1.56
N ALA D 365 7.00 -24.70 2.66
CA ALA D 365 7.99 -24.59 3.73
C ALA D 365 9.38 -24.97 3.23
N GLN D 366 9.47 -25.92 2.31
CA GLN D 366 10.74 -26.28 1.71
C GLN D 366 11.41 -25.08 1.05
N THR D 367 10.64 -24.37 0.21
CA THR D 367 11.16 -23.19 -0.48
C THR D 367 11.45 -22.05 0.51
N ASN D 368 10.49 -21.77 1.39
CA ASN D 368 10.54 -20.64 2.30
C ASN D 368 11.50 -20.86 3.47
N ALA D 369 12.10 -22.04 3.60
CA ALA D 369 12.86 -22.35 4.81
C ALA D 369 14.12 -21.50 4.94
N ALA D 370 14.68 -21.01 3.83
CA ALA D 370 15.89 -20.21 3.86
C ALA D 370 15.65 -18.72 3.60
N ARG D 371 14.42 -18.30 3.33
CA ARG D 371 14.12 -16.91 2.99
C ARG D 371 13.76 -16.13 4.25
N ALA D 372 14.39 -14.98 4.46
CA ALA D 372 14.11 -14.19 5.66
C ALA D 372 13.16 -13.02 5.43
N ALA D 373 12.71 -12.80 4.20
CA ALA D 373 11.88 -11.63 3.90
C ALA D 373 10.67 -11.52 4.82
N ALA D 374 10.04 -12.66 5.11
CA ALA D 374 8.81 -12.62 5.92
C ALA D 374 9.05 -11.91 7.24
N GLN D 375 10.22 -12.14 7.86
CA GLN D 375 10.50 -11.48 9.13
C GLN D 375 10.64 -9.97 8.96
N LEU D 376 11.18 -9.50 7.84
CA LEU D 376 11.31 -8.06 7.67
C LEU D 376 9.95 -7.39 7.51
N TYR D 377 9.08 -7.95 6.67
CA TYR D 377 7.75 -7.37 6.49
C TYR D 377 6.99 -7.33 7.81
N ASP D 378 7.23 -8.29 8.71
CA ASP D 378 6.60 -8.24 10.04
C ASP D 378 7.04 -7.01 10.82
N VAL D 379 8.33 -6.69 10.78
CA VAL D 379 8.82 -5.50 11.49
C VAL D 379 8.13 -4.25 10.97
N MET D 380 7.95 -4.13 9.65
CA MET D 380 7.36 -2.93 9.08
C MET D 380 5.97 -2.70 9.65
N ASP D 381 5.20 -3.76 9.83
CA ASP D 381 3.85 -3.67 10.38
C ASP D 381 3.83 -3.73 11.90
N ALA D 382 4.98 -3.82 12.54
CA ALA D 382 5.02 -3.72 14.00
C ALA D 382 5.28 -2.29 14.47
N VAL D 383 5.72 -1.41 13.58
CA VAL D 383 6.08 -0.04 13.93
C VAL D 383 5.10 0.88 13.22
N PRO D 384 4.52 1.87 13.91
CA PRO D 384 3.58 2.77 13.22
C PRO D 384 4.30 3.54 12.14
N ALA D 385 3.66 3.60 10.97
CA ALA D 385 4.35 4.13 9.77
C ALA D 385 4.84 5.53 9.99
N ARG D 386 4.14 6.23 10.80
CA ARG D 386 4.32 7.62 11.11
C ARG D 386 5.58 7.86 11.95
N ARG D 387 6.14 6.79 12.58
CA ARG D 387 7.41 6.79 13.32
C ARG D 387 8.52 5.99 12.63
N TRP D 388 8.38 5.72 11.33
CA TRP D 388 9.33 4.84 10.66
C TRP D 388 10.73 5.43 10.61
N LYS D 389 10.85 6.68 10.16
CA LYS D 389 12.16 7.28 9.97
C LYS D 389 12.86 7.45 11.31
N GLU D 390 12.12 7.84 12.34
CA GLU D 390 12.71 7.90 13.66
C GLU D 390 13.21 6.52 14.08
N PHE D 391 12.48 5.47 13.69
CA PHE D 391 12.83 4.10 14.08
C PHE D 391 14.12 3.65 13.43
N VAL D 392 14.31 3.93 12.13
CA VAL D 392 15.52 3.42 11.46
C VAL D 392 16.74 4.27 11.81
N ARG D 393 16.53 5.54 12.19
CA ARG D 393 17.62 6.30 12.78
C ARG D 393 18.08 5.68 14.09
N THR D 394 17.13 5.32 14.96
CA THR D 394 17.46 4.71 16.24
C THR D 394 18.15 3.36 16.08
N LEU D 395 17.86 2.64 14.99
CA LEU D 395 18.53 1.37 14.75
C LEU D 395 20.02 1.56 14.50
N GLY D 396 20.40 2.68 13.90
CA GLY D 396 21.77 2.95 13.56
C GLY D 396 22.03 3.02 12.07
N LEU D 397 20.98 3.03 11.26
CA LEU D 397 21.16 3.14 9.81
C LEU D 397 21.53 4.57 9.44
N ARG D 398 22.53 4.70 8.58
CA ARG D 398 23.06 6.03 8.31
C ARG D 398 22.17 6.82 7.36
N GLU D 399 22.21 8.15 7.52
CA GLU D 399 21.34 9.04 6.76
C GLU D 399 21.59 8.96 5.25
N ALA D 400 22.84 8.68 4.86
CA ALA D 400 23.14 8.48 3.45
C ALA D 400 22.39 7.27 2.90
N GLU D 401 22.31 6.21 3.69
CA GLU D 401 21.58 5.01 3.26
C GLU D 401 20.09 5.32 3.15
N ILE D 402 19.55 6.03 4.14
CA ILE D 402 18.15 6.43 4.12
C ILE D 402 17.87 7.31 2.92
N GLU D 403 18.70 8.31 2.68
CA GLU D 403 18.43 9.23 1.59
C GLU D 403 18.61 8.55 0.24
N ALA D 404 19.58 7.63 0.13
CA ALA D 404 19.78 6.88 -1.11
C ALA D 404 18.57 6.04 -1.48
N VAL D 405 17.90 5.45 -0.47
CA VAL D 405 16.67 4.71 -0.74
C VAL D 405 15.55 5.64 -1.21
N GLU D 406 15.37 6.77 -0.53
CA GLU D 406 14.21 7.62 -0.80
C GLU D 406 14.27 8.25 -2.19
N VAL D 407 15.47 8.56 -2.68
CA VAL D 407 15.58 9.20 -4.00
C VAL D 407 15.30 8.21 -5.11
N GLU D 408 15.53 6.91 -4.90
CA GLU D 408 15.37 5.93 -5.96
C GLU D 408 14.04 5.21 -5.94
N ILE D 409 13.53 4.87 -4.76
CA ILE D 409 12.29 4.11 -4.62
C ILE D 409 11.13 5.03 -4.23
N GLY D 410 10.04 4.95 -4.99
CA GLY D 410 8.90 5.84 -4.81
C GLY D 410 7.93 5.52 -3.69
N ARG D 411 7.37 4.31 -3.67
CA ARG D 411 6.26 4.01 -2.79
C ARG D 411 6.75 3.65 -1.37
N PHE D 412 5.88 3.93 -0.39
CA PHE D 412 6.30 3.96 1.02
C PHE D 412 6.76 2.59 1.51
N ARG D 413 5.93 1.56 1.32
CA ARG D 413 6.30 0.22 1.78
C ARG D 413 7.61 -0.24 1.15
N ASP D 414 7.78 0.00 -0.15
CA ASP D 414 9.01 -0.41 -0.83
C ASP D 414 10.24 0.25 -0.21
N GLN D 415 10.14 1.55 0.13
CA GLN D 415 11.26 2.20 0.82
C GLN D 415 11.51 1.54 2.17
N GLN D 416 10.43 1.24 2.91
CA GLN D 416 10.59 0.67 4.24
C GLN D 416 11.37 -0.65 4.19
N TYR D 417 11.02 -1.53 3.24
CA TYR D 417 11.71 -2.81 3.13
C TYR D 417 13.16 -2.62 2.69
N GLU D 418 13.39 -1.78 1.67
CA GLU D 418 14.75 -1.57 1.19
C GLU D 418 15.65 -0.99 2.28
N MET D 419 15.12 -0.14 3.15
CA MET D 419 15.94 0.36 4.25
C MET D 419 16.35 -0.78 5.17
N LEU D 420 15.37 -1.57 5.63
CA LEU D 420 15.68 -2.69 6.52
C LEU D 420 16.58 -3.69 5.84
N LYS D 421 16.32 -3.96 4.56
CA LYS D 421 17.15 -4.89 3.82
C LYS D 421 18.60 -4.40 3.80
N ARG D 422 18.81 -3.14 3.40
CA ARG D 422 20.16 -2.58 3.41
C ARG D 422 20.74 -2.53 4.82
N TRP D 423 19.89 -2.24 5.83
CA TRP D 423 20.40 -2.22 7.19
C TRP D 423 20.87 -3.60 7.63
N ARG D 424 20.15 -4.66 7.23
CA ARG D 424 20.53 -6.01 7.61
C ARG D 424 21.81 -6.48 6.90
N GLN D 425 22.14 -5.89 5.75
CA GLN D 425 23.34 -6.30 5.03
C GLN D 425 24.62 -5.78 5.68
N GLN D 426 24.54 -4.71 6.48
CA GLN D 426 25.72 -4.16 7.16
C GLN D 426 25.90 -4.69 8.58
N GLN D 427 24.81 -5.12 9.22
CA GLN D 427 24.67 -5.48 10.64
C GLN D 427 24.01 -6.86 10.58
N PRO D 428 24.61 -7.98 10.98
CA PRO D 428 23.90 -9.26 10.82
C PRO D 428 22.80 -9.47 11.88
N ALA D 429 21.92 -10.43 11.59
CA ALA D 429 20.94 -10.90 12.56
C ALA D 429 21.53 -12.01 13.42
N GLY D 430 21.04 -12.14 14.65
CA GLY D 430 20.09 -11.22 15.26
C GLY D 430 20.56 -10.83 16.65
N LEU D 431 20.99 -9.58 16.83
CA LEU D 431 21.47 -9.10 18.13
C LEU D 431 20.41 -8.34 18.92
N GLY D 432 19.13 -8.54 18.61
CA GLY D 432 18.07 -7.82 19.33
C GLY D 432 18.10 -6.32 19.14
N ALA D 433 18.59 -5.83 18.00
CA ALA D 433 18.71 -4.39 17.82
C ALA D 433 17.33 -3.74 17.73
N ILE D 434 16.43 -4.36 16.97
CA ILE D 434 15.07 -3.86 16.76
C ILE D 434 14.34 -3.72 18.09
N TYR D 435 14.54 -4.68 18.99
CA TYR D 435 13.87 -4.60 20.29
C TYR D 435 14.36 -3.40 21.08
N ALA D 436 15.68 -3.23 21.18
CA ALA D 436 16.24 -2.13 21.96
C ALA D 436 15.84 -0.77 21.40
N ALA D 437 15.76 -0.65 20.07
CA ALA D 437 15.42 0.61 19.45
C ALA D 437 13.98 1.02 19.74
N LEU D 438 13.05 0.06 19.71
CA LEU D 438 11.64 0.39 19.93
C LEU D 438 11.40 0.85 21.36
N GLU D 439 12.17 0.33 22.30
CA GLU D 439 12.00 0.74 23.70
C GLU D 439 12.54 2.14 23.91
N ARG D 440 13.60 2.53 23.20
CA ARG D 440 14.17 3.86 23.40
C ARG D 440 13.28 4.96 22.82
N MET D 441 12.32 4.60 21.96
CA MET D 441 11.34 5.53 21.43
C MET D 441 10.08 5.60 22.28
N GLY D 442 10.01 4.83 23.36
CA GLY D 442 8.79 4.76 24.13
C GLY D 442 7.73 3.91 23.47
N LEU D 443 8.14 2.92 22.68
CA LEU D 443 7.21 1.98 22.09
C LEU D 443 7.47 0.57 22.62
N GLU D 444 7.31 0.39 23.94
CA GLU D 444 7.40 -0.94 24.49
C GLU D 444 6.24 -1.81 24.04
N GLY D 445 5.04 -1.23 23.88
CA GLY D 445 3.91 -1.98 23.35
C GLY D 445 4.21 -2.65 22.02
N CYS D 446 4.76 -1.89 21.08
CA CYS D 446 5.19 -2.48 19.82
C CYS D 446 6.34 -3.43 20.02
N ALA D 447 7.18 -3.18 21.03
CA ALA D 447 8.34 -4.04 21.27
C ALA D 447 7.89 -5.44 21.62
N GLU D 448 7.14 -5.56 22.73
CA GLU D 448 6.62 -6.86 23.17
C GLU D 448 5.74 -7.51 22.10
N ASP D 449 4.85 -6.75 21.47
CA ASP D 449 3.99 -7.35 20.46
C ASP D 449 4.81 -8.01 19.35
N LEU D 450 6.04 -7.55 19.14
CA LEU D 450 6.93 -8.18 18.17
C LEU D 450 7.72 -9.33 18.79
N ARG D 451 8.09 -9.22 20.07
CA ARG D 451 8.72 -10.35 20.76
C ARG D 451 7.73 -11.48 20.97
N SER D 452 6.44 -11.17 21.00
CA SER D 452 5.36 -12.15 21.00
C SER D 452 5.52 -13.19 19.89
N ARG D 453 6.45 -12.93 18.96
CA ARG D 453 6.61 -13.74 17.75
C ARG D 453 8.10 -14.10 17.55
N LEU D 454 8.60 -14.88 18.50
CA LEU D 454 9.90 -15.56 18.43
C LEU D 454 10.06 -16.35 19.74
S SO4 E . -14.67 13.01 2.88
O1 SO4 E . -15.63 13.45 1.87
O2 SO4 E . -14.88 13.74 4.13
O3 SO4 E . -14.84 11.57 3.12
O4 SO4 E . -13.31 13.25 2.41
S SO4 F . 5.63 25.73 16.58
O1 SO4 F . 4.22 25.94 16.92
O2 SO4 F . 6.40 26.91 16.92
O3 SO4 F . 5.76 25.49 15.15
O4 SO4 F . 6.15 24.58 17.31
S SO4 G . -12.13 10.86 19.57
O1 SO4 G . -13.29 10.24 20.22
O2 SO4 G . -11.92 12.20 20.10
O3 SO4 G . -10.91 10.13 19.87
O4 SO4 G . -12.37 10.92 18.12
S SO4 H . -2.43 -4.51 1.11
O1 SO4 H . -3.14 -4.34 -0.15
O2 SO4 H . -2.74 -3.42 2.05
O3 SO4 H . -2.80 -5.79 1.68
O4 SO4 H . -1.00 -4.52 0.83
S SO4 I . -30.22 17.87 32.32
O1 SO4 I . -30.76 18.28 31.03
O2 SO4 I . -31.30 17.84 33.32
O3 SO4 I . -29.60 16.55 32.21
O4 SO4 I . -29.24 18.86 32.75
S SO4 J . 38.96 10.74 -4.76
O1 SO4 J . 39.96 11.74 -4.37
O2 SO4 J . 37.72 10.97 -4.04
O3 SO4 J . 39.47 9.41 -4.42
O4 SO4 J . 38.74 10.82 -6.19
S SO4 K . 42.47 -12.35 -44.12
O1 SO4 K . 41.03 -12.06 -44.04
O2 SO4 K . 43.06 -12.25 -42.79
O3 SO4 K . 42.68 -13.68 -44.66
O4 SO4 K . 43.11 -11.37 -45.00
S SO4 L . 0.81 0.44 5.24
O1 SO4 L . -0.23 0.31 4.22
O2 SO4 L . 0.67 1.73 5.93
O3 SO4 L . 0.70 -0.65 6.21
O4 SO4 L . 2.13 0.43 4.60
S SO4 M . 14.04 12.68 -23.23
O1 SO4 M . 12.62 12.74 -23.55
O2 SO4 M . 14.21 12.65 -21.78
O3 SO4 M . 14.64 11.47 -23.83
O4 SO4 M . 14.70 13.86 -23.77
S SO4 N . 19.54 -5.57 -4.43
O1 SO4 N . 18.46 -4.83 -5.07
O2 SO4 N . 20.00 -4.84 -3.24
O3 SO4 N . 19.06 -6.90 -4.03
O4 SO4 N . 20.64 -5.70 -5.37
S SO4 O . 13.79 -9.40 -18.80
O1 SO4 O . 12.44 -8.97 -19.15
O2 SO4 O . 13.99 -9.49 -17.34
O3 SO4 O . 14.04 -10.72 -19.35
O4 SO4 O . 14.70 -8.42 -19.40
S SO4 P . 43.00 1.79 -29.72
O1 SO4 P . 41.96 0.78 -29.51
O2 SO4 P . 42.86 2.84 -28.71
O3 SO4 P . 42.86 2.36 -31.05
O4 SO4 P . 44.31 1.17 -29.60
S SO4 Q . -19.16 5.10 0.59
O1 SO4 Q . -20.48 5.45 0.07
O2 SO4 Q . -19.26 4.83 2.02
O3 SO4 Q . -18.65 3.91 -0.09
O4 SO4 Q . -18.23 6.20 0.36
S SO4 R . -39.19 -7.05 7.86
O1 SO4 R . -39.84 -7.71 6.72
O2 SO4 R . -40.23 -6.39 8.66
O3 SO4 R . -38.49 -8.04 8.67
O4 SO4 R . -38.26 -6.05 7.37
S SO4 S . -17.97 0.71 -35.84
O1 SO4 S . -19.09 0.32 -36.69
O2 SO4 S . -18.46 1.55 -34.75
O3 SO4 S . -17.32 -0.47 -35.29
O4 SO4 S . -17.00 1.48 -36.64
S SO4 T . -18.70 5.90 -16.16
O1 SO4 T . -19.26 7.01 -16.93
O2 SO4 T . -19.75 4.99 -15.72
O3 SO4 T . -18.07 6.48 -14.97
O4 SO4 T . -17.74 5.13 -16.97
S SO4 U . 2.03 4.53 -0.96
O1 SO4 U . 1.67 5.95 -1.00
O2 SO4 U . 1.87 3.98 0.39
O3 SO4 U . 1.15 3.84 -1.88
O4 SO4 U . 3.42 4.37 -1.39
S SO4 V . -21.01 -17.44 -14.46
O1 SO4 V . -20.77 -16.57 -15.62
O2 SO4 V . -21.95 -16.77 -13.56
O3 SO4 V . -21.54 -18.72 -14.91
O4 SO4 V . -19.76 -17.66 -13.74
S SO4 W . -40.02 -31.20 1.74
O1 SO4 W . -39.01 -30.16 1.89
O2 SO4 W . -41.24 -30.81 2.45
O3 SO4 W . -39.52 -32.45 2.31
O4 SO4 W . -40.34 -31.37 0.32
S SO4 X . 12.62 -38.88 -0.56
O1 SO4 X . 12.00 -37.56 -0.65
O2 SO4 X . 12.57 -39.36 0.81
O3 SO4 X . 11.89 -39.81 -1.42
O4 SO4 X . 14.01 -38.79 -0.99
S SO4 Y . -0.86 -0.33 -5.12
O1 SO4 Y . -2.08 -0.87 -5.65
O2 SO4 Y . -1.07 0.64 -4.06
O3 SO4 Y . -0.05 -1.36 -4.51
O4 SO4 Y . -0.20 0.29 -6.23
S SO4 Z . 15.33 -13.57 1.14
O1 SO4 Z . 14.20 -13.68 0.23
O2 SO4 Z . 14.84 -13.59 2.52
O3 SO4 Z . 16.24 -14.70 0.93
O4 SO4 Z . 16.05 -12.32 0.91
S SO4 AA . 0.92 -20.64 22.38
O1 SO4 AA . 0.08 -20.24 21.26
O2 SO4 AA . 0.19 -20.50 23.64
O3 SO4 AA . 1.33 -22.03 22.20
O4 SO4 AA . 2.11 -19.79 22.42
S SO4 BA . 17.95 -7.60 15.92
O1 SO4 BA . 16.49 -7.62 15.73
O2 SO4 BA . 18.32 -6.64 17.00
O3 SO4 BA . 18.33 -8.96 16.30
O4 SO4 BA . 18.60 -7.26 14.67
S SO4 CA . 13.28 14.95 8.52
O1 SO4 CA . 13.33 16.37 8.86
O2 SO4 CA . 11.94 14.42 8.79
O3 SO4 CA . 14.26 14.24 9.33
O4 SO4 CA . 13.58 14.78 7.10
S SO4 DA . 18.22 -5.12 34.99
O1 SO4 DA . 17.27 -5.20 33.89
O2 SO4 DA . 17.89 -3.98 35.84
O3 SO4 DA . 18.14 -6.35 35.79
O4 SO4 DA . 19.58 -4.99 34.46
S SO4 EA . 4.80 8.26 -0.68
O1 SO4 EA . 3.85 7.16 -0.67
O2 SO4 EA . 4.50 9.17 0.43
O3 SO4 EA . 4.68 8.97 -1.95
O4 SO4 EA . 6.14 7.71 -0.53
#